data_8G5D
#
_entry.id   8G5D
#
_cell.length_a   1.00
_cell.length_b   1.00
_cell.length_c   1.00
_cell.angle_alpha   90.00
_cell.angle_beta   90.00
_cell.angle_gamma   90.00
#
_symmetry.space_group_name_H-M   'P 1'
#
loop_
_entity.id
_entity.type
_entity.pdbx_description
1 polymer 'ATP-citrate synthase'
2 non-polymer 'ACETYL COENZYME *A'
3 non-polymer 'OXALOACETATE ION'
4 non-polymer '(3S)-citryl-Coenzyme A'
5 non-polymer "ADENOSINE-5'-DIPHOSPHATE"
6 non-polymer 'PHOSPHATE ION'
7 water water
#
_entity_poly.entity_id   1
_entity_poly.type   'polypeptide(L)'
_entity_poly.pdbx_seq_one_letter_code
;MSAKAISEQTGKELLYKFICTTSAIQNRFKYARVTPDTDWARLLQDHPWLLSQNLVVKPDQLIKRRGKLGLVGVNLTLDG
VKSWLKPRLGQEATVGKATGFLKNFLIEPFVPHSQAEEFYVCIYATREGDYVLFHHEGGVDVGDVDAKAQKLLVGVDEKL
NPEDIKKHLLVHAPEDKKEILASFISGLFNFYEDLYFTYLEINPLVVTKDGVYVLDLAAKVDATADYICKVKWGDIEFPP
PFGREAYPEEAYIADLDAKSGASLKLTLLNPKGRIWTMVAGGGASVVYSDTICDLGGVNELANYGEYSGAPSEQQTYDYA
KTILSLMTREKHPDGKILIIGGSIANFTNVAATFKGIVRAIRDYQGPLKEHEVTIFVRRGGPNYQEGLRVMGEVGKTTGI
PIHVFGTETHMTAIVGMALGHRPIPNQPPTAAHTANFLLNASGSTSTPAPSRTASFSESRADEVAPAKKAKPAMPQDSVP
SPRSLQGKSTTLFSRHTKAIVWGMQTRAVQGMLDFDYVCSRDEPSVAAMVYPFTGDHKQKFYWGHKEILIPVFKNMADAM
RKHPEVDVLINFASLRSAYDSTMETMNYAQIRTIAIIAEGIPEALTRKLIKKADQKGVTIIGPATVGGIKPGCFKIGNTG
GMLDNILASKLYRPGSVAYVSRSGGMSNELNNIISRTTDGVYEGVAIGGDRYPGSTFMDHVLRYQDTPGVKMIVVLGEIG
GTEEYKICRGIKEGRLTKPIVCWCIGTCATMFSSEVQFGHAGACANQASETAVAKNQALKEAGVFVPRSFDELGEIIQSV
YEDLVANGVIVPAQEVPPPTVPMDYSWARELGLIRKPASFMTSICDERGQELIYAGMPITEVFKEEMGIGGVLGLLWFQK
RLPKYSCQFIEMCLMVTADHGPAVSGAHNTIICARAGKDLVSSLTSGLLTIGDRFGGALDAAAKMFSKAFDSGIIPMEFV
NKMKKEGKLIMGIGHRVKSINNPDMRVQILKDYVRQHFPATPLLDYALEVEKITTSKKPNLILNVAGLIGVAFVDMLRNC
GSFTREEADEYIDIGALNGIFVLGRSMGFIGHYLDQKRLKQGLYRHPWDDISYVLPEHMSM
;
_entity_poly.pdbx_strand_id   A,B,C,D
#
loop_
_chem_comp.id
_chem_comp.type
_chem_comp.name
_chem_comp.formula
ACO non-polymer 'ACETYL COENZYME *A' 'C23 H38 N7 O17 P3 S'
ADP non-polymer ADENOSINE-5'-DIPHOSPHATE 'C10 H15 N5 O10 P2'
OAA non-polymer 'OXALOACETATE ION' 'C4 H3 O5 -1'
PO4 non-polymer 'PHOSPHATE ION' 'O4 P -3'
Q5B non-polymer '(3S)-citryl-Coenzyme A' 'C27 H42 N7 O22 P3 S'
#
# COMPACT_ATOMS: atom_id res chain seq x y z
N VAL A 821 -50.10 -32.16 -18.38
CA VAL A 821 -48.67 -31.86 -18.36
C VAL A 821 -48.15 -31.68 -19.78
N PRO A 822 -47.52 -30.53 -20.05
CA PRO A 822 -46.96 -30.30 -21.39
C PRO A 822 -45.81 -31.22 -21.70
N MET A 823 -45.58 -31.40 -22.99
CA MET A 823 -44.63 -32.37 -23.52
C MET A 823 -43.20 -31.91 -23.24
N ASP A 824 -42.33 -32.87 -22.92
CA ASP A 824 -40.95 -32.53 -22.57
C ASP A 824 -40.15 -32.20 -23.82
N TYR A 825 -39.38 -31.11 -23.76
CA TYR A 825 -38.63 -30.69 -24.93
C TYR A 825 -37.61 -31.75 -25.34
N SER A 826 -36.83 -32.25 -24.39
CA SER A 826 -35.79 -33.23 -24.71
C SER A 826 -36.41 -34.50 -25.26
N TRP A 827 -37.49 -34.97 -24.65
CA TRP A 827 -38.08 -36.22 -25.08
C TRP A 827 -38.86 -36.06 -26.38
N ALA A 828 -39.43 -34.87 -26.62
CA ALA A 828 -40.02 -34.58 -27.93
C ALA A 828 -38.95 -34.48 -29.02
N ARG A 829 -37.78 -33.95 -28.67
CA ARG A 829 -36.68 -33.94 -29.63
C ARG A 829 -36.21 -35.37 -29.92
N GLU A 830 -36.16 -36.21 -28.89
CA GLU A 830 -35.77 -37.61 -29.08
C GLU A 830 -36.75 -38.33 -29.99
N LEU A 831 -38.05 -38.12 -29.79
CA LEU A 831 -39.02 -38.67 -30.73
C LEU A 831 -39.02 -37.93 -32.05
N GLY A 832 -38.30 -36.82 -32.16
CA GLY A 832 -38.23 -36.09 -33.41
C GLY A 832 -39.55 -35.46 -33.81
N LEU A 833 -40.33 -35.01 -32.84
CA LEU A 833 -41.59 -34.35 -33.14
C LEU A 833 -41.44 -32.85 -33.36
N ILE A 834 -40.43 -32.22 -32.77
CA ILE A 834 -40.25 -30.79 -32.86
C ILE A 834 -38.92 -30.48 -33.52
N ARG A 835 -38.81 -29.24 -33.99
CA ARG A 835 -37.62 -28.74 -34.67
C ARG A 835 -37.19 -27.44 -33.99
N LYS A 836 -35.97 -27.44 -33.44
CA LYS A 836 -35.38 -26.23 -32.87
C LYS A 836 -34.04 -25.96 -33.56
N PRO A 837 -33.89 -24.83 -34.23
CA PRO A 837 -32.61 -24.55 -34.91
C PRO A 837 -31.49 -24.39 -33.91
N ALA A 838 -30.33 -24.95 -34.24
CA ALA A 838 -29.14 -24.80 -33.42
C ALA A 838 -28.52 -23.44 -33.66
N SER A 839 -28.22 -22.73 -32.57
CA SER A 839 -27.70 -21.37 -32.67
C SER A 839 -26.20 -21.32 -32.89
N PHE A 840 -25.51 -22.46 -32.77
CA PHE A 840 -24.05 -22.46 -32.82
C PHE A 840 -23.59 -23.54 -33.78
N MET A 841 -22.44 -23.29 -34.39
CA MET A 841 -21.78 -24.25 -35.26
C MET A 841 -20.34 -24.38 -34.84
N THR A 842 -19.82 -25.59 -34.93
CA THR A 842 -18.43 -25.85 -34.56
C THR A 842 -17.90 -26.96 -35.47
N SER A 843 -16.61 -26.89 -35.77
CA SER A 843 -16.01 -27.92 -36.61
C SER A 843 -14.63 -28.37 -36.16
N ILE A 844 -14.19 -27.99 -34.97
CA ILE A 844 -12.82 -28.25 -34.55
C ILE A 844 -12.70 -29.36 -33.51
N CYS A 845 -13.71 -29.56 -32.68
CA CYS A 845 -13.59 -30.53 -31.60
C CYS A 845 -14.97 -31.09 -31.26
N ASP A 846 -15.03 -32.39 -30.99
CA ASP A 846 -16.25 -33.09 -30.65
C ASP A 846 -16.05 -33.69 -29.25
N GLU A 847 -16.57 -32.98 -28.25
CA GLU A 847 -16.45 -33.41 -26.86
C GLU A 847 -17.34 -34.60 -26.55
N ARG A 848 -18.54 -34.63 -27.13
CA ARG A 848 -19.47 -35.72 -26.89
C ARG A 848 -18.99 -36.97 -27.62
N GLY A 849 -19.53 -38.11 -27.21
CA GLY A 849 -19.10 -39.38 -27.77
C GLY A 849 -18.13 -40.09 -26.86
N GLN A 850 -17.79 -41.32 -27.26
CA GLN A 850 -16.99 -42.19 -26.41
C GLN A 850 -15.56 -41.67 -26.28
N GLU A 851 -15.05 -40.97 -27.29
CA GLU A 851 -13.69 -40.48 -27.29
C GLU A 851 -13.67 -39.04 -27.75
N LEU A 852 -12.78 -38.25 -27.17
CA LEU A 852 -12.59 -36.88 -27.62
C LEU A 852 -11.97 -36.86 -29.01
N ILE A 853 -12.50 -35.99 -29.87
CA ILE A 853 -12.11 -35.93 -31.26
C ILE A 853 -11.64 -34.52 -31.59
N TYR A 854 -10.45 -34.41 -32.17
CA TYR A 854 -9.87 -33.14 -32.59
C TYR A 854 -9.97 -33.08 -34.12
N ALA A 855 -10.96 -32.35 -34.62
CA ALA A 855 -11.15 -32.15 -36.05
C ALA A 855 -11.24 -33.47 -36.79
N GLY A 856 -12.15 -34.33 -36.34
CA GLY A 856 -12.34 -35.61 -36.99
C GLY A 856 -11.36 -36.69 -36.62
N MET A 857 -10.44 -36.42 -35.70
CA MET A 857 -9.34 -37.32 -35.41
C MET A 857 -9.35 -37.70 -33.94
N PRO A 858 -9.44 -38.98 -33.60
CA PRO A 858 -9.53 -39.37 -32.19
C PRO A 858 -8.27 -39.01 -31.41
N ILE A 859 -8.44 -38.72 -30.12
CA ILE A 859 -7.32 -38.27 -29.30
C ILE A 859 -6.29 -39.39 -29.14
N THR A 860 -6.74 -40.64 -29.01
CA THR A 860 -5.80 -41.76 -28.97
C THR A 860 -5.03 -41.88 -30.28
N GLU A 861 -5.70 -41.69 -31.41
CA GLU A 861 -4.99 -41.71 -32.69
C GLU A 861 -4.10 -40.50 -32.83
N VAL A 862 -4.50 -39.37 -32.25
CA VAL A 862 -3.62 -38.18 -32.24
C VAL A 862 -2.31 -38.51 -31.54
N PHE A 863 -2.39 -39.22 -30.40
CA PHE A 863 -1.16 -39.58 -29.70
C PHE A 863 -0.42 -40.73 -30.37
N LYS A 864 -1.13 -41.60 -31.10
CA LYS A 864 -0.48 -42.71 -31.78
C LYS A 864 0.31 -42.24 -33.01
N GLU A 865 -0.16 -41.20 -33.70
CA GLU A 865 0.59 -40.64 -34.81
C GLU A 865 1.81 -39.84 -34.36
N GLU A 866 2.07 -39.79 -33.06
CA GLU A 866 3.26 -39.16 -32.49
C GLU A 866 3.37 -37.69 -32.87
N MET A 867 2.24 -37.07 -33.19
CA MET A 867 2.24 -35.63 -33.36
C MET A 867 2.24 -34.97 -31.98
N GLY A 868 2.54 -33.67 -31.98
CA GLY A 868 2.67 -32.97 -30.74
C GLY A 868 1.81 -31.73 -30.70
N ILE A 869 2.36 -30.67 -30.09
CA ILE A 869 1.65 -29.40 -30.05
C ILE A 869 1.41 -28.88 -31.46
N GLY A 870 2.39 -29.04 -32.35
CA GLY A 870 2.22 -28.56 -33.72
C GLY A 870 1.12 -29.29 -34.47
N GLY A 871 1.05 -30.61 -34.33
CA GLY A 871 -0.01 -31.36 -34.97
C GLY A 871 -1.38 -31.10 -34.37
N VAL A 872 -1.45 -30.98 -33.05
CA VAL A 872 -2.72 -30.65 -32.41
C VAL A 872 -3.17 -29.25 -32.84
N LEU A 873 -2.23 -28.32 -32.96
CA LEU A 873 -2.56 -26.98 -33.45
C LEU A 873 -3.03 -27.02 -34.90
N GLY A 874 -2.39 -27.84 -35.72
CA GLY A 874 -2.87 -27.99 -37.09
C GLY A 874 -4.30 -28.47 -37.14
N LEU A 875 -4.61 -29.51 -36.35
CA LEU A 875 -5.99 -29.99 -36.29
C LEU A 875 -6.94 -28.91 -35.78
N LEU A 876 -6.62 -28.29 -34.65
CA LEU A 876 -7.58 -27.40 -33.99
C LEU A 876 -7.73 -26.07 -34.69
N TRP A 877 -6.72 -25.62 -35.44
CA TRP A 877 -6.80 -24.33 -36.11
C TRP A 877 -7.15 -24.42 -37.58
N PHE A 878 -6.76 -25.48 -38.27
CA PHE A 878 -6.97 -25.58 -39.70
C PHE A 878 -7.78 -26.79 -40.12
N GLN A 879 -8.11 -27.70 -39.20
CA GLN A 879 -8.81 -28.95 -39.52
C GLN A 879 -8.06 -29.74 -40.58
N LYS A 880 -6.74 -29.79 -40.44
CA LYS A 880 -5.87 -30.46 -41.39
C LYS A 880 -4.89 -31.36 -40.65
N ARG A 881 -4.51 -32.44 -41.33
CA ARG A 881 -3.38 -33.28 -40.91
C ARG A 881 -2.14 -32.75 -41.60
N LEU A 882 -1.43 -31.86 -40.92
CA LEU A 882 -0.23 -31.27 -41.48
C LEU A 882 0.90 -32.30 -41.53
N PRO A 883 1.83 -32.15 -42.47
CA PRO A 883 3.03 -32.98 -42.46
C PRO A 883 3.89 -32.72 -41.23
N LYS A 884 4.78 -33.68 -40.97
CA LYS A 884 5.59 -33.63 -39.76
C LYS A 884 6.48 -32.40 -39.74
N TYR A 885 7.06 -32.03 -40.88
CA TYR A 885 7.89 -30.83 -40.92
C TYR A 885 7.06 -29.58 -40.66
N SER A 886 5.82 -29.53 -41.13
CA SER A 886 4.94 -28.39 -40.84
C SER A 886 4.66 -28.28 -39.35
N CYS A 887 4.31 -29.40 -38.71
CA CYS A 887 4.03 -29.37 -37.28
C CYS A 887 5.27 -28.98 -36.47
N GLN A 888 6.42 -29.50 -36.86
CA GLN A 888 7.67 -29.16 -36.18
C GLN A 888 8.02 -27.69 -36.35
N PHE A 889 7.77 -27.15 -37.54
CA PHE A 889 8.01 -25.72 -37.77
C PHE A 889 7.08 -24.86 -36.93
N ILE A 890 5.82 -25.26 -36.79
CA ILE A 890 4.90 -24.54 -35.92
C ILE A 890 5.41 -24.56 -34.49
N GLU A 891 5.91 -25.72 -34.04
CA GLU A 891 6.47 -25.82 -32.70
C GLU A 891 7.66 -24.89 -32.51
N MET A 892 8.57 -24.84 -33.49
CA MET A 892 9.72 -23.94 -33.40
C MET A 892 9.30 -22.48 -33.40
N CYS A 893 8.26 -22.12 -34.14
CA CYS A 893 7.76 -20.75 -34.12
C CYS A 893 7.24 -20.39 -32.74
N LEU A 894 6.48 -21.29 -32.12
CA LEU A 894 6.03 -21.05 -30.75
C LEU A 894 7.20 -20.96 -29.80
N MET A 895 8.25 -21.73 -30.06
CA MET A 895 9.45 -21.74 -29.23
C MET A 895 10.19 -20.41 -29.31
N VAL A 896 10.33 -19.86 -30.51
CA VAL A 896 11.08 -18.62 -30.67
C VAL A 896 10.26 -17.39 -30.30
N THR A 897 8.93 -17.47 -30.31
CA THR A 897 8.11 -16.35 -29.85
C THR A 897 7.73 -16.48 -28.38
N ALA A 898 8.36 -17.41 -27.66
CA ALA A 898 7.92 -17.71 -26.29
C ALA A 898 8.08 -16.51 -25.37
N ASP A 899 9.24 -15.84 -25.42
CA ASP A 899 9.43 -14.65 -24.63
C ASP A 899 10.49 -13.76 -25.26
N HIS A 900 10.41 -12.47 -24.96
CA HIS A 900 11.44 -11.51 -25.33
C HIS A 900 11.71 -10.53 -24.20
N GLY A 901 11.76 -11.03 -22.97
CA GLY A 901 12.13 -10.21 -21.83
C GLY A 901 10.97 -9.42 -21.24
N PRO A 902 11.23 -8.76 -20.12
CA PRO A 902 10.17 -8.06 -19.39
C PRO A 902 9.93 -6.62 -19.82
N ALA A 903 10.71 -6.08 -20.77
CA ALA A 903 10.61 -4.68 -21.12
C ALA A 903 9.52 -4.38 -22.13
N VAL A 904 9.03 -5.38 -22.87
CA VAL A 904 7.98 -5.14 -23.85
C VAL A 904 6.67 -4.83 -23.14
N SER A 905 5.70 -4.33 -23.92
CA SER A 905 4.46 -3.80 -23.35
C SER A 905 3.65 -4.88 -22.66
N GLY A 906 3.48 -6.03 -23.30
CA GLY A 906 2.68 -7.08 -22.72
C GLY A 906 3.30 -7.68 -21.48
N ALA A 907 4.60 -7.94 -21.51
CA ALA A 907 5.28 -8.48 -20.33
C ALA A 907 5.25 -7.47 -19.19
N HIS A 908 5.43 -6.20 -19.52
CA HIS A 908 5.33 -5.14 -18.51
C HIS A 908 3.95 -5.13 -17.86
N ASN A 909 2.89 -5.19 -18.67
CA ASN A 909 1.54 -5.19 -18.12
C ASN A 909 1.27 -6.42 -17.27
N THR A 910 1.73 -7.59 -17.73
CA THR A 910 1.56 -8.82 -16.97
C THR A 910 2.29 -8.74 -15.63
N ILE A 911 3.50 -8.20 -15.63
CA ILE A 911 4.27 -8.07 -14.40
C ILE A 911 3.59 -7.10 -13.45
N ILE A 912 3.03 -6.01 -13.98
CA ILE A 912 2.32 -5.07 -13.13
C ILE A 912 1.12 -5.74 -12.48
N CYS A 913 0.36 -6.51 -13.26
CA CYS A 913 -0.82 -7.17 -12.73
C CYS A 913 -0.45 -8.27 -11.75
N ALA A 914 0.69 -8.93 -11.93
CA ALA A 914 1.14 -9.92 -10.97
C ALA A 914 1.60 -9.28 -9.67
N ARG A 915 2.30 -8.15 -9.76
CA ARG A 915 2.72 -7.44 -8.57
C ARG A 915 1.56 -6.76 -7.87
N ALA A 916 0.44 -6.58 -8.56
CA ALA A 916 -0.80 -6.20 -7.89
C ALA A 916 -1.48 -7.38 -7.22
N GLY A 917 -0.86 -8.55 -7.25
CA GLY A 917 -1.34 -9.73 -6.56
C GLY A 917 -2.66 -10.25 -7.09
N LYS A 918 -2.88 -10.16 -8.39
CA LYS A 918 -4.22 -10.33 -8.91
C LYS A 918 -4.60 -11.79 -9.15
N ASP A 919 -3.96 -12.42 -10.14
CA ASP A 919 -4.32 -13.76 -10.60
C ASP A 919 -3.48 -14.10 -11.82
N LEU A 920 -3.30 -15.39 -12.08
CA LEU A 920 -2.58 -15.80 -13.27
C LEU A 920 -3.36 -15.43 -14.52
N VAL A 921 -4.66 -15.75 -14.56
CA VAL A 921 -5.47 -15.45 -15.73
C VAL A 921 -5.58 -13.95 -15.95
N SER A 922 -5.83 -13.18 -14.89
CA SER A 922 -5.95 -11.75 -15.03
C SER A 922 -4.63 -11.11 -15.46
N SER A 923 -3.51 -11.58 -14.89
CA SER A 923 -2.20 -11.03 -15.26
C SER A 923 -1.88 -11.33 -16.71
N LEU A 924 -2.04 -12.59 -17.12
CA LEU A 924 -1.76 -12.96 -18.49
C LEU A 924 -2.66 -12.21 -19.46
N THR A 925 -3.94 -12.09 -19.12
CA THR A 925 -4.89 -11.39 -19.97
C THR A 925 -4.56 -9.90 -20.07
N SER A 926 -4.16 -9.28 -18.97
CA SER A 926 -3.73 -7.89 -18.99
C SER A 926 -2.55 -7.71 -19.93
N GLY A 927 -1.58 -8.63 -19.90
CA GLY A 927 -0.48 -8.56 -20.85
C GLY A 927 -0.90 -8.83 -22.28
N LEU A 928 -1.82 -9.76 -22.48
CA LEU A 928 -2.22 -10.16 -23.83
C LEU A 928 -3.03 -9.07 -24.51
N LEU A 929 -3.73 -8.22 -23.75
CA LEU A 929 -4.56 -7.20 -24.37
C LEU A 929 -3.74 -6.13 -25.07
N THR A 930 -2.42 -6.10 -24.87
CA THR A 930 -1.54 -5.20 -25.61
C THR A 930 -1.17 -5.75 -26.99
N ILE A 931 -1.44 -7.02 -27.26
CA ILE A 931 -1.07 -7.63 -28.53
C ILE A 931 -1.94 -7.03 -29.63
N GLY A 932 -1.34 -6.27 -30.53
CA GLY A 932 -2.09 -5.66 -31.60
C GLY A 932 -1.20 -5.11 -32.69
N ASP A 933 -1.49 -3.89 -33.15
CA ASP A 933 -0.71 -3.30 -34.24
C ASP A 933 0.73 -3.02 -33.83
N ARG A 934 0.93 -2.23 -32.78
CA ARG A 934 2.27 -1.76 -32.46
C ARG A 934 3.11 -2.84 -31.80
N PHE A 935 2.49 -3.72 -31.03
CA PHE A 935 3.19 -4.79 -30.35
C PHE A 935 2.58 -6.12 -30.73
N GLY A 936 3.38 -7.02 -31.29
CA GLY A 936 2.96 -8.37 -31.56
C GLY A 936 2.21 -8.59 -32.86
N GLY A 937 1.93 -7.54 -33.64
CA GLY A 937 1.26 -7.68 -34.90
C GLY A 937 2.15 -7.69 -36.11
N ALA A 938 3.47 -7.68 -35.91
CA ALA A 938 4.39 -7.64 -37.03
C ALA A 938 4.41 -8.95 -37.81
N LEU A 939 4.15 -10.08 -37.15
CA LEU A 939 4.04 -11.35 -37.87
C LEU A 939 3.00 -11.24 -38.99
N ASP A 940 1.75 -10.94 -38.60
CA ASP A 940 0.66 -10.81 -39.55
C ASP A 940 0.91 -9.68 -40.54
N ALA A 941 1.44 -8.55 -40.07
CA ALA A 941 1.67 -7.42 -40.95
C ALA A 941 2.68 -7.75 -42.04
N ALA A 942 3.79 -8.37 -41.65
CA ALA A 942 4.81 -8.76 -42.63
C ALA A 942 4.29 -9.81 -43.58
N ALA A 943 3.53 -10.79 -43.08
CA ALA A 943 2.96 -11.80 -43.96
C ALA A 943 2.05 -11.17 -45.00
N LYS A 944 1.17 -10.25 -44.56
CA LYS A 944 0.26 -9.61 -45.50
C LYS A 944 1.00 -8.75 -46.50
N MET A 945 2.01 -8.00 -46.05
CA MET A 945 2.77 -7.14 -46.94
C MET A 945 3.50 -7.95 -48.00
N PHE A 946 4.21 -8.99 -47.58
CA PHE A 946 5.00 -9.77 -48.54
C PHE A 946 4.10 -10.58 -49.45
N SER A 947 2.98 -11.09 -48.93
CA SER A 947 2.03 -11.79 -49.79
C SER A 947 1.46 -10.86 -50.84
N LYS A 948 1.07 -9.64 -50.45
CA LYS A 948 0.53 -8.70 -51.42
C LYS A 948 1.57 -8.35 -52.48
N ALA A 949 2.81 -8.10 -52.06
CA ALA A 949 3.86 -7.79 -53.02
C ALA A 949 4.11 -8.95 -53.98
N PHE A 950 4.18 -10.17 -53.45
CA PHE A 950 4.47 -11.33 -54.28
C PHE A 950 3.33 -11.64 -55.23
N ASP A 951 2.08 -11.40 -54.79
CA ASP A 951 0.93 -11.68 -55.64
C ASP A 951 0.74 -10.59 -56.70
N SER A 952 1.12 -9.35 -56.40
CA SER A 952 0.96 -8.28 -57.39
C SER A 952 1.88 -8.44 -58.58
N GLY A 953 2.88 -9.31 -58.50
CA GLY A 953 3.77 -9.55 -59.61
C GLY A 953 4.92 -8.58 -59.74
N ILE A 954 5.08 -7.66 -58.80
CA ILE A 954 6.18 -6.71 -58.86
C ILE A 954 7.45 -7.35 -58.30
N ILE A 955 8.59 -6.94 -58.84
CA ILE A 955 9.89 -7.45 -58.43
C ILE A 955 10.25 -6.86 -57.06
N PRO A 956 11.21 -7.46 -56.33
CA PRO A 956 11.56 -6.92 -55.01
C PRO A 956 12.02 -5.47 -55.01
N MET A 957 12.79 -5.05 -56.03
CA MET A 957 13.22 -3.65 -56.07
C MET A 957 12.03 -2.72 -56.26
N GLU A 958 11.09 -3.11 -57.12
CA GLU A 958 9.87 -2.33 -57.28
C GLU A 958 9.06 -2.29 -56.00
N PHE A 959 9.05 -3.39 -55.24
CA PHE A 959 8.32 -3.41 -53.97
C PHE A 959 8.95 -2.45 -52.98
N VAL A 960 10.29 -2.45 -52.91
CA VAL A 960 11.00 -1.55 -52.02
C VAL A 960 10.71 -0.10 -52.39
N ASN A 961 10.75 0.21 -53.69
CA ASN A 961 10.49 1.57 -54.14
C ASN A 961 9.05 1.98 -53.85
N LYS A 962 8.09 1.07 -54.05
CA LYS A 962 6.70 1.41 -53.81
C LYS A 962 6.45 1.66 -52.33
N MET A 963 7.04 0.84 -51.45
CA MET A 963 6.91 1.10 -50.02
C MET A 963 7.59 2.40 -49.63
N LYS A 964 8.73 2.70 -50.24
CA LYS A 964 9.43 3.94 -49.95
C LYS A 964 8.58 5.15 -50.35
N LYS A 965 7.99 5.11 -51.54
CA LYS A 965 7.21 6.24 -52.01
C LYS A 965 5.83 6.32 -51.36
N GLU A 966 5.35 5.23 -50.77
CA GLU A 966 4.07 5.26 -50.07
C GLU A 966 4.21 5.67 -48.61
N GLY A 967 5.40 6.03 -48.18
CA GLY A 967 5.60 6.45 -46.80
C GLY A 967 5.37 5.34 -45.79
N LYS A 968 5.72 4.11 -46.14
CA LYS A 968 5.54 2.96 -45.27
C LYS A 968 6.85 2.22 -45.15
N LEU A 969 7.14 1.74 -43.95
CA LEU A 969 8.31 0.90 -43.74
C LEU A 969 7.93 -0.55 -44.00
N ILE A 970 8.85 -1.31 -44.61
CA ILE A 970 8.61 -2.72 -44.85
C ILE A 970 8.56 -3.43 -43.50
N MET A 971 7.38 -3.95 -43.14
CA MET A 971 7.25 -4.66 -41.89
C MET A 971 7.95 -6.02 -41.99
N GLY A 972 8.59 -6.41 -40.90
CA GLY A 972 9.41 -7.61 -40.91
C GLY A 972 10.83 -7.40 -41.38
N ILE A 973 11.25 -6.16 -41.59
CA ILE A 973 12.61 -5.83 -41.99
C ILE A 973 13.19 -4.87 -40.97
N GLY A 974 14.40 -5.15 -40.50
CA GLY A 974 15.12 -4.19 -39.70
C GLY A 974 15.33 -4.60 -38.27
N HIS A 975 16.58 -4.72 -37.85
CA HIS A 975 16.93 -5.09 -36.50
C HIS A 975 17.55 -3.90 -35.76
N ARG A 976 17.82 -4.12 -34.49
CA ARG A 976 18.38 -3.10 -33.61
C ARG A 976 19.91 -3.12 -33.57
N VAL A 977 20.52 -4.29 -33.36
CA VAL A 977 21.97 -4.39 -33.32
C VAL A 977 22.48 -5.42 -34.34
N LYS A 978 21.79 -6.55 -34.44
CA LYS A 978 22.26 -7.65 -35.28
C LYS A 978 21.96 -7.34 -36.74
N SER A 979 23.01 -7.19 -37.56
CA SER A 979 22.81 -6.97 -38.98
C SER A 979 23.39 -8.09 -39.84
N ILE A 980 24.70 -8.28 -39.83
CA ILE A 980 25.38 -9.26 -40.68
C ILE A 980 26.65 -9.65 -39.96
N ASN A 981 27.14 -10.87 -40.24
CA ASN A 981 28.26 -11.50 -39.53
C ASN A 981 27.88 -11.75 -38.07
N ASN A 982 26.69 -11.32 -37.68
CA ASN A 982 26.08 -11.57 -36.40
C ASN A 982 24.57 -11.51 -36.60
N PRO A 983 23.98 -12.53 -37.23
CA PRO A 983 22.54 -12.50 -37.51
C PRO A 983 21.70 -12.64 -36.24
N ASP A 984 20.38 -12.66 -36.43
CA ASP A 984 19.44 -12.73 -35.30
C ASP A 984 19.71 -13.93 -34.41
N MET A 985 20.17 -15.04 -34.99
CA MET A 985 20.35 -16.33 -34.31
C MET A 985 19.01 -16.97 -33.96
N ARG A 986 17.92 -16.24 -34.13
CA ARG A 986 16.58 -16.82 -34.17
C ARG A 986 16.03 -16.89 -35.58
N VAL A 987 16.38 -15.91 -36.41
CA VAL A 987 16.08 -15.98 -37.83
C VAL A 987 16.85 -17.13 -38.47
N GLN A 988 18.09 -17.34 -38.02
CA GLN A 988 18.95 -18.34 -38.66
C GLN A 988 18.42 -19.76 -38.46
N ILE A 989 18.02 -20.11 -37.24
CA ILE A 989 17.52 -21.47 -37.00
C ILE A 989 16.27 -21.74 -37.82
N LEU A 990 15.33 -20.80 -37.80
CA LEU A 990 14.09 -20.98 -38.55
C LEU A 990 14.33 -21.03 -40.05
N LYS A 991 15.22 -20.17 -40.56
CA LYS A 991 15.50 -20.16 -41.99
C LYS A 991 16.19 -21.45 -42.40
N ASP A 992 17.10 -21.97 -41.58
CA ASP A 992 17.77 -23.22 -41.88
C ASP A 992 16.79 -24.38 -41.90
N TYR A 993 15.87 -24.41 -40.92
CA TYR A 993 14.83 -25.43 -40.93
C TYR A 993 13.96 -25.35 -42.18
N VAL A 994 13.53 -24.14 -42.54
CA VAL A 994 12.66 -23.99 -43.69
C VAL A 994 13.39 -24.40 -44.97
N ARG A 995 14.66 -24.02 -45.09
CA ARG A 995 15.45 -24.43 -46.25
C ARG A 995 15.57 -25.94 -46.33
N GLN A 996 15.85 -26.60 -45.21
CA GLN A 996 16.09 -28.04 -45.25
C GLN A 996 14.82 -28.87 -45.34
N HIS A 997 13.67 -28.34 -44.95
CA HIS A 997 12.48 -29.18 -44.86
C HIS A 997 11.33 -28.75 -45.75
N PHE A 998 11.15 -27.46 -45.98
CA PHE A 998 10.05 -27.00 -46.81
C PHE A 998 10.31 -27.40 -48.27
N PRO A 999 9.31 -27.91 -48.98
CA PRO A 999 9.54 -28.24 -50.41
C PRO A 999 9.84 -27.03 -51.27
N ALA A 1000 9.02 -25.99 -51.20
CA ALA A 1000 9.21 -24.78 -52.00
C ALA A 1000 9.01 -23.57 -51.11
N THR A 1001 9.84 -22.54 -51.31
CA THR A 1001 9.76 -21.30 -50.53
C THR A 1001 9.76 -20.09 -51.46
N PRO A 1002 8.71 -19.90 -52.25
CA PRO A 1002 8.68 -18.76 -53.17
C PRO A 1002 8.61 -17.42 -52.45
N LEU A 1003 7.69 -17.28 -51.50
CA LEU A 1003 7.59 -16.02 -50.76
C LEU A 1003 8.80 -15.81 -49.87
N LEU A 1004 9.40 -16.88 -49.35
CA LEU A 1004 10.64 -16.74 -48.60
C LEU A 1004 11.77 -16.23 -49.48
N ASP A 1005 11.89 -16.76 -50.71
CA ASP A 1005 12.92 -16.28 -51.62
C ASP A 1005 12.68 -14.82 -51.98
N TYR A 1006 11.41 -14.45 -52.19
CA TYR A 1006 11.08 -13.06 -52.44
C TYR A 1006 11.48 -12.16 -51.28
N ALA A 1007 11.17 -12.60 -50.05
CA ALA A 1007 11.52 -11.82 -48.87
C ALA A 1007 13.03 -11.71 -48.71
N LEU A 1008 13.76 -12.76 -49.08
CA LEU A 1008 15.22 -12.71 -48.97
C LEU A 1008 15.83 -11.77 -50.01
N GLU A 1009 15.25 -11.71 -51.21
CA GLU A 1009 15.68 -10.71 -52.18
C GLU A 1009 15.39 -9.30 -51.69
N VAL A 1010 14.22 -9.09 -51.09
CA VAL A 1010 13.91 -7.80 -50.50
C VAL A 1010 14.91 -7.46 -49.40
N GLU A 1011 15.30 -8.46 -48.61
CA GLU A 1011 16.28 -8.26 -47.55
C GLU A 1011 17.64 -7.89 -48.11
N LYS A 1012 18.04 -8.50 -49.22
CA LYS A 1012 19.30 -8.12 -49.85
C LYS A 1012 19.26 -6.67 -50.32
N ILE A 1013 18.14 -6.25 -50.90
CA ILE A 1013 18.02 -4.87 -51.33
C ILE A 1013 18.08 -3.92 -50.14
N THR A 1014 17.38 -4.26 -49.05
CA THR A 1014 17.37 -3.37 -47.89
C THR A 1014 18.70 -3.36 -47.16
N THR A 1015 19.43 -4.47 -47.15
CA THR A 1015 20.76 -4.50 -46.56
C THR A 1015 21.78 -3.80 -47.44
N SER A 1016 21.52 -3.69 -48.74
CA SER A 1016 22.35 -2.82 -49.57
C SER A 1016 22.18 -1.37 -49.19
N LYS A 1017 21.11 -1.04 -48.47
CA LYS A 1017 20.83 0.33 -48.04
C LYS A 1017 21.57 0.66 -46.75
N LYS A 1018 21.32 -0.11 -45.68
CA LYS A 1018 22.02 -0.01 -44.41
C LYS A 1018 21.99 -1.39 -43.79
N PRO A 1019 23.06 -1.81 -43.10
CA PRO A 1019 23.23 -3.24 -42.78
C PRO A 1019 22.13 -3.85 -41.91
N ASN A 1020 21.57 -3.09 -40.96
CA ASN A 1020 20.67 -3.69 -39.99
C ASN A 1020 19.26 -3.89 -40.52
N LEU A 1021 18.98 -3.51 -41.76
CA LEU A 1021 17.67 -3.75 -42.38
C LEU A 1021 17.62 -5.18 -42.88
N ILE A 1022 17.61 -6.11 -41.93
CA ILE A 1022 17.56 -7.53 -42.23
C ILE A 1022 16.15 -8.05 -41.96
N LEU A 1023 15.88 -9.24 -42.46
CA LEU A 1023 14.61 -9.91 -42.20
C LEU A 1023 14.52 -10.25 -40.72
N ASN A 1024 13.52 -9.69 -40.05
CA ASN A 1024 13.33 -9.91 -38.62
C ASN A 1024 12.81 -11.32 -38.37
N VAL A 1025 12.72 -11.67 -37.09
CA VAL A 1025 12.05 -12.92 -36.75
C VAL A 1025 10.58 -12.82 -37.12
N ALA A 1026 9.98 -11.64 -36.98
CA ALA A 1026 8.59 -11.46 -37.37
C ALA A 1026 8.41 -11.66 -38.87
N GLY A 1027 9.26 -11.01 -39.67
CA GLY A 1027 9.15 -11.18 -41.11
C GLY A 1027 9.43 -12.59 -41.56
N LEU A 1028 10.43 -13.24 -40.95
CA LEU A 1028 10.77 -14.59 -41.34
C LEU A 1028 9.64 -15.55 -41.00
N ILE A 1029 9.07 -15.42 -39.79
CA ILE A 1029 7.96 -16.29 -39.41
C ILE A 1029 6.75 -16.05 -40.30
N GLY A 1030 6.44 -14.77 -40.60
CA GLY A 1030 5.28 -14.50 -41.44
C GLY A 1030 5.42 -15.09 -42.84
N VAL A 1031 6.56 -14.85 -43.49
CA VAL A 1031 6.73 -15.33 -44.85
C VAL A 1031 6.83 -16.85 -44.87
N ALA A 1032 7.47 -17.45 -43.86
CA ALA A 1032 7.60 -18.90 -43.83
C ALA A 1032 6.27 -19.56 -43.50
N PHE A 1033 5.43 -18.90 -42.71
CA PHE A 1033 4.11 -19.45 -42.42
C PHE A 1033 3.21 -19.40 -43.64
N VAL A 1034 3.24 -18.30 -44.38
CA VAL A 1034 2.51 -18.26 -45.64
C VAL A 1034 3.03 -19.34 -46.59
N ASP A 1035 4.35 -19.51 -46.62
CA ASP A 1035 4.96 -20.52 -47.46
C ASP A 1035 4.50 -21.92 -47.08
N MET A 1036 4.48 -22.22 -45.79
CA MET A 1036 4.01 -23.51 -45.33
C MET A 1036 2.55 -23.71 -45.69
N LEU A 1037 1.72 -22.70 -45.48
CA LEU A 1037 0.29 -22.81 -45.72
C LEU A 1037 0.01 -23.09 -47.19
N ARG A 1038 0.64 -22.35 -48.10
CA ARG A 1038 0.28 -22.44 -49.50
C ARG A 1038 1.22 -23.33 -50.31
N ASN A 1039 2.19 -23.98 -49.65
CA ASN A 1039 3.08 -24.92 -50.33
C ASN A 1039 3.02 -26.33 -49.75
N CYS A 1040 2.51 -26.52 -48.54
CA CYS A 1040 2.16 -27.88 -48.13
C CYS A 1040 0.85 -28.27 -48.80
N GLY A 1041 0.67 -29.56 -49.02
CA GLY A 1041 -0.49 -29.97 -49.79
C GLY A 1041 -1.82 -29.84 -49.09
N SER A 1042 -1.83 -29.47 -47.82
CA SER A 1042 -3.06 -29.52 -47.03
C SER A 1042 -4.04 -28.44 -47.45
N PHE A 1043 -3.56 -27.27 -47.86
CA PHE A 1043 -4.42 -26.13 -48.13
C PHE A 1043 -4.42 -25.78 -49.61
N THR A 1044 -5.56 -25.29 -50.07
CA THR A 1044 -5.63 -24.59 -51.33
C THR A 1044 -5.25 -23.11 -51.14
N ARG A 1045 -5.06 -22.42 -52.26
CA ARG A 1045 -4.65 -21.02 -52.18
C ARG A 1045 -5.69 -20.17 -51.48
N GLU A 1046 -6.97 -20.41 -51.77
CA GLU A 1046 -8.04 -19.68 -51.10
C GLU A 1046 -8.04 -19.93 -49.60
N GLU A 1047 -7.83 -21.18 -49.19
CA GLU A 1047 -7.78 -21.50 -47.76
C GLU A 1047 -6.61 -20.82 -47.06
N ALA A 1048 -5.43 -20.87 -47.68
CA ALA A 1048 -4.27 -20.23 -47.07
C ALA A 1048 -4.47 -18.72 -46.96
N ASP A 1049 -5.02 -18.12 -48.01
CA ASP A 1049 -5.30 -16.68 -47.98
C ASP A 1049 -6.30 -16.35 -46.88
N GLU A 1050 -7.34 -17.17 -46.74
CA GLU A 1050 -8.35 -16.90 -45.71
C GLU A 1050 -7.77 -17.03 -44.32
N TYR A 1051 -6.90 -18.01 -44.10
CA TYR A 1051 -6.32 -18.18 -42.78
C TYR A 1051 -5.40 -17.01 -42.44
N ILE A 1052 -4.62 -16.54 -43.41
CA ILE A 1052 -3.79 -15.37 -43.19
C ILE A 1052 -4.65 -14.14 -42.91
N ASP A 1053 -5.76 -14.00 -43.64
CA ASP A 1053 -6.63 -12.84 -43.44
C ASP A 1053 -7.30 -12.86 -42.07
N ILE A 1054 -7.72 -14.03 -41.59
CA ILE A 1054 -8.42 -14.09 -40.31
C ILE A 1054 -7.50 -14.13 -39.11
N GLY A 1055 -6.21 -14.39 -39.30
CA GLY A 1055 -5.28 -14.16 -38.20
C GLY A 1055 -4.66 -15.37 -37.53
N ALA A 1056 -4.32 -16.38 -38.33
CA ALA A 1056 -3.59 -17.51 -37.78
C ALA A 1056 -2.23 -17.08 -37.24
N LEU A 1057 -1.61 -16.06 -37.85
CA LEU A 1057 -0.31 -15.62 -37.38
C LEU A 1057 -0.41 -14.79 -36.11
N ASN A 1058 -1.48 -13.98 -35.97
CA ASN A 1058 -1.76 -13.38 -34.67
C ASN A 1058 -1.94 -14.47 -33.62
N GLY A 1059 -2.63 -15.55 -33.98
CA GLY A 1059 -2.78 -16.65 -33.04
C GLY A 1059 -1.44 -17.27 -32.67
N ILE A 1060 -0.56 -17.44 -33.64
CA ILE A 1060 0.76 -18.01 -33.37
C ILE A 1060 1.53 -17.16 -32.38
N PHE A 1061 1.56 -15.84 -32.62
CA PHE A 1061 2.29 -14.98 -31.71
C PHE A 1061 1.65 -14.98 -30.32
N VAL A 1062 0.32 -14.93 -30.25
CA VAL A 1062 -0.35 -14.88 -28.96
C VAL A 1062 -0.08 -16.14 -28.17
N LEU A 1063 -0.20 -17.31 -28.82
CA LEU A 1063 0.05 -18.57 -28.13
C LEU A 1063 1.50 -18.69 -27.70
N GLY A 1064 2.44 -18.29 -28.56
CA GLY A 1064 3.83 -18.37 -28.18
C GLY A 1064 4.18 -17.48 -27.01
N ARG A 1065 3.74 -16.22 -27.05
CA ARG A 1065 4.06 -15.27 -26.00
C ARG A 1065 3.27 -15.51 -24.72
N SER A 1066 2.19 -16.30 -24.77
CA SER A 1066 1.50 -16.67 -23.54
C SER A 1066 2.40 -17.46 -22.61
N MET A 1067 3.27 -18.31 -23.17
CA MET A 1067 4.22 -19.06 -22.35
C MET A 1067 5.12 -18.12 -21.57
N GLY A 1068 5.69 -17.11 -22.24
CA GLY A 1068 6.53 -16.15 -21.57
C GLY A 1068 5.77 -15.29 -20.57
N PHE A 1069 4.54 -14.93 -20.89
CA PHE A 1069 3.77 -14.11 -19.96
C PHE A 1069 3.45 -14.89 -18.68
N ILE A 1070 3.09 -16.16 -18.80
CA ILE A 1070 2.86 -16.99 -17.63
C ILE A 1070 4.14 -17.16 -16.83
N GLY A 1071 5.27 -17.35 -17.54
CA GLY A 1071 6.54 -17.41 -16.84
C GLY A 1071 6.85 -16.14 -16.07
N HIS A 1072 6.54 -14.99 -16.66
CA HIS A 1072 6.75 -13.71 -15.97
C HIS A 1072 5.88 -13.59 -14.73
N TYR A 1073 4.61 -14.03 -14.84
CA TYR A 1073 3.72 -14.01 -13.67
C TYR A 1073 4.27 -14.89 -12.56
N LEU A 1074 4.68 -16.11 -12.90
CA LEU A 1074 5.22 -17.03 -11.90
C LEU A 1074 6.50 -16.49 -11.29
N ASP A 1075 7.33 -15.85 -12.10
CA ASP A 1075 8.56 -15.25 -11.63
C ASP A 1075 8.27 -14.15 -10.61
N GLN A 1076 7.31 -13.28 -10.91
CA GLN A 1076 6.96 -12.23 -9.96
C GLN A 1076 6.39 -12.80 -8.67
N LYS A 1077 5.59 -13.86 -8.77
CA LYS A 1077 5.02 -14.45 -7.56
C LYS A 1077 6.10 -15.10 -6.71
N ARG A 1078 7.09 -15.74 -7.35
CA ARG A 1078 8.18 -16.35 -6.59
C ARG A 1078 9.06 -15.30 -5.95
N LEU A 1079 9.36 -14.23 -6.68
CA LEU A 1079 10.16 -13.14 -6.13
C LEU A 1079 9.39 -12.32 -5.12
N LYS A 1080 8.07 -12.51 -5.01
CA LYS A 1080 7.26 -11.87 -3.99
C LYS A 1080 7.40 -10.35 -4.07
N GLN A 1081 7.19 -9.84 -5.28
CA GLN A 1081 7.32 -8.42 -5.55
C GLN A 1081 6.04 -7.69 -5.16
N GLY A 1082 6.21 -6.57 -4.46
CA GLY A 1082 5.07 -5.82 -3.98
C GLY A 1082 4.44 -4.99 -5.06
N LEU A 1083 3.39 -4.27 -4.67
CA LEU A 1083 2.66 -3.43 -5.60
C LEU A 1083 3.58 -2.38 -6.22
N TYR A 1084 3.51 -2.26 -7.53
CA TYR A 1084 4.30 -1.30 -8.29
C TYR A 1084 3.53 0.00 -8.42
N ARG A 1085 4.21 1.11 -8.19
CA ARG A 1085 3.64 2.42 -8.47
C ARG A 1085 4.68 3.20 -9.26
N HIS A 1086 4.28 3.74 -10.40
CA HIS A 1086 5.23 4.40 -11.27
C HIS A 1086 5.75 5.66 -10.61
N PRO A 1087 7.07 5.91 -10.64
CA PRO A 1087 7.61 7.12 -10.03
C PRO A 1087 7.07 8.39 -10.68
N TRP A 1088 6.88 9.42 -9.87
CA TRP A 1088 6.35 10.69 -10.37
C TRP A 1088 7.37 11.41 -11.25
N ASP A 1089 8.66 11.20 -11.03
CA ASP A 1089 9.67 11.88 -11.82
C ASP A 1089 9.68 11.42 -13.26
N ASP A 1090 9.11 10.26 -13.56
CA ASP A 1090 9.03 9.75 -14.92
C ASP A 1090 7.77 10.19 -15.65
N ILE A 1091 6.88 10.92 -14.98
CA ILE A 1091 5.63 11.39 -15.57
C ILE A 1091 5.70 12.90 -15.71
N SER A 1092 5.41 13.38 -16.91
CA SER A 1092 5.30 14.81 -17.16
C SER A 1092 3.84 15.20 -17.08
N TYR A 1093 3.51 16.10 -16.15
CA TYR A 1093 2.14 16.52 -15.90
C TYR A 1093 1.88 17.83 -16.64
N VAL A 1094 0.97 17.81 -17.61
CA VAL A 1094 0.69 18.97 -18.45
C VAL A 1094 -0.80 19.31 -18.35
N LEU A 1095 -1.34 19.26 -17.14
CA LEU A 1095 -2.72 19.64 -16.92
C LEU A 1095 -2.94 21.11 -17.28
N PRO A 1096 -4.15 21.48 -17.70
CA PRO A 1096 -4.44 22.90 -17.97
C PRO A 1096 -4.47 23.72 -16.69
N GLU A 1097 -4.46 25.04 -16.86
CA GLU A 1097 -4.41 25.95 -15.72
C GLU A 1097 -5.66 25.82 -14.86
N HIS A 1098 -6.83 25.86 -15.47
CA HIS A 1098 -8.09 25.67 -14.75
C HIS A 1098 -9.19 25.34 -15.74
N MET A 1099 -9.75 24.14 -15.65
CA MET A 1099 -10.84 23.73 -16.53
C MET A 1099 -12.09 23.44 -15.72
N VAL B 821 -42.93 -33.09 -41.85
CA VAL B 821 -42.31 -31.88 -41.31
C VAL B 821 -42.47 -31.84 -39.79
N PRO B 822 -41.35 -31.73 -39.08
CA PRO B 822 -41.42 -31.68 -37.61
C PRO B 822 -42.06 -30.39 -37.11
N MET B 823 -42.60 -30.48 -35.90
CA MET B 823 -43.26 -29.35 -35.27
C MET B 823 -42.27 -28.23 -34.98
N ASP B 824 -42.69 -26.99 -35.21
CA ASP B 824 -41.80 -25.85 -34.96
C ASP B 824 -41.71 -25.60 -33.47
N TYR B 825 -40.48 -25.46 -32.96
CA TYR B 825 -40.30 -25.29 -31.53
C TYR B 825 -41.01 -24.04 -31.02
N SER B 826 -40.79 -22.90 -31.67
CA SER B 826 -41.40 -21.66 -31.21
C SER B 826 -42.91 -21.74 -31.29
N TRP B 827 -43.43 -22.32 -32.37
CA TRP B 827 -44.87 -22.41 -32.54
C TRP B 827 -45.47 -23.52 -31.70
N ALA B 828 -44.66 -24.46 -31.21
CA ALA B 828 -45.11 -25.41 -30.20
C ALA B 828 -45.13 -24.80 -28.81
N ARG B 829 -44.16 -23.92 -28.51
CA ARG B 829 -44.17 -23.18 -27.26
C ARG B 829 -45.34 -22.21 -27.20
N GLU B 830 -45.69 -21.62 -28.34
CA GLU B 830 -46.80 -20.67 -28.38
C GLU B 830 -48.11 -21.34 -27.98
N LEU B 831 -48.32 -22.58 -28.42
CA LEU B 831 -49.47 -23.35 -27.97
C LEU B 831 -49.23 -24.05 -26.64
N GLY B 832 -48.04 -23.89 -26.06
CA GLY B 832 -47.73 -24.51 -24.79
C GLY B 832 -47.75 -26.02 -24.84
N LEU B 833 -47.36 -26.60 -25.98
CA LEU B 833 -47.36 -28.05 -26.11
C LEU B 833 -46.12 -28.69 -25.53
N ILE B 834 -45.00 -27.98 -25.50
CA ILE B 834 -43.75 -28.54 -25.00
C ILE B 834 -43.23 -27.70 -23.85
N ARG B 835 -42.30 -28.29 -23.09
CA ARG B 835 -41.66 -27.67 -21.94
C ARG B 835 -40.15 -27.65 -22.16
N LYS B 836 -39.58 -26.46 -22.29
CA LYS B 836 -38.13 -26.32 -22.33
C LYS B 836 -37.68 -25.43 -21.18
N PRO B 837 -36.93 -25.95 -20.22
CA PRO B 837 -36.49 -25.11 -19.09
C PRO B 837 -35.57 -23.99 -19.55
N ALA B 838 -35.74 -22.82 -18.95
CA ALA B 838 -34.87 -21.69 -19.21
C ALA B 838 -33.56 -21.87 -18.45
N SER B 839 -32.44 -21.68 -19.15
CA SER B 839 -31.14 -21.85 -18.52
C SER B 839 -30.64 -20.61 -17.80
N PHE B 840 -31.32 -19.48 -17.96
CA PHE B 840 -30.83 -18.22 -17.41
C PHE B 840 -31.95 -17.53 -16.64
N MET B 841 -31.55 -16.82 -15.59
CA MET B 841 -32.48 -16.04 -14.79
C MET B 841 -31.91 -14.64 -14.62
N THR B 842 -32.78 -13.64 -14.69
CA THR B 842 -32.36 -12.25 -14.52
C THR B 842 -33.44 -11.51 -13.76
N SER B 843 -33.04 -10.48 -13.01
CA SER B 843 -34.01 -9.71 -12.25
C SER B 843 -33.75 -8.22 -12.27
N ILE B 844 -32.87 -7.72 -13.13
CA ILE B 844 -32.46 -6.32 -13.07
C ILE B 844 -33.01 -5.48 -14.21
N CYS B 845 -33.28 -6.05 -15.37
CA CYS B 845 -33.65 -5.26 -16.54
C CYS B 845 -34.51 -6.10 -17.47
N ASP B 846 -35.60 -5.51 -17.95
CA ASP B 846 -36.48 -6.15 -18.92
C ASP B 846 -36.45 -5.35 -20.22
N GLU B 847 -35.87 -5.93 -21.26
CA GLU B 847 -35.81 -5.30 -22.56
C GLU B 847 -37.00 -5.63 -23.43
N ARG B 848 -37.68 -6.76 -23.19
CA ARG B 848 -38.89 -7.07 -23.92
C ARG B 848 -40.01 -6.17 -23.47
N GLY B 849 -40.92 -5.89 -24.37
CA GLY B 849 -42.04 -5.01 -24.10
C GLY B 849 -41.85 -3.64 -24.74
N GLN B 850 -42.96 -2.89 -24.74
CA GLN B 850 -42.97 -1.59 -25.40
C GLN B 850 -42.05 -0.59 -24.72
N GLU B 851 -41.58 -0.89 -23.52
CA GLU B 851 -40.87 0.06 -22.69
C GLU B 851 -39.75 -0.66 -21.97
N LEU B 852 -38.57 -0.05 -21.94
CA LEU B 852 -37.47 -0.62 -21.17
C LEU B 852 -37.73 -0.45 -19.67
N ILE B 853 -37.43 -1.49 -18.91
CA ILE B 853 -37.72 -1.51 -17.48
C ILE B 853 -36.42 -1.80 -16.72
N TYR B 854 -36.12 -0.95 -15.74
CA TYR B 854 -34.98 -1.13 -14.86
C TYR B 854 -35.49 -1.62 -13.51
N ALA B 855 -35.40 -2.93 -13.28
CA ALA B 855 -35.78 -3.55 -12.01
C ALA B 855 -37.21 -3.18 -11.61
N GLY B 856 -38.13 -3.33 -12.55
CA GLY B 856 -39.52 -3.03 -12.30
C GLY B 856 -39.96 -1.61 -12.56
N MET B 857 -39.06 -0.72 -12.96
CA MET B 857 -39.38 0.69 -13.16
C MET B 857 -39.18 1.08 -14.62
N PRO B 858 -40.18 1.62 -15.29
CA PRO B 858 -39.98 2.07 -16.68
C PRO B 858 -38.95 3.18 -16.75
N ILE B 859 -38.23 3.22 -17.88
CA ILE B 859 -37.15 4.18 -18.04
C ILE B 859 -37.69 5.61 -18.06
N THR B 860 -38.86 5.81 -18.67
CA THR B 860 -39.47 7.13 -18.61
C THR B 860 -39.81 7.52 -17.18
N GLU B 861 -40.35 6.59 -16.40
CA GLU B 861 -40.60 6.87 -14.98
C GLU B 861 -39.28 7.09 -14.25
N VAL B 862 -38.21 6.43 -14.68
CA VAL B 862 -36.88 6.68 -14.15
C VAL B 862 -36.50 8.14 -14.34
N PHE B 863 -36.86 8.70 -15.51
CA PHE B 863 -36.44 10.06 -15.80
C PHE B 863 -37.37 11.11 -15.21
N LYS B 864 -38.67 10.80 -15.04
CA LYS B 864 -39.54 11.73 -14.33
C LYS B 864 -39.25 11.75 -12.84
N GLU B 865 -38.96 10.60 -12.24
CA GLU B 865 -38.65 10.59 -10.82
C GLU B 865 -37.31 11.24 -10.51
N GLU B 866 -36.55 11.60 -11.54
CA GLU B 866 -35.40 12.48 -11.43
C GLU B 866 -34.27 11.84 -10.63
N MET B 867 -34.09 10.54 -10.78
CA MET B 867 -32.81 9.99 -10.35
C MET B 867 -31.77 10.20 -11.45
N GLY B 868 -30.53 9.98 -11.09
CA GLY B 868 -29.48 10.04 -12.07
C GLY B 868 -28.73 8.74 -12.10
N ILE B 869 -27.41 8.84 -12.15
CA ILE B 869 -26.58 7.65 -12.12
C ILE B 869 -26.79 6.90 -10.83
N GLY B 870 -26.91 7.60 -9.70
CA GLY B 870 -27.09 6.94 -8.43
C GLY B 870 -28.38 6.14 -8.34
N GLY B 871 -29.48 6.73 -8.80
CA GLY B 871 -30.75 6.02 -8.80
C GLY B 871 -30.78 4.85 -9.77
N VAL B 872 -30.24 5.04 -10.96
CA VAL B 872 -30.15 3.93 -11.91
C VAL B 872 -29.29 2.82 -11.34
N LEU B 873 -28.18 3.18 -10.69
CA LEU B 873 -27.31 2.19 -10.08
C LEU B 873 -28.02 1.44 -8.95
N GLY B 874 -28.79 2.16 -8.14
CA GLY B 874 -29.58 1.49 -7.13
C GLY B 874 -30.54 0.48 -7.71
N LEU B 875 -31.27 0.88 -8.75
CA LEU B 875 -32.17 -0.05 -9.41
C LEU B 875 -31.43 -1.26 -9.97
N LEU B 876 -30.36 -1.02 -10.71
CA LEU B 876 -29.70 -2.09 -11.45
C LEU B 876 -28.85 -3.00 -10.57
N TRP B 877 -28.33 -2.49 -9.45
CA TRP B 877 -27.47 -3.29 -8.60
C TRP B 877 -28.19 -3.90 -7.40
N PHE B 878 -29.24 -3.25 -6.90
CA PHE B 878 -29.90 -3.71 -5.70
C PHE B 878 -31.39 -3.95 -5.88
N GLN B 879 -31.97 -3.60 -7.04
CA GLN B 879 -33.40 -3.68 -7.28
C GLN B 879 -34.18 -2.91 -6.23
N LYS B 880 -33.66 -1.76 -5.84
CA LYS B 880 -34.27 -0.91 -4.83
C LYS B 880 -34.43 0.50 -5.36
N ARG B 881 -35.49 1.16 -4.90
CA ARG B 881 -35.67 2.61 -5.06
C ARG B 881 -35.02 3.28 -3.86
N LEU B 882 -33.76 3.67 -4.03
CA LEU B 882 -33.04 4.29 -2.94
C LEU B 882 -33.54 5.72 -2.72
N PRO B 883 -33.42 6.23 -1.50
CA PRO B 883 -33.71 7.64 -1.26
C PRO B 883 -32.71 8.54 -1.97
N LYS B 884 -33.12 9.80 -2.13
CA LYS B 884 -32.34 10.75 -2.90
C LYS B 884 -30.94 10.97 -2.29
N TYR B 885 -30.85 11.00 -0.97
CA TYR B 885 -29.55 11.16 -0.34
C TYR B 885 -28.65 9.95 -0.61
N SER B 886 -29.23 8.75 -0.63
CA SER B 886 -28.44 7.56 -0.97
C SER B 886 -27.95 7.62 -2.41
N CYS B 887 -28.82 8.04 -3.32
CA CYS B 887 -28.44 8.12 -4.73
C CYS B 887 -27.33 9.15 -4.94
N GLN B 888 -27.47 10.30 -4.29
CA GLN B 888 -26.45 11.34 -4.37
C GLN B 888 -25.14 10.88 -3.76
N PHE B 889 -25.21 10.15 -2.65
CA PHE B 889 -23.99 9.63 -2.04
C PHE B 889 -23.27 8.66 -2.97
N ILE B 890 -24.03 7.79 -3.65
CA ILE B 890 -23.42 6.90 -4.63
C ILE B 890 -22.74 7.70 -5.74
N GLU B 891 -23.39 8.76 -6.19
CA GLU B 891 -22.79 9.62 -7.21
C GLU B 891 -21.48 10.24 -6.72
N MET B 892 -21.45 10.76 -5.48
CA MET B 892 -20.23 11.34 -4.95
C MET B 892 -19.12 10.31 -4.79
N CYS B 893 -19.48 9.09 -4.40
CA CYS B 893 -18.48 8.03 -4.32
C CYS B 893 -17.85 7.77 -5.68
N LEU B 894 -18.68 7.73 -6.72
CA LEU B 894 -18.16 7.55 -8.07
C LEU B 894 -17.28 8.73 -8.48
N MET B 895 -17.66 9.95 -8.12
CA MET B 895 -16.86 11.12 -8.46
C MET B 895 -15.52 11.12 -7.75
N VAL B 896 -15.48 10.73 -6.47
CA VAL B 896 -14.21 10.77 -5.74
C VAL B 896 -13.30 9.63 -6.18
N THR B 897 -13.86 8.50 -6.63
CA THR B 897 -13.01 7.41 -7.09
C THR B 897 -12.70 7.49 -8.57
N ALA B 898 -13.04 8.61 -9.22
CA ALA B 898 -12.98 8.69 -10.68
C ALA B 898 -11.56 8.48 -11.19
N ASP B 899 -10.59 9.17 -10.61
CA ASP B 899 -9.20 8.98 -11.00
C ASP B 899 -8.29 9.33 -9.85
N HIS B 900 -7.09 8.76 -9.86
CA HIS B 900 -6.03 9.13 -8.92
C HIS B 900 -4.68 9.17 -9.63
N GLY B 901 -4.62 9.79 -10.80
CA GLY B 901 -3.38 9.98 -11.50
C GLY B 901 -2.95 8.79 -12.32
N PRO B 902 -1.88 8.96 -13.10
CA PRO B 902 -1.41 7.90 -13.98
C PRO B 902 -0.45 6.90 -13.36
N ALA B 903 0.00 7.11 -12.13
CA ALA B 903 1.06 6.28 -11.56
C ALA B 903 0.56 4.98 -10.95
N VAL B 904 -0.73 4.87 -10.64
CA VAL B 904 -1.24 3.61 -10.07
C VAL B 904 -1.22 2.51 -11.13
N SER B 905 -1.39 1.27 -10.65
CA SER B 905 -1.17 0.10 -11.51
C SER B 905 -2.15 0.07 -12.68
N GLY B 906 -3.43 0.30 -12.41
CA GLY B 906 -4.44 0.22 -13.45
C GLY B 906 -4.28 1.30 -14.50
N ALA B 907 -4.05 2.54 -14.06
CA ALA B 907 -3.86 3.63 -15.02
C ALA B 907 -2.59 3.41 -15.82
N HIS B 908 -1.54 2.91 -15.17
CA HIS B 908 -0.30 2.58 -15.87
C HIS B 908 -0.54 1.54 -16.96
N ASN B 909 -1.27 0.47 -16.63
CA ASN B 909 -1.56 -0.56 -17.62
C ASN B 909 -2.43 -0.05 -18.75
N THR B 910 -3.43 0.78 -18.43
CA THR B 910 -4.28 1.36 -19.46
C THR B 910 -3.49 2.24 -20.40
N ILE B 911 -2.58 3.05 -19.84
CA ILE B 911 -1.75 3.93 -20.66
C ILE B 911 -0.82 3.11 -21.54
N ILE B 912 -0.27 2.02 -21.00
CA ILE B 912 0.61 1.17 -21.81
C ILE B 912 -0.17 0.59 -22.98
N CYS B 913 -1.39 0.10 -22.72
CA CYS B 913 -2.18 -0.50 -23.79
C CYS B 913 -2.64 0.54 -24.79
N ALA B 914 -2.88 1.78 -24.36
CA ALA B 914 -3.24 2.84 -25.30
C ALA B 914 -2.05 3.23 -26.17
N ARG B 915 -0.86 3.33 -25.57
CA ARG B 915 0.35 3.62 -26.32
C ARG B 915 0.77 2.46 -27.20
N ALA B 916 0.27 1.26 -26.95
CA ALA B 916 0.40 0.17 -27.89
C ALA B 916 -0.61 0.28 -29.04
N GLY B 917 -1.38 1.36 -29.07
CA GLY B 917 -2.33 1.64 -30.14
C GLY B 917 -3.46 0.64 -30.22
N LYS B 918 -3.92 0.15 -29.08
CA LYS B 918 -4.72 -1.07 -29.10
C LYS B 918 -6.20 -0.81 -29.34
N ASP B 919 -6.88 -0.20 -28.36
CA ASP B 919 -8.33 -0.02 -28.38
C ASP B 919 -8.77 0.58 -27.06
N LEU B 920 -9.92 1.24 -27.07
CA LEU B 920 -10.48 1.77 -25.83
C LEU B 920 -10.87 0.65 -24.89
N VAL B 921 -11.63 -0.33 -25.41
CA VAL B 921 -12.07 -1.44 -24.57
C VAL B 921 -10.88 -2.25 -24.08
N SER B 922 -9.94 -2.55 -24.97
CA SER B 922 -8.78 -3.35 -24.57
C SER B 922 -7.93 -2.62 -23.55
N SER B 923 -7.71 -1.31 -23.73
CA SER B 923 -6.91 -0.53 -22.80
C SER B 923 -7.57 -0.43 -21.44
N LEU B 924 -8.87 -0.10 -21.42
CA LEU B 924 -9.59 0.00 -20.17
C LEU B 924 -9.61 -1.34 -19.45
N THR B 925 -9.83 -2.41 -20.19
CA THR B 925 -9.83 -3.75 -19.61
C THR B 925 -8.47 -4.13 -19.05
N SER B 926 -7.40 -3.80 -19.78
CA SER B 926 -6.06 -4.07 -19.29
C SER B 926 -5.80 -3.37 -17.98
N GLY B 927 -6.24 -2.11 -17.87
CA GLY B 927 -6.13 -1.42 -16.59
C GLY B 927 -7.01 -2.00 -15.50
N LEU B 928 -8.23 -2.40 -15.87
CA LEU B 928 -9.20 -2.88 -14.88
C LEU B 928 -8.79 -4.22 -14.30
N LEU B 929 -8.05 -5.03 -15.05
CA LEU B 929 -7.66 -6.35 -14.56
C LEU B 929 -6.70 -6.27 -13.39
N THR B 930 -6.14 -5.09 -13.10
CA THR B 930 -5.32 -4.90 -11.92
C THR B 930 -6.13 -4.66 -10.66
N ILE B 931 -7.42 -4.36 -10.78
CA ILE B 931 -8.28 -4.08 -9.63
C ILE B 931 -8.43 -5.36 -8.83
N GLY B 932 -7.91 -5.38 -7.61
CA GLY B 932 -7.96 -6.58 -6.81
C GLY B 932 -7.61 -6.31 -5.36
N ASP B 933 -6.86 -7.22 -4.74
CA ASP B 933 -6.50 -7.04 -3.34
C ASP B 933 -5.57 -5.86 -3.14
N ARG B 934 -4.46 -5.81 -3.89
CA ARG B 934 -3.44 -4.80 -3.62
C ARG B 934 -3.82 -3.44 -4.16
N PHE B 935 -4.56 -3.39 -5.26
CA PHE B 935 -4.98 -2.14 -5.86
C PHE B 935 -6.49 -2.15 -6.03
N GLY B 936 -7.17 -1.22 -5.37
CA GLY B 936 -8.59 -1.05 -5.55
C GLY B 936 -9.49 -1.89 -4.69
N GLY B 937 -8.94 -2.78 -3.85
CA GLY B 937 -9.74 -3.60 -2.99
C GLY B 937 -9.87 -3.13 -1.56
N ALA B 938 -9.29 -1.97 -1.24
CA ALA B 938 -9.32 -1.47 0.13
C ALA B 938 -10.71 -1.02 0.54
N LEU B 939 -11.55 -0.60 -0.41
CA LEU B 939 -12.93 -0.26 -0.11
C LEU B 939 -13.65 -1.46 0.51
N ASP B 940 -13.70 -2.56 -0.24
CA ASP B 940 -14.35 -3.78 0.23
C ASP B 940 -13.66 -4.33 1.47
N ALA B 941 -12.32 -4.27 1.51
CA ALA B 941 -11.59 -4.79 2.66
C ALA B 941 -11.91 -4.03 3.93
N ALA B 942 -11.90 -2.70 3.86
CA ALA B 942 -12.23 -1.88 5.02
C ALA B 942 -13.67 -2.08 5.45
N ALA B 943 -14.58 -2.16 4.48
CA ALA B 943 -15.98 -2.39 4.82
C ALA B 943 -16.14 -3.70 5.58
N LYS B 944 -15.52 -4.77 5.08
CA LYS B 944 -15.64 -6.07 5.73
C LYS B 944 -15.00 -6.07 7.11
N MET B 945 -13.81 -5.46 7.24
CA MET B 945 -13.12 -5.45 8.52
C MET B 945 -13.90 -4.68 9.57
N PHE B 946 -14.34 -3.47 9.22
CA PHE B 946 -15.07 -2.65 10.19
C PHE B 946 -16.42 -3.26 10.50
N SER B 947 -17.08 -3.88 9.52
CA SER B 947 -18.35 -4.53 9.80
C SER B 947 -18.18 -5.71 10.75
N LYS B 948 -17.15 -6.52 10.54
CA LYS B 948 -16.89 -7.64 11.45
C LYS B 948 -16.60 -7.15 12.86
N ALA B 949 -15.77 -6.10 12.98
CA ALA B 949 -15.46 -5.57 14.30
C ALA B 949 -16.70 -5.01 14.99
N PHE B 950 -17.52 -4.26 14.24
CA PHE B 950 -18.74 -3.69 14.80
C PHE B 950 -19.72 -4.76 15.22
N ASP B 951 -19.85 -5.82 14.42
CA ASP B 951 -20.82 -6.87 14.71
C ASP B 951 -20.36 -7.79 15.83
N SER B 952 -19.05 -7.96 16.01
CA SER B 952 -18.57 -8.80 17.11
C SER B 952 -18.82 -8.17 18.46
N GLY B 953 -19.13 -6.87 18.52
CA GLY B 953 -19.40 -6.19 19.75
C GLY B 953 -18.18 -5.72 20.52
N ILE B 954 -16.98 -5.89 19.97
CA ILE B 954 -15.78 -5.40 20.63
C ILE B 954 -15.71 -3.89 20.48
N ILE B 955 -15.13 -3.23 21.47
CA ILE B 955 -14.97 -1.78 21.45
C ILE B 955 -13.83 -1.44 20.49
N PRO B 956 -13.74 -0.19 20.01
CA PRO B 956 -12.66 0.16 19.07
C PRO B 956 -11.26 -0.10 19.59
N MET B 957 -11.00 0.11 20.88
CA MET B 957 -9.68 -0.15 21.42
C MET B 957 -9.34 -1.63 21.35
N GLU B 958 -10.31 -2.49 21.69
CA GLU B 958 -10.12 -3.92 21.56
C GLU B 958 -9.90 -4.31 20.10
N PHE B 959 -10.60 -3.65 19.18
CA PHE B 959 -10.42 -3.94 17.76
C PHE B 959 -9.02 -3.58 17.29
N VAL B 960 -8.53 -2.41 17.70
CA VAL B 960 -7.18 -1.99 17.32
C VAL B 960 -6.14 -2.94 17.89
N ASN B 961 -6.30 -3.32 19.17
CA ASN B 961 -5.37 -4.27 19.77
C ASN B 961 -5.41 -5.62 19.08
N LYS B 962 -6.60 -6.08 18.71
CA LYS B 962 -6.75 -7.36 18.05
C LYS B 962 -6.08 -7.37 16.68
N MET B 963 -6.25 -6.29 15.91
CA MET B 963 -5.56 -6.20 14.63
C MET B 963 -4.05 -6.15 14.82
N LYS B 964 -3.59 -5.41 15.84
CA LYS B 964 -2.15 -5.32 16.07
C LYS B 964 -1.57 -6.68 16.46
N LYS B 965 -2.26 -7.41 17.33
CA LYS B 965 -1.77 -8.70 17.77
C LYS B 965 -1.93 -9.78 16.71
N GLU B 966 -2.82 -9.60 15.76
CA GLU B 966 -2.96 -10.52 14.64
C GLU B 966 -2.01 -10.21 13.50
N GLY B 967 -1.14 -9.22 13.66
CA GLY B 967 -0.19 -8.88 12.62
C GLY B 967 -0.84 -8.29 11.39
N LYS B 968 -1.96 -7.60 11.54
CA LYS B 968 -2.72 -7.08 10.43
C LYS B 968 -2.89 -5.57 10.58
N LEU B 969 -2.72 -4.86 9.48
CA LEU B 969 -2.94 -3.42 9.45
C LEU B 969 -4.41 -3.15 9.16
N ILE B 970 -4.98 -2.16 9.82
CA ILE B 970 -6.40 -1.86 9.63
C ILE B 970 -6.62 -1.31 8.24
N MET B 971 -7.49 -1.97 7.48
CA MET B 971 -7.84 -1.52 6.14
C MET B 971 -8.66 -0.23 6.22
N GLY B 972 -8.32 0.73 5.35
CA GLY B 972 -8.98 2.02 5.38
C GLY B 972 -8.43 3.00 6.39
N ILE B 973 -7.27 2.72 6.97
CA ILE B 973 -6.63 3.60 7.94
C ILE B 973 -5.23 3.92 7.45
N GLY B 974 -4.88 5.19 7.42
CA GLY B 974 -3.49 5.55 7.18
C GLY B 974 -3.32 6.26 5.85
N HIS B 975 -2.62 7.39 5.89
CA HIS B 975 -2.40 8.19 4.70
C HIS B 975 -0.91 8.43 4.50
N ARG B 976 -0.57 8.83 3.28
CA ARG B 976 0.81 9.06 2.87
C ARG B 976 1.36 10.40 3.34
N VAL B 977 0.60 11.47 3.16
CA VAL B 977 1.05 12.79 3.59
C VAL B 977 0.03 13.39 4.56
N LYS B 978 -1.25 13.26 4.23
CA LYS B 978 -2.29 13.97 4.97
C LYS B 978 -2.49 13.32 6.33
N SER B 979 -2.83 14.15 7.32
CA SER B 979 -2.99 13.66 8.68
C SER B 979 -4.11 14.44 9.36
N ILE B 980 -4.23 14.26 10.67
CA ILE B 980 -5.03 15.18 11.47
C ILE B 980 -4.40 16.55 11.41
N ASN B 981 -5.23 17.59 11.37
CA ASN B 981 -4.88 18.98 11.11
C ASN B 981 -4.46 19.21 9.66
N ASN B 982 -4.39 18.17 8.85
CA ASN B 982 -4.17 18.29 7.40
C ASN B 982 -5.17 17.40 6.69
N PRO B 983 -6.44 17.79 6.68
CA PRO B 983 -7.52 16.87 6.24
C PRO B 983 -7.40 16.47 4.79
N ASP B 984 -7.83 15.23 4.51
CA ASP B 984 -7.77 14.65 3.17
C ASP B 984 -8.51 15.50 2.13
N MET B 985 -9.63 16.10 2.51
CA MET B 985 -10.47 16.96 1.67
C MET B 985 -11.31 16.17 0.67
N ARG B 986 -11.00 14.89 0.47
CA ARG B 986 -11.94 13.99 -0.16
C ARG B 986 -12.72 13.19 0.87
N VAL B 987 -12.06 12.84 1.97
CA VAL B 987 -12.75 12.26 3.10
C VAL B 987 -13.68 13.30 3.73
N GLN B 988 -13.26 14.56 3.77
CA GLN B 988 -14.05 15.59 4.43
C GLN B 988 -15.37 15.84 3.71
N ILE B 989 -15.35 15.90 2.37
CA ILE B 989 -16.57 16.15 1.63
C ILE B 989 -17.57 15.01 1.85
N LEU B 990 -17.11 13.77 1.69
CA LEU B 990 -18.00 12.63 1.86
C LEU B 990 -18.50 12.52 3.28
N LYS B 991 -17.62 12.75 4.26
CA LYS B 991 -18.02 12.67 5.65
C LYS B 991 -19.03 13.74 6.00
N ASP B 992 -18.83 14.96 5.52
CA ASP B 992 -19.78 16.02 5.79
C ASP B 992 -21.14 15.70 5.19
N TYR B 993 -21.15 15.19 3.96
CA TYR B 993 -22.41 14.76 3.36
C TYR B 993 -23.08 13.67 4.19
N VAL B 994 -22.31 12.69 4.64
CA VAL B 994 -22.88 11.58 5.38
C VAL B 994 -23.46 12.05 6.72
N ARG B 995 -22.73 12.90 7.43
CA ARG B 995 -23.24 13.39 8.71
C ARG B 995 -24.48 14.24 8.52
N GLN B 996 -24.54 15.04 7.45
CA GLN B 996 -25.69 15.91 7.28
C GLN B 996 -26.87 15.26 6.56
N HIS B 997 -26.71 14.08 5.99
CA HIS B 997 -27.84 13.48 5.28
C HIS B 997 -28.24 12.10 5.78
N PHE B 998 -27.29 11.26 6.18
CA PHE B 998 -27.63 9.92 6.60
C PHE B 998 -28.39 9.96 7.92
N PRO B 999 -29.47 9.19 8.06
CA PRO B 999 -30.19 9.18 9.35
C PRO B 999 -29.37 8.66 10.51
N ALA B 1000 -28.68 7.54 10.33
CA ALA B 1000 -27.82 6.97 11.37
C ALA B 1000 -26.54 6.43 10.73
N THR B 1001 -25.41 6.63 11.41
CA THR B 1001 -24.11 6.13 10.96
C THR B 1001 -23.39 5.42 12.10
N PRO B 1002 -23.88 4.26 12.53
CA PRO B 1002 -23.22 3.56 13.64
C PRO B 1002 -21.83 3.08 13.28
N LEU B 1003 -21.68 2.45 12.11
CA LEU B 1003 -20.37 1.96 11.70
C LEU B 1003 -19.42 3.11 11.41
N LEU B 1004 -19.92 4.23 10.89
CA LEU B 1004 -19.07 5.40 10.70
C LEU B 1004 -18.59 5.96 12.04
N ASP B 1005 -19.46 5.99 13.04
CA ASP B 1005 -19.03 6.43 14.37
C ASP B 1005 -17.99 5.49 14.95
N TYR B 1006 -18.18 4.20 14.76
CA TYR B 1006 -17.20 3.22 15.21
C TYR B 1006 -15.85 3.42 14.53
N ALA B 1007 -15.88 3.64 13.21
CA ALA B 1007 -14.65 3.85 12.45
C ALA B 1007 -13.97 5.15 12.85
N LEU B 1008 -14.75 6.16 13.22
CA LEU B 1008 -14.16 7.41 13.68
C LEU B 1008 -13.51 7.26 15.04
N GLU B 1009 -14.10 6.45 15.92
CA GLU B 1009 -13.44 6.12 17.18
C GLU B 1009 -12.12 5.38 16.93
N VAL B 1010 -12.13 4.43 16.00
CA VAL B 1010 -10.91 3.71 15.65
C VAL B 1010 -9.87 4.68 15.10
N GLU B 1011 -10.31 5.62 14.27
CA GLU B 1011 -9.40 6.63 13.72
C GLU B 1011 -8.81 7.51 14.80
N LYS B 1012 -9.61 7.86 15.81
CA LYS B 1012 -9.07 8.63 16.92
C LYS B 1012 -7.98 7.86 17.64
N ILE B 1013 -8.20 6.56 17.88
CA ILE B 1013 -7.16 5.75 18.52
C ILE B 1013 -5.91 5.68 17.64
N THR B 1014 -6.08 5.46 16.34
CA THR B 1014 -4.92 5.27 15.47
C THR B 1014 -4.14 6.58 15.27
N THR B 1015 -4.84 7.72 15.21
CA THR B 1015 -4.15 9.00 15.13
C THR B 1015 -3.52 9.39 16.46
N SER B 1016 -3.99 8.81 17.57
CA SER B 1016 -3.25 8.98 18.81
C SER B 1016 -1.91 8.24 18.79
N LYS B 1017 -1.68 7.35 17.83
CA LYS B 1017 -0.41 6.65 17.68
C LYS B 1017 0.55 7.43 16.80
N LYS B 1018 0.12 7.80 15.60
CA LYS B 1018 0.89 8.66 14.72
C LYS B 1018 -0.07 9.40 13.82
N PRO B 1019 0.20 10.68 13.50
CA PRO B 1019 -0.85 11.56 12.97
C PRO B 1019 -1.45 11.11 11.65
N ASN B 1020 -0.69 10.47 10.77
CA ASN B 1020 -1.19 10.14 9.45
C ASN B 1020 -2.06 8.89 9.42
N LEU B 1021 -2.39 8.31 10.57
CA LEU B 1021 -3.25 7.12 10.61
C LEU B 1021 -4.72 7.54 10.64
N ILE B 1022 -5.12 8.23 9.58
CA ILE B 1022 -6.45 8.78 9.49
C ILE B 1022 -7.32 7.84 8.68
N LEU B 1023 -8.63 8.06 8.73
CA LEU B 1023 -9.55 7.30 7.88
C LEU B 1023 -9.33 7.67 6.43
N ASN B 1024 -9.03 6.67 5.61
CA ASN B 1024 -8.81 6.85 4.19
C ASN B 1024 -10.12 7.13 3.46
N VAL B 1025 -10.00 7.50 2.19
CA VAL B 1025 -11.16 7.50 1.31
C VAL B 1025 -11.73 6.10 1.20
N ALA B 1026 -10.87 5.09 1.10
CA ALA B 1026 -11.33 3.71 1.05
C ALA B 1026 -12.12 3.35 2.30
N GLY B 1027 -11.57 3.64 3.48
CA GLY B 1027 -12.26 3.32 4.70
C GLY B 1027 -13.55 4.11 4.88
N LEU B 1028 -13.51 5.40 4.55
CA LEU B 1028 -14.69 6.24 4.68
C LEU B 1028 -15.80 5.74 3.77
N ILE B 1029 -15.48 5.45 2.51
CA ILE B 1029 -16.49 4.97 1.57
C ILE B 1029 -17.01 3.61 2.01
N GLY B 1030 -16.13 2.72 2.45
CA GLY B 1030 -16.59 1.41 2.88
C GLY B 1030 -17.56 1.48 4.03
N VAL B 1031 -17.20 2.21 5.09
CA VAL B 1031 -18.07 2.26 6.26
C VAL B 1031 -19.34 3.05 5.95
N ALA B 1032 -19.22 4.12 5.16
CA ALA B 1032 -20.41 4.90 4.83
C ALA B 1032 -21.35 4.13 3.92
N PHE B 1033 -20.81 3.30 3.03
CA PHE B 1033 -21.65 2.45 2.18
C PHE B 1033 -22.35 1.38 2.99
N VAL B 1034 -21.64 0.76 3.95
CA VAL B 1034 -22.29 -0.20 4.83
C VAL B 1034 -23.39 0.48 5.64
N ASP B 1035 -23.11 1.67 6.16
CA ASP B 1035 -24.12 2.43 6.90
C ASP B 1035 -25.31 2.76 6.03
N MET B 1036 -25.07 3.18 4.79
CA MET B 1036 -26.18 3.47 3.89
C MET B 1036 -27.01 2.23 3.65
N LEU B 1037 -26.36 1.10 3.39
CA LEU B 1037 -27.07 -0.12 3.07
C LEU B 1037 -27.94 -0.58 4.23
N ARG B 1038 -27.40 -0.58 5.45
CA ARG B 1038 -28.12 -1.15 6.57
C ARG B 1038 -28.83 -0.10 7.43
N ASN B 1039 -28.85 1.15 7.00
CA ASN B 1039 -29.60 2.18 7.70
C ASN B 1039 -30.62 2.91 6.83
N CYS B 1040 -30.51 2.86 5.51
CA CYS B 1040 -31.65 3.26 4.70
C CYS B 1040 -32.66 2.13 4.68
N GLY B 1041 -33.93 2.49 4.57
CA GLY B 1041 -34.98 1.51 4.77
C GLY B 1041 -35.13 0.48 3.68
N SER B 1042 -34.35 0.57 2.61
CA SER B 1042 -34.57 -0.31 1.45
C SER B 1042 -34.14 -1.74 1.74
N PHE B 1043 -33.08 -1.94 2.52
CA PHE B 1043 -32.48 -3.26 2.71
C PHE B 1043 -32.71 -3.77 4.12
N THR B 1044 -32.91 -5.07 4.23
CA THR B 1044 -32.78 -5.72 5.52
C THR B 1044 -31.30 -5.97 5.81
N ARG B 1045 -31.01 -6.38 7.05
CA ARG B 1045 -29.64 -6.63 7.44
C ARG B 1045 -29.02 -7.75 6.61
N GLU B 1046 -29.80 -8.81 6.35
CA GLU B 1046 -29.30 -9.90 5.53
C GLU B 1046 -28.98 -9.42 4.11
N GLU B 1047 -29.85 -8.60 3.53
CA GLU B 1047 -29.61 -8.08 2.18
C GLU B 1047 -28.35 -7.23 2.13
N ALA B 1048 -28.19 -6.33 3.11
CA ALA B 1048 -27.01 -5.48 3.13
C ALA B 1048 -25.73 -6.31 3.28
N ASP B 1049 -25.76 -7.30 4.18
CA ASP B 1049 -24.60 -8.16 4.37
C ASP B 1049 -24.27 -8.94 3.11
N GLU B 1050 -25.29 -9.45 2.43
CA GLU B 1050 -25.05 -10.20 1.20
C GLU B 1050 -24.45 -9.30 0.12
N TYR B 1051 -24.93 -8.07 0.00
CA TYR B 1051 -24.37 -7.20 -1.02
C TYR B 1051 -22.92 -6.86 -0.73
N ILE B 1052 -22.60 -6.61 0.55
CA ILE B 1052 -21.21 -6.35 0.91
C ILE B 1052 -20.35 -7.58 0.64
N ASP B 1053 -20.87 -8.78 0.92
CA ASP B 1053 -20.10 -9.99 0.70
C ASP B 1053 -19.85 -10.24 -0.78
N ILE B 1054 -20.85 -10.00 -1.64
CA ILE B 1054 -20.69 -10.30 -3.06
C ILE B 1054 -19.98 -9.20 -3.83
N GLY B 1055 -19.80 -8.03 -3.25
CA GLY B 1055 -18.87 -7.08 -3.84
C GLY B 1055 -19.45 -5.84 -4.50
N ALA B 1056 -20.49 -5.28 -3.90
CA ALA B 1056 -21.02 -4.03 -4.42
C ALA B 1056 -19.99 -2.90 -4.30
N LEU B 1057 -19.15 -2.94 -3.28
CA LEU B 1057 -18.14 -1.89 -3.12
C LEU B 1057 -16.99 -2.06 -4.12
N ASN B 1058 -16.61 -3.30 -4.42
CA ASN B 1058 -15.71 -3.54 -5.53
C ASN B 1058 -16.29 -2.98 -6.81
N GLY B 1059 -17.59 -3.18 -7.02
CA GLY B 1059 -18.24 -2.61 -8.18
C GLY B 1059 -18.22 -1.10 -8.19
N ILE B 1060 -18.41 -0.48 -7.03
CA ILE B 1060 -18.36 0.99 -6.94
C ILE B 1060 -17.00 1.50 -7.35
N PHE B 1061 -15.92 0.91 -6.81
CA PHE B 1061 -14.59 1.37 -7.18
C PHE B 1061 -14.32 1.12 -8.67
N VAL B 1062 -14.74 -0.03 -9.19
CA VAL B 1062 -14.47 -0.34 -10.59
C VAL B 1062 -15.19 0.63 -11.51
N LEU B 1063 -16.47 0.91 -11.23
CA LEU B 1063 -17.22 1.85 -12.05
C LEU B 1063 -16.66 3.25 -11.96
N GLY B 1064 -16.25 3.68 -10.76
CA GLY B 1064 -15.66 5.01 -10.64
C GLY B 1064 -14.35 5.15 -11.39
N ARG B 1065 -13.46 4.17 -11.22
CA ARG B 1065 -12.15 4.22 -11.85
C ARG B 1065 -12.17 3.95 -13.35
N SER B 1066 -13.22 3.33 -13.87
CA SER B 1066 -13.33 3.17 -15.32
C SER B 1066 -13.39 4.53 -16.01
N MET B 1067 -14.02 5.51 -15.37
CA MET B 1067 -14.09 6.85 -15.91
C MET B 1067 -12.70 7.45 -16.07
N GLY B 1068 -11.87 7.33 -15.04
CA GLY B 1068 -10.51 7.81 -15.12
C GLY B 1068 -9.66 7.04 -16.12
N PHE B 1069 -9.85 5.73 -16.20
CA PHE B 1069 -9.08 4.92 -17.15
C PHE B 1069 -9.44 5.28 -18.59
N ILE B 1070 -10.72 5.50 -18.88
CA ILE B 1070 -11.10 5.94 -20.21
C ILE B 1070 -10.53 7.32 -20.50
N GLY B 1071 -10.54 8.21 -19.50
CA GLY B 1071 -9.91 9.50 -19.68
C GLY B 1071 -8.42 9.39 -20.00
N HIS B 1072 -7.73 8.47 -19.32
CA HIS B 1072 -6.31 8.26 -19.59
C HIS B 1072 -6.09 7.73 -20.99
N TYR B 1073 -6.93 6.80 -21.44
CA TYR B 1073 -6.82 6.27 -22.79
C TYR B 1073 -7.00 7.40 -23.82
N LEU B 1074 -8.03 8.22 -23.63
CA LEU B 1074 -8.27 9.33 -24.55
C LEU B 1074 -7.13 10.33 -24.52
N ASP B 1075 -6.58 10.58 -23.33
CA ASP B 1075 -5.43 11.47 -23.19
C ASP B 1075 -4.23 10.96 -23.97
N GLN B 1076 -3.91 9.68 -23.83
CA GLN B 1076 -2.78 9.13 -24.58
C GLN B 1076 -3.04 9.15 -26.08
N LYS B 1077 -4.27 8.90 -26.52
CA LYS B 1077 -4.54 8.92 -27.96
C LYS B 1077 -4.51 10.33 -28.52
N ARG B 1078 -4.89 11.33 -27.72
CA ARG B 1078 -4.78 12.71 -28.16
C ARG B 1078 -3.34 13.19 -28.16
N LEU B 1079 -2.56 12.80 -27.17
CA LEU B 1079 -1.15 13.13 -27.14
C LEU B 1079 -0.36 12.33 -28.16
N LYS B 1080 -0.96 11.29 -28.73
CA LYS B 1080 -0.36 10.50 -29.80
C LYS B 1080 0.98 9.93 -29.37
N GLN B 1081 1.02 9.40 -28.16
CA GLN B 1081 2.22 8.80 -27.62
C GLN B 1081 2.51 7.48 -28.32
N GLY B 1082 3.79 7.22 -28.58
CA GLY B 1082 4.19 6.01 -29.25
C GLY B 1082 4.29 4.82 -28.32
N LEU B 1083 4.71 3.70 -28.88
CA LEU B 1083 4.86 2.47 -28.11
C LEU B 1083 5.85 2.66 -26.98
N TYR B 1084 5.48 2.19 -25.80
CA TYR B 1084 6.33 2.27 -24.62
C TYR B 1084 7.14 0.99 -24.46
N ARG B 1085 8.41 1.15 -24.13
CA ARG B 1085 9.26 0.05 -23.73
C ARG B 1085 9.95 0.43 -22.43
N HIS B 1086 9.88 -0.44 -21.44
CA HIS B 1086 10.51 -0.14 -20.17
C HIS B 1086 12.03 -0.13 -20.33
N PRO B 1087 12.71 0.88 -19.81
CA PRO B 1087 14.17 0.92 -19.95
C PRO B 1087 14.85 -0.25 -19.25
N TRP B 1088 15.97 -0.69 -19.82
CA TRP B 1088 16.68 -1.82 -19.25
C TRP B 1088 17.34 -1.47 -17.92
N ASP B 1089 17.77 -0.24 -17.74
CA ASP B 1089 18.34 0.20 -16.49
C ASP B 1089 17.41 0.09 -15.31
N ASP B 1090 16.15 -0.05 -15.56
CA ASP B 1090 15.21 -0.16 -14.50
C ASP B 1090 14.84 -1.58 -14.18
N ILE B 1091 15.43 -2.51 -14.87
CA ILE B 1091 15.18 -3.89 -14.62
C ILE B 1091 16.39 -4.59 -14.11
N SER B 1092 16.26 -5.31 -13.04
CA SER B 1092 17.34 -6.11 -12.48
C SER B 1092 17.18 -7.54 -12.99
N TYR B 1093 18.19 -8.03 -13.70
CA TYR B 1093 18.17 -9.37 -14.29
C TYR B 1093 18.91 -10.31 -13.36
N VAL B 1094 18.21 -11.33 -12.85
CA VAL B 1094 18.78 -12.26 -11.90
C VAL B 1094 18.66 -13.69 -12.42
N LEU B 1095 18.89 -13.87 -13.72
CA LEU B 1095 18.81 -15.19 -14.34
C LEU B 1095 19.86 -16.13 -13.75
N PRO B 1096 19.59 -17.43 -13.77
CA PRO B 1096 20.61 -18.39 -13.31
C PRO B 1096 21.81 -18.44 -14.25
N GLU B 1097 22.90 -19.01 -13.74
CA GLU B 1097 24.13 -19.08 -14.52
C GLU B 1097 23.92 -19.89 -15.79
N HIS B 1098 23.30 -21.06 -15.67
CA HIS B 1098 22.93 -21.88 -16.82
C HIS B 1098 21.89 -22.88 -16.37
N MET B 1099 20.65 -22.73 -16.83
CA MET B 1099 19.62 -23.71 -16.54
C MET B 1099 19.44 -24.61 -17.75
N VAL C 821 24.27 23.13 -18.48
CA VAL C 821 23.48 22.00 -18.96
C VAL C 821 23.67 20.79 -18.05
N PRO C 822 22.56 20.29 -17.50
CA PRO C 822 22.65 19.16 -16.57
C PRO C 822 23.17 17.90 -17.26
N MET C 823 23.82 17.05 -16.47
CA MET C 823 24.43 15.84 -16.98
C MET C 823 23.35 14.86 -17.42
N ASP C 824 23.63 14.11 -18.49
CA ASP C 824 22.67 13.14 -18.96
C ASP C 824 22.60 11.96 -18.00
N TYR C 825 21.39 11.48 -17.73
CA TYR C 825 21.24 10.37 -16.80
C TYR C 825 21.96 9.13 -17.29
N SER C 826 21.82 8.82 -18.58
CA SER C 826 22.51 7.66 -19.13
C SER C 826 24.02 7.82 -19.04
N TRP C 827 24.52 9.02 -19.30
CA TRP C 827 25.95 9.28 -19.20
C TRP C 827 26.43 9.18 -17.76
N ALA C 828 25.64 9.69 -16.82
CA ALA C 828 26.00 9.63 -15.41
C ALA C 828 25.98 8.19 -14.89
N ARG C 829 25.02 7.39 -15.35
CA ARG C 829 25.01 5.97 -14.99
C ARG C 829 26.20 5.24 -15.59
N GLU C 830 26.53 5.56 -16.85
CA GLU C 830 27.68 4.91 -17.49
C GLU C 830 28.97 5.25 -16.75
N LEU C 831 29.11 6.49 -16.31
CA LEU C 831 30.24 6.86 -15.46
C LEU C 831 30.12 6.33 -14.05
N GLY C 832 28.98 5.74 -13.69
CA GLY C 832 28.76 5.27 -12.34
C GLY C 832 28.75 6.37 -11.31
N LEU C 833 28.22 7.54 -11.68
CA LEU C 833 28.21 8.70 -10.81
C LEU C 833 26.95 8.79 -9.97
N ILE C 834 25.90 8.05 -10.32
CA ILE C 834 24.63 8.11 -9.62
C ILE C 834 24.12 6.69 -9.36
N ARG C 835 23.22 6.60 -8.39
CA ARG C 835 22.58 5.35 -7.99
C ARG C 835 21.08 5.49 -8.18
N LYS C 836 20.50 4.61 -8.98
CA LYS C 836 19.06 4.54 -9.16
C LYS C 836 18.62 3.10 -9.03
N PRO C 837 17.91 2.73 -7.96
CA PRO C 837 17.48 1.34 -7.80
C PRO C 837 16.54 0.92 -8.93
N ALA C 838 16.70 -0.32 -9.37
CA ALA C 838 15.81 -0.90 -10.37
C ALA C 838 14.49 -1.29 -9.71
N SER C 839 13.38 -0.87 -10.31
CA SER C 839 12.07 -1.15 -9.74
C SER C 839 11.51 -2.49 -10.17
N PHE C 840 12.18 -3.21 -11.07
CA PHE C 840 11.71 -4.50 -11.56
C PHE C 840 12.82 -5.53 -11.48
N MET C 841 12.44 -6.76 -11.21
CA MET C 841 13.33 -7.91 -11.20
C MET C 841 12.77 -8.99 -12.11
N THR C 842 13.65 -9.66 -12.84
CA THR C 842 13.25 -10.76 -13.71
C THR C 842 14.33 -11.82 -13.70
N SER C 843 13.93 -13.08 -13.88
CA SER C 843 14.90 -14.16 -13.87
C SER C 843 14.64 -15.22 -14.93
N ILE C 844 13.77 -14.96 -15.90
CA ILE C 844 13.35 -15.98 -16.85
C ILE C 844 13.90 -15.76 -18.25
N CYS C 845 14.17 -14.53 -18.66
CA CYS C 845 14.57 -14.28 -20.04
C CYS C 845 15.45 -13.06 -20.10
N ASP C 846 16.52 -13.14 -20.88
CA ASP C 846 17.43 -12.02 -21.09
C ASP C 846 17.35 -11.63 -22.55
N GLU C 847 16.62 -10.55 -22.83
CA GLU C 847 16.45 -10.06 -24.19
C GLU C 847 17.67 -9.33 -24.70
N ARG C 848 18.37 -8.59 -23.84
CA ARG C 848 19.54 -7.87 -24.26
C ARG C 848 20.70 -8.85 -24.47
N GLY C 849 21.74 -8.38 -25.15
CA GLY C 849 22.87 -9.22 -25.48
C GLY C 849 22.76 -9.77 -26.88
N GLN C 850 23.85 -10.39 -27.32
CA GLN C 850 23.95 -10.84 -28.70
C GLN C 850 22.98 -11.97 -29.00
N GLU C 851 22.59 -12.73 -27.99
CA GLU C 851 21.71 -13.87 -28.15
C GLU C 851 20.60 -13.81 -27.11
N LEU C 852 19.40 -14.22 -27.51
CA LEU C 852 18.32 -14.36 -26.56
C LEU C 852 18.58 -15.53 -25.62
N ILE C 853 18.28 -15.33 -24.35
CA ILE C 853 18.61 -16.31 -23.32
C ILE C 853 17.34 -16.66 -22.54
N TYR C 854 17.04 -17.94 -22.44
CA TYR C 854 15.89 -18.45 -21.70
C TYR C 854 16.41 -19.04 -20.40
N ALA C 855 16.31 -18.28 -19.31
CA ALA C 855 16.72 -18.73 -17.98
C ALA C 855 18.17 -19.20 -17.97
N GLY C 856 19.06 -18.35 -18.46
CA GLY C 856 20.48 -18.65 -18.44
C GLY C 856 20.96 -19.53 -19.56
N MET C 857 20.10 -19.90 -20.50
CA MET C 857 20.45 -20.86 -21.53
C MET C 857 20.20 -20.26 -22.92
N PRO C 858 21.20 -20.22 -23.80
CA PRO C 858 21.02 -19.57 -25.10
C PRO C 858 19.98 -20.25 -25.97
N ILE C 859 19.34 -19.45 -26.83
CA ILE C 859 18.28 -19.96 -27.69
C ILE C 859 18.82 -20.94 -28.72
N THR C 860 20.02 -20.68 -29.26
CA THR C 860 20.63 -21.63 -30.17
C THR C 860 20.90 -22.95 -29.46
N GLU C 861 21.37 -22.89 -28.22
CA GLU C 861 21.54 -24.11 -27.45
C GLU C 861 20.21 -24.73 -27.09
N VAL C 862 19.17 -23.91 -26.89
CA VAL C 862 17.84 -24.46 -26.65
C VAL C 862 17.40 -25.34 -27.81
N PHE C 863 17.63 -24.86 -29.04
CA PHE C 863 17.26 -25.67 -30.20
C PHE C 863 18.25 -26.80 -30.45
N LYS C 864 19.50 -26.66 -30.00
CA LYS C 864 20.47 -27.73 -30.17
C LYS C 864 20.21 -28.90 -29.25
N GLU C 865 19.71 -28.66 -28.04
CA GLU C 865 19.38 -29.76 -27.14
C GLU C 865 18.13 -30.50 -27.54
N GLU C 866 17.46 -30.08 -28.62
CA GLU C 866 16.32 -30.80 -29.19
C GLU C 866 15.14 -30.87 -28.24
N MET C 867 15.04 -29.92 -27.32
CA MET C 867 13.81 -29.77 -26.58
C MET C 867 12.82 -28.97 -27.40
N GLY C 868 11.56 -29.05 -27.02
CA GLY C 868 10.55 -28.32 -27.71
C GLY C 868 9.78 -27.42 -26.77
N ILE C 869 8.45 -27.48 -26.91
CA ILE C 869 7.59 -26.66 -26.08
C ILE C 869 7.78 -27.01 -24.61
N GLY C 870 7.90 -28.30 -24.30
CA GLY C 870 8.00 -28.71 -22.91
C GLY C 870 9.28 -28.23 -22.25
N GLY C 871 10.40 -28.35 -22.95
CA GLY C 871 11.66 -27.83 -22.42
C GLY C 871 11.67 -26.32 -22.30
N VAL C 872 11.12 -25.63 -23.30
CA VAL C 872 11.03 -24.17 -23.21
C VAL C 872 10.16 -23.76 -22.04
N LEU C 873 9.05 -24.47 -21.83
CA LEU C 873 8.16 -24.17 -20.71
C LEU C 873 8.87 -24.43 -19.39
N GLY C 874 9.63 -25.52 -19.30
CA GLY C 874 10.41 -25.75 -18.10
C GLY C 874 11.36 -24.61 -17.81
N LEU C 875 12.09 -24.16 -18.83
CA LEU C 875 13.00 -23.03 -18.65
C LEU C 875 12.26 -21.78 -18.22
N LEU C 876 11.20 -21.41 -18.93
CA LEU C 876 10.56 -20.13 -18.69
C LEU C 876 9.71 -20.11 -17.43
N TRP C 877 9.19 -21.24 -16.99
CA TRP C 877 8.33 -21.28 -15.82
C TRP C 877 9.05 -21.68 -14.54
N PHE C 878 10.07 -22.54 -14.62
CA PHE C 878 10.74 -23.03 -13.43
C PHE C 878 12.22 -22.72 -13.40
N GLN C 879 12.79 -22.17 -14.48
CA GLN C 879 14.23 -21.92 -14.57
C GLN C 879 15.03 -23.19 -14.34
N LYS C 880 14.55 -24.29 -14.91
CA LYS C 880 15.18 -25.60 -14.77
C LYS C 880 15.31 -26.28 -16.11
N ARG C 881 16.38 -27.05 -16.25
CA ARG C 881 16.57 -27.97 -17.38
C ARG C 881 15.90 -29.29 -17.01
N LEU C 882 14.64 -29.42 -17.37
CA LEU C 882 13.90 -30.62 -17.04
C LEU C 882 14.39 -31.80 -17.88
N PRO C 883 14.25 -33.01 -17.36
CA PRO C 883 14.54 -34.20 -18.17
C PRO C 883 13.57 -34.32 -19.33
N LYS C 884 14.00 -35.10 -20.33
CA LYS C 884 13.24 -35.20 -21.58
C LYS C 884 11.85 -35.77 -21.34
N TYR C 885 11.72 -36.75 -20.45
CA TYR C 885 10.40 -37.30 -20.16
C TYR C 885 9.51 -36.28 -19.48
N SER C 886 10.07 -35.42 -18.63
CA SER C 886 9.29 -34.34 -18.03
C SER C 886 8.79 -33.37 -19.08
N CYS C 887 9.66 -32.99 -20.03
CA CYS C 887 9.24 -32.07 -21.09
C CYS C 887 8.17 -32.70 -21.96
N GLN C 888 8.34 -33.97 -22.31
CA GLN C 888 7.36 -34.66 -23.14
C GLN C 888 6.03 -34.79 -22.42
N PHE C 889 6.06 -35.06 -21.11
CA PHE C 889 4.83 -35.13 -20.33
C PHE C 889 4.13 -33.78 -20.25
N ILE C 890 4.88 -32.70 -20.12
CA ILE C 890 4.28 -31.37 -20.16
C ILE C 890 3.60 -31.14 -21.50
N GLU C 891 4.24 -31.58 -22.59
CA GLU C 891 3.63 -31.46 -23.90
C GLU C 891 2.34 -32.28 -24.01
N MET C 892 2.33 -33.50 -23.48
CA MET C 892 1.11 -34.31 -23.50
C MET C 892 0.00 -33.68 -22.68
N CYS C 893 0.34 -33.07 -21.55
CA CYS C 893 -0.66 -32.38 -20.74
C CYS C 893 -1.28 -31.22 -21.52
N LEU C 894 -0.43 -30.42 -22.19
CA LEU C 894 -0.95 -29.35 -23.03
C LEU C 894 -1.80 -29.90 -24.16
N MET C 895 -1.44 -31.06 -24.70
CA MET C 895 -2.16 -31.64 -25.81
C MET C 895 -3.54 -32.13 -25.38
N VAL C 896 -3.63 -32.76 -24.20
CA VAL C 896 -4.92 -33.28 -23.74
C VAL C 896 -5.81 -32.16 -23.21
N THR C 897 -5.25 -31.05 -22.74
CA THR C 897 -6.08 -29.95 -22.29
C THR C 897 -6.36 -28.93 -23.40
N ALA C 898 -6.08 -29.29 -24.65
CA ALA C 898 -6.14 -28.31 -25.74
C ALA C 898 -7.56 -27.81 -25.98
N ASP C 899 -8.53 -28.71 -26.08
CA ASP C 899 -9.91 -28.31 -26.24
C ASP C 899 -10.84 -29.39 -25.69
N HIS C 900 -12.03 -28.97 -25.29
CA HIS C 900 -13.08 -29.90 -24.89
C HIS C 900 -14.43 -29.42 -25.43
N GLY C 901 -14.46 -28.99 -26.68
CA GLY C 901 -15.68 -28.64 -27.35
C GLY C 901 -16.15 -27.23 -27.08
N PRO C 902 -17.21 -26.81 -27.77
CA PRO C 902 -17.70 -25.43 -27.66
C PRO C 902 -18.69 -25.18 -26.54
N ALA C 903 -19.12 -26.20 -25.80
CA ALA C 903 -20.18 -26.04 -24.81
C ALA C 903 -19.68 -25.51 -23.48
N VAL C 904 -18.38 -25.62 -23.18
CA VAL C 904 -17.89 -25.14 -21.89
C VAL C 904 -17.92 -23.61 -21.86
N SER C 905 -17.77 -23.07 -20.66
CA SER C 905 -17.98 -21.63 -20.44
C SER C 905 -17.00 -20.79 -21.23
N GLY C 906 -15.72 -21.16 -21.19
CA GLY C 906 -14.71 -20.34 -21.85
C GLY C 906 -14.83 -20.38 -23.37
N ALA C 907 -15.05 -21.57 -23.92
CA ALA C 907 -15.23 -21.69 -25.36
C ALA C 907 -16.49 -20.95 -25.80
N HIS C 908 -17.55 -21.04 -25.00
CA HIS C 908 -18.77 -20.31 -25.28
C HIS C 908 -18.52 -18.81 -25.33
N ASN C 909 -17.80 -18.29 -24.33
CA ASN C 909 -17.51 -16.85 -24.30
C ASN C 909 -16.63 -16.44 -25.47
N THR C 910 -15.63 -17.26 -25.81
CA THR C 910 -14.79 -16.96 -26.96
C THR C 910 -15.59 -16.94 -28.26
N ILE C 911 -16.51 -17.90 -28.42
CA ILE C 911 -17.32 -17.96 -29.63
C ILE C 911 -18.26 -16.76 -29.70
N ILE C 912 -18.82 -16.35 -28.57
CA ILE C 912 -19.67 -15.17 -28.55
C ILE C 912 -18.86 -13.94 -28.96
N CYS C 913 -17.66 -13.79 -28.42
CA CYS C 913 -16.87 -12.61 -28.72
C CYS C 913 -16.38 -12.63 -30.17
N ALA C 914 -16.14 -13.81 -30.73
CA ALA C 914 -15.76 -13.90 -32.15
C ALA C 914 -16.94 -13.58 -33.05
N ARG C 915 -18.14 -14.04 -32.70
CA ARG C 915 -19.33 -13.72 -33.48
C ARG C 915 -19.75 -12.28 -33.32
N ALA C 916 -19.29 -11.60 -32.26
CA ALA C 916 -19.42 -10.16 -32.17
C ALA C 916 -18.41 -9.42 -33.05
N GLY C 917 -17.65 -10.16 -33.86
CA GLY C 917 -16.70 -9.59 -34.81
C GLY C 917 -15.57 -8.85 -34.15
N LYS C 918 -15.13 -9.31 -32.99
CA LYS C 918 -14.32 -8.43 -32.15
C LYS C 918 -12.84 -8.46 -32.51
N ASP C 919 -12.17 -9.57 -32.23
CA ASP C 919 -10.71 -9.67 -32.38
C ASP C 919 -10.26 -11.01 -31.82
N LEU C 920 -9.10 -11.49 -32.29
CA LEU C 920 -8.57 -12.73 -31.76
C LEU C 920 -8.18 -12.58 -30.30
N VAL C 921 -7.42 -11.54 -29.98
CA VAL C 921 -6.98 -11.33 -28.60
C VAL C 921 -8.16 -11.10 -27.68
N SER C 922 -9.11 -10.25 -28.10
CA SER C 922 -10.27 -9.97 -27.26
C SER C 922 -11.12 -11.21 -27.06
N SER C 923 -11.30 -12.01 -28.13
CA SER C 923 -12.12 -13.21 -28.03
C SER C 923 -11.49 -14.25 -27.12
N LEU C 924 -10.20 -14.52 -27.33
CA LEU C 924 -9.49 -15.48 -26.50
C LEU C 924 -9.47 -15.03 -25.06
N THR C 925 -9.23 -13.74 -24.83
CA THR C 925 -9.21 -13.19 -23.49
C THR C 925 -10.57 -13.30 -22.81
N SER C 926 -11.65 -13.02 -23.55
CA SER C 926 -12.99 -13.18 -23.02
C SER C 926 -13.24 -14.62 -22.60
N GLY C 927 -12.79 -15.59 -23.39
CA GLY C 927 -12.90 -16.98 -22.99
C GLY C 927 -12.04 -17.33 -21.79
N LEU C 928 -10.83 -16.78 -21.74
CA LEU C 928 -9.89 -17.13 -20.68
C LEU C 928 -10.31 -16.56 -19.34
N LEU C 929 -11.05 -15.45 -19.33
CA LEU C 929 -11.44 -14.86 -18.06
C LEU C 929 -12.42 -15.72 -17.28
N THR C 930 -12.97 -16.76 -17.90
CA THR C 930 -13.80 -17.73 -17.19
C THR C 930 -12.98 -18.78 -16.46
N ILE C 931 -11.68 -18.90 -16.74
CA ILE C 931 -10.84 -19.92 -16.14
C ILE C 931 -10.69 -19.60 -14.66
N GLY C 932 -11.23 -20.44 -13.80
CA GLY C 932 -11.15 -20.20 -12.37
C GLY C 932 -11.55 -21.40 -11.57
N ASP C 933 -12.30 -21.18 -10.49
CA ASP C 933 -12.68 -22.28 -9.60
C ASP C 933 -13.62 -23.26 -10.28
N ARG C 934 -14.74 -22.78 -10.82
CA ARG C 934 -15.73 -23.71 -11.36
C ARG C 934 -15.33 -24.27 -12.71
N PHE C 935 -14.63 -23.51 -13.53
CA PHE C 935 -14.19 -23.97 -14.84
C PHE C 935 -12.67 -23.85 -14.90
N GLY C 936 -12.00 -24.98 -15.12
CA GLY C 936 -10.58 -24.97 -15.38
C GLY C 936 -9.68 -24.95 -14.16
N GLY C 937 -10.22 -24.88 -12.95
CA GLY C 937 -9.43 -24.90 -11.75
C GLY C 937 -9.31 -26.24 -11.08
N ALA C 938 -9.90 -27.28 -11.66
CA ALA C 938 -9.87 -28.60 -11.04
C ALA C 938 -8.47 -29.19 -11.06
N LEU C 939 -7.63 -28.81 -12.02
CA LEU C 939 -6.24 -29.27 -12.04
C LEU C 939 -5.53 -28.89 -10.74
N ASP C 940 -5.49 -27.58 -10.47
CA ASP C 940 -4.85 -27.09 -9.26
C ASP C 940 -5.57 -27.57 -8.01
N ALA C 941 -6.90 -27.61 -8.05
CA ALA C 941 -7.66 -28.05 -6.88
C ALA C 941 -7.32 -29.48 -6.50
N ALA C 942 -7.32 -30.38 -7.50
CA ALA C 942 -6.99 -31.78 -7.26
C ALA C 942 -5.56 -31.93 -6.79
N ALA C 943 -4.62 -31.21 -7.41
CA ALA C 943 -3.23 -31.29 -6.98
C ALA C 943 -3.08 -30.89 -5.52
N LYS C 944 -3.65 -29.75 -5.14
CA LYS C 944 -3.53 -29.27 -3.77
C LYS C 944 -4.20 -30.23 -2.80
N MET C 945 -5.38 -30.74 -3.14
CA MET C 945 -6.13 -31.62 -2.25
C MET C 945 -5.37 -32.92 -2.01
N PHE C 946 -4.95 -33.58 -3.09
CA PHE C 946 -4.23 -34.84 -2.94
C PHE C 946 -2.87 -34.63 -2.30
N SER C 947 -2.20 -33.51 -2.56
CA SER C 947 -0.94 -33.23 -1.90
C SER C 947 -1.13 -33.09 -0.40
N LYS C 948 -2.17 -32.37 0.02
CA LYS C 948 -2.44 -32.24 1.44
C LYS C 948 -2.73 -33.58 2.08
N ALA C 949 -3.54 -34.41 1.42
CA ALA C 949 -3.86 -35.72 1.95
C ALA C 949 -2.61 -36.60 2.06
N PHE C 950 -1.76 -36.57 1.04
CA PHE C 950 -0.56 -37.41 1.03
C PHE C 950 0.44 -36.94 2.07
N ASP C 951 0.57 -35.63 2.25
CA ASP C 951 1.53 -35.10 3.21
C ASP C 951 1.05 -35.28 4.64
N SER C 952 -0.26 -35.27 4.87
CA SER C 952 -0.76 -35.47 6.22
C SER C 952 -0.53 -36.88 6.73
N GLY C 953 -0.26 -37.84 5.84
CA GLY C 953 0.00 -39.21 6.24
C GLY C 953 -1.22 -40.08 6.41
N ILE C 954 -2.42 -39.57 6.16
CA ILE C 954 -3.63 -40.38 6.29
C ILE C 954 -3.74 -41.33 5.10
N ILE C 955 -4.23 -42.52 5.36
CA ILE C 955 -4.39 -43.55 4.33
C ILE C 955 -5.51 -43.12 3.39
N PRO C 956 -5.59 -43.66 2.18
CA PRO C 956 -6.65 -43.23 1.25
C PRO C 956 -8.06 -43.38 1.81
N MET C 957 -8.32 -44.45 2.57
CA MET C 957 -9.64 -44.63 3.15
C MET C 957 -9.95 -43.52 4.15
N GLU C 958 -8.98 -43.15 4.98
CA GLU C 958 -9.17 -42.05 5.90
C GLU C 958 -9.38 -40.74 5.16
N PHE C 959 -8.66 -40.54 4.05
CA PHE C 959 -8.86 -39.33 3.25
C PHE C 959 -10.26 -39.26 2.68
N VAL C 960 -10.75 -40.39 2.15
CA VAL C 960 -12.09 -40.43 1.57
C VAL C 960 -13.14 -40.14 2.64
N ASN C 961 -12.99 -40.79 3.80
CA ASN C 961 -13.94 -40.58 4.88
C ASN C 961 -13.89 -39.14 5.38
N LYS C 962 -12.69 -38.56 5.44
CA LYS C 962 -12.54 -37.19 5.90
C LYS C 962 -13.23 -36.21 4.95
N MET C 963 -13.02 -36.38 3.65
CA MET C 963 -13.71 -35.52 2.68
C MET C 963 -15.22 -35.72 2.75
N LYS C 964 -15.66 -36.96 2.99
CA LYS C 964 -17.08 -37.21 3.13
C LYS C 964 -17.66 -36.52 4.36
N LYS C 965 -16.92 -36.54 5.48
CA LYS C 965 -17.42 -35.91 6.69
C LYS C 965 -17.33 -34.40 6.67
N GLU C 966 -16.49 -33.82 5.81
CA GLU C 966 -16.53 -32.37 5.62
C GLU C 966 -17.40 -31.95 4.44
N GLY C 967 -18.16 -32.89 3.87
CA GLY C 967 -19.11 -32.54 2.84
C GLY C 967 -18.47 -31.94 1.59
N LYS C 968 -17.29 -32.42 1.24
CA LYS C 968 -16.57 -31.96 0.07
C LYS C 968 -16.37 -33.11 -0.90
N LEU C 969 -16.53 -32.82 -2.18
CA LEU C 969 -16.24 -33.80 -3.21
C LEU C 969 -14.74 -33.81 -3.49
N ILE C 970 -14.19 -35.00 -3.70
CA ILE C 970 -12.77 -35.11 -4.00
C ILE C 970 -12.53 -34.52 -5.39
N MET C 971 -11.72 -33.46 -5.45
CA MET C 971 -11.37 -32.86 -6.72
C MET C 971 -10.52 -33.83 -7.54
N GLY C 972 -10.81 -33.90 -8.84
CA GLY C 972 -10.13 -34.82 -9.71
C GLY C 972 -10.69 -36.22 -9.73
N ILE C 973 -11.87 -36.43 -9.14
CA ILE C 973 -12.53 -37.72 -9.13
C ILE C 973 -13.93 -37.54 -9.70
N GLY C 974 -14.32 -38.42 -10.62
CA GLY C 974 -15.69 -38.43 -11.08
C GLY C 974 -15.85 -38.06 -12.54
N HIS C 975 -16.42 -38.95 -13.33
CA HIS C 975 -16.64 -38.70 -14.74
C HIS C 975 -18.12 -38.75 -15.06
N ARG C 976 -18.46 -38.39 -16.30
CA ARG C 976 -19.84 -38.27 -16.74
C ARG C 976 -20.39 -39.60 -17.28
N VAL C 977 -19.67 -40.24 -18.19
CA VAL C 977 -20.14 -41.49 -18.79
C VAL C 977 -19.10 -42.59 -18.63
N LYS C 978 -17.84 -42.25 -18.89
CA LYS C 978 -16.77 -43.24 -18.92
C LYS C 978 -16.34 -43.56 -17.49
N SER C 979 -16.55 -44.80 -17.06
CA SER C 979 -16.03 -45.24 -15.76
C SER C 979 -15.02 -46.38 -15.89
N ILE C 980 -15.44 -47.55 -16.38
CA ILE C 980 -14.60 -48.74 -16.44
C ILE C 980 -15.05 -49.55 -17.64
N ASN C 981 -14.11 -50.35 -18.20
CA ASN C 981 -14.31 -51.10 -19.43
C ASN C 981 -14.48 -50.15 -20.62
N ASN C 982 -14.48 -48.86 -20.34
CA ASN C 982 -14.43 -47.78 -21.31
C ASN C 982 -13.89 -46.54 -20.60
N PRO C 983 -12.60 -46.52 -20.24
CA PRO C 983 -12.06 -45.38 -19.50
C PRO C 983 -11.98 -44.10 -20.33
N ASP C 984 -11.41 -43.05 -19.73
CA ASP C 984 -11.36 -41.73 -20.37
C ASP C 984 -10.62 -41.75 -21.70
N MET C 985 -9.58 -42.57 -21.81
CA MET C 985 -8.72 -42.66 -22.99
C MET C 985 -7.80 -41.44 -23.10
N ARG C 986 -8.00 -40.44 -22.27
CA ARG C 986 -6.98 -39.43 -22.02
C ARG C 986 -6.22 -39.68 -20.74
N VAL C 987 -6.95 -40.06 -19.69
CA VAL C 987 -6.32 -40.53 -18.46
C VAL C 987 -5.47 -41.75 -18.75
N GLN C 988 -5.96 -42.65 -19.61
CA GLN C 988 -5.19 -43.84 -19.94
C GLN C 988 -3.88 -43.49 -20.62
N ILE C 989 -3.89 -42.58 -21.59
CA ILE C 989 -2.65 -42.21 -22.27
C ILE C 989 -1.68 -41.57 -21.29
N LEU C 990 -2.16 -40.59 -20.52
CA LEU C 990 -1.26 -39.91 -19.59
C LEU C 990 -0.74 -40.85 -18.52
N LYS C 991 -1.59 -41.74 -18.00
CA LYS C 991 -1.19 -42.67 -16.96
C LYS C 991 -0.18 -43.68 -17.49
N ASP C 992 -0.39 -44.19 -18.70
CA ASP C 992 0.59 -45.10 -19.29
C ASP C 992 1.93 -44.41 -19.47
N TYR C 993 1.92 -43.16 -19.96
CA TYR C 993 3.19 -42.45 -20.09
C TYR C 993 3.87 -42.26 -18.74
N VAL C 994 3.10 -41.87 -17.72
CA VAL C 994 3.68 -41.60 -16.41
C VAL C 994 4.26 -42.87 -15.82
N ARG C 995 3.54 -43.98 -15.92
CA ARG C 995 4.05 -45.25 -15.41
C ARG C 995 5.31 -45.67 -16.14
N GLN C 996 5.34 -45.55 -17.47
CA GLN C 996 6.49 -46.04 -18.21
C GLN C 996 7.71 -45.14 -18.03
N HIS C 997 7.53 -43.85 -17.77
CA HIS C 997 8.65 -42.93 -17.85
C HIS C 997 9.05 -42.30 -16.53
N PHE C 998 8.12 -42.02 -15.63
CA PHE C 998 8.46 -41.35 -14.38
C PHE C 998 9.22 -42.31 -13.46
N PRO C 999 10.25 -41.83 -12.76
CA PRO C 999 10.98 -42.71 -11.82
C PRO C 999 10.13 -43.19 -10.65
N ALA C 1000 9.43 -42.27 -9.98
CA ALA C 1000 8.57 -42.60 -8.85
C ALA C 1000 7.27 -41.81 -8.95
N THR C 1001 6.16 -42.44 -8.61
CA THR C 1001 4.85 -41.81 -8.62
C THR C 1001 4.11 -42.08 -7.30
N PRO C 1002 4.60 -41.52 -6.19
CA PRO C 1002 3.96 -41.79 -4.89
C PRO C 1002 2.57 -41.21 -4.80
N LEU C 1003 2.42 -39.93 -5.14
CA LEU C 1003 1.12 -39.29 -5.09
C LEU C 1003 0.17 -39.88 -6.12
N LEU C 1004 0.69 -40.32 -7.27
CA LEU C 1004 -0.16 -41.01 -8.23
C LEU C 1004 -0.67 -42.33 -7.68
N ASP C 1005 0.20 -43.09 -7.01
CA ASP C 1005 -0.25 -44.34 -6.41
C ASP C 1005 -1.29 -44.09 -5.34
N TYR C 1006 -1.10 -43.04 -4.53
CA TYR C 1006 -2.09 -42.66 -3.54
C TYR C 1006 -3.41 -42.30 -4.18
N ALA C 1007 -3.39 -41.50 -5.25
CA ALA C 1007 -4.61 -41.11 -5.93
C ALA C 1007 -5.31 -42.31 -6.57
N LEU C 1008 -4.54 -43.27 -7.08
CA LEU C 1008 -5.15 -44.47 -7.64
C LEU C 1008 -5.79 -45.33 -6.56
N GLU C 1009 -5.19 -45.36 -5.37
CA GLU C 1009 -5.82 -46.04 -4.25
C GLU C 1009 -7.14 -45.37 -3.87
N VAL C 1010 -7.13 -44.03 -3.84
CA VAL C 1010 -8.36 -43.28 -3.58
C VAL C 1010 -9.40 -43.58 -4.66
N GLU C 1011 -8.97 -43.65 -5.91
CA GLU C 1011 -9.89 -43.95 -7.00
C GLU C 1011 -10.47 -45.35 -6.87
N LYS C 1012 -9.67 -46.31 -6.41
CA LYS C 1012 -10.21 -47.64 -6.17
C LYS C 1012 -11.28 -47.61 -5.08
N ILE C 1013 -11.04 -46.84 -4.02
CA ILE C 1013 -12.07 -46.71 -2.98
C ILE C 1013 -13.33 -46.06 -3.54
N THR C 1014 -13.19 -44.99 -4.32
CA THR C 1014 -14.37 -44.29 -4.82
C THR C 1014 -15.12 -45.12 -5.86
N THR C 1015 -14.41 -45.91 -6.67
CA THR C 1015 -15.08 -46.82 -7.59
C THR C 1015 -15.67 -48.02 -6.88
N SER C 1016 -15.21 -48.33 -5.66
CA SER C 1016 -15.94 -49.33 -4.87
C SER C 1016 -17.31 -48.82 -4.46
N LYS C 1017 -17.54 -47.51 -4.53
CA LYS C 1017 -18.82 -46.92 -4.19
C LYS C 1017 -19.79 -47.04 -5.37
N LYS C 1018 -19.44 -46.41 -6.49
CA LYS C 1018 -20.10 -46.64 -7.77
C LYS C 1018 -19.11 -46.26 -8.87
N PRO C 1019 -19.18 -46.90 -10.04
CA PRO C 1019 -18.04 -46.88 -10.97
C PRO C 1019 -17.65 -45.51 -11.49
N ASN C 1020 -18.58 -44.57 -11.60
CA ASN C 1020 -18.30 -43.35 -12.34
C ASN C 1020 -17.33 -42.40 -11.63
N LEU C 1021 -16.99 -42.65 -10.37
CA LEU C 1021 -15.98 -41.84 -9.68
C LEU C 1021 -14.60 -42.41 -9.96
N ILE C 1022 -14.08 -42.09 -11.13
CA ILE C 1022 -12.76 -42.49 -11.55
C ILE C 1022 -11.84 -41.28 -11.44
N LEU C 1023 -10.54 -41.53 -11.53
CA LEU C 1023 -9.58 -40.45 -11.63
C LEU C 1023 -9.80 -39.70 -12.93
N ASN C 1024 -10.08 -38.40 -12.82
CA ASN C 1024 -10.34 -37.54 -13.95
C ASN C 1024 -9.04 -37.20 -14.66
N VAL C 1025 -9.15 -36.57 -15.83
CA VAL C 1025 -7.97 -36.00 -16.45
C VAL C 1025 -7.41 -34.87 -15.59
N ALA C 1026 -8.30 -34.10 -14.95
CA ALA C 1026 -7.85 -33.04 -14.04
C ALA C 1026 -7.08 -33.63 -12.87
N GLY C 1027 -7.63 -34.66 -12.23
CA GLY C 1027 -6.94 -35.28 -11.11
C GLY C 1027 -5.65 -35.95 -11.53
N LEU C 1028 -5.67 -36.64 -12.67
CA LEU C 1028 -4.48 -37.33 -13.14
C LEU C 1028 -3.37 -36.33 -13.44
N ILE C 1029 -3.69 -35.23 -14.14
CA ILE C 1029 -2.69 -34.22 -14.46
C ILE C 1029 -2.18 -33.56 -13.19
N GLY C 1030 -3.07 -33.27 -12.25
CA GLY C 1030 -2.62 -32.64 -11.01
C GLY C 1030 -1.65 -33.50 -10.22
N VAL C 1031 -2.03 -34.77 -9.99
CA VAL C 1031 -1.17 -35.63 -9.19
C VAL C 1031 0.11 -35.97 -9.95
N ALA C 1032 0.03 -36.16 -11.26
CA ALA C 1032 1.21 -36.48 -12.05
C ALA C 1032 2.14 -35.28 -12.16
N PHE C 1033 1.60 -34.08 -12.21
CA PHE C 1033 2.45 -32.88 -12.22
C PHE C 1033 3.14 -32.69 -10.88
N VAL C 1034 2.44 -32.93 -9.77
CA VAL C 1034 3.10 -32.86 -8.47
C VAL C 1034 4.18 -33.93 -8.36
N ASP C 1035 3.88 -35.15 -8.83
CA ASP C 1035 4.89 -36.20 -8.85
C ASP C 1035 6.10 -35.81 -9.68
N MET C 1036 5.87 -35.23 -10.86
CA MET C 1036 6.99 -34.83 -11.69
C MET C 1036 7.82 -33.78 -10.99
N LEU C 1037 7.16 -32.78 -10.40
CA LEU C 1037 7.88 -31.68 -9.76
C LEU C 1037 8.73 -32.18 -8.60
N ARG C 1038 8.18 -33.03 -7.75
CA ARG C 1038 8.90 -33.44 -6.54
C ARG C 1038 9.60 -34.79 -6.67
N ASN C 1039 9.61 -35.39 -7.86
CA ASN C 1039 10.34 -36.62 -8.08
C ASN C 1039 11.39 -36.52 -9.18
N CYS C 1040 11.31 -35.54 -10.08
CA CYS C 1040 12.45 -35.25 -10.92
C CYS C 1040 13.47 -34.47 -10.11
N GLY C 1041 14.73 -34.61 -10.48
CA GLY C 1041 15.77 -34.04 -9.65
C GLY C 1041 15.92 -32.54 -9.71
N SER C 1042 15.11 -31.87 -10.53
CA SER C 1042 15.30 -30.45 -10.76
C SER C 1042 14.86 -29.62 -9.55
N PHE C 1043 13.84 -30.07 -8.84
CA PHE C 1043 13.22 -29.27 -7.79
C PHE C 1043 13.45 -29.90 -6.42
N THR C 1044 13.62 -29.05 -5.42
CA THR C 1044 13.47 -29.49 -4.04
C THR C 1044 12.00 -29.49 -3.64
N ARG C 1045 11.72 -30.05 -2.47
CA ARG C 1045 10.35 -30.15 -2.00
C ARG C 1045 9.74 -28.76 -1.81
N GLU C 1046 10.52 -27.83 -1.26
CA GLU C 1046 10.06 -26.46 -1.09
C GLU C 1046 9.74 -25.81 -2.42
N GLU C 1047 10.60 -26.01 -3.43
CA GLU C 1047 10.35 -25.45 -4.75
C GLU C 1047 9.09 -26.01 -5.38
N ALA C 1048 8.91 -27.33 -5.33
CA ALA C 1048 7.72 -27.94 -5.92
C ALA C 1048 6.46 -27.45 -5.22
N ASP C 1049 6.50 -27.37 -3.89
CA ASP C 1049 5.34 -26.89 -3.13
C ASP C 1049 5.02 -25.44 -3.48
N GLU C 1050 6.05 -24.60 -3.62
CA GLU C 1050 5.81 -23.21 -3.97
C GLU C 1050 5.22 -23.08 -5.36
N TYR C 1051 5.69 -23.89 -6.31
CA TYR C 1051 5.15 -23.80 -7.66
C TYR C 1051 3.69 -24.24 -7.70
N ILE C 1052 3.36 -25.32 -6.99
CA ILE C 1052 1.96 -25.74 -6.92
C ILE C 1052 1.12 -24.66 -6.25
N ASP C 1053 1.65 -24.02 -5.21
CA ASP C 1053 0.91 -22.98 -4.51
C ASP C 1053 0.66 -21.76 -5.39
N ILE C 1054 1.66 -21.35 -6.18
CA ILE C 1054 1.51 -20.14 -7.00
C ILE C 1054 0.79 -20.38 -8.31
N GLY C 1055 0.61 -21.63 -8.73
CA GLY C 1055 -0.31 -21.87 -9.83
C GLY C 1055 0.28 -22.31 -11.15
N ALA C 1056 1.29 -23.17 -11.10
CA ALA C 1056 1.82 -23.73 -12.34
C ALA C 1056 0.79 -24.58 -13.05
N LEU C 1057 -0.08 -25.27 -12.31
CA LEU C 1057 -1.09 -26.10 -12.97
C LEU C 1057 -2.22 -25.27 -13.55
N ASN C 1058 -2.57 -24.16 -12.90
CA ASN C 1058 -3.45 -23.20 -13.54
C ASN C 1058 -2.85 -22.69 -14.84
N GLY C 1059 -1.56 -22.41 -14.82
CA GLY C 1059 -0.89 -22.01 -16.06
C GLY C 1059 -0.93 -23.09 -17.12
N ILE C 1060 -0.75 -24.35 -16.72
CA ILE C 1060 -0.80 -25.46 -17.66
C ILE C 1060 -2.16 -25.53 -18.33
N PHE C 1061 -3.23 -25.47 -17.54
CA PHE C 1061 -4.56 -25.54 -18.14
C PHE C 1061 -4.81 -24.34 -19.05
N VAL C 1062 -4.41 -23.15 -18.61
CA VAL C 1062 -4.65 -21.95 -19.41
C VAL C 1062 -3.92 -22.04 -20.75
N LEU C 1063 -2.65 -22.41 -20.72
CA LEU C 1063 -1.87 -22.50 -21.95
C LEU C 1063 -2.41 -23.59 -22.87
N GLY C 1064 -2.82 -24.73 -22.30
CA GLY C 1064 -3.37 -25.78 -23.12
C GLY C 1064 -4.68 -25.38 -23.78
N ARG C 1065 -5.59 -24.81 -23.02
CA ARG C 1065 -6.91 -24.44 -23.54
C ARG C 1065 -6.86 -23.21 -24.42
N SER C 1066 -5.78 -22.42 -24.38
CA SER C 1066 -5.67 -21.29 -25.30
C SER C 1066 -5.65 -21.75 -26.74
N MET C 1067 -5.02 -22.89 -27.03
CA MET C 1067 -5.01 -23.41 -28.39
C MET C 1067 -6.42 -23.72 -28.87
N GLY C 1068 -7.23 -24.35 -28.02
CA GLY C 1068 -8.61 -24.61 -28.37
C GLY C 1068 -9.44 -23.35 -28.53
N PHE C 1069 -9.19 -22.36 -27.67
CA PHE C 1069 -9.96 -21.11 -27.78
C PHE C 1069 -9.61 -20.37 -29.06
N ILE C 1070 -8.33 -20.34 -29.44
CA ILE C 1070 -7.95 -19.72 -30.70
C ILE C 1070 -8.53 -20.50 -31.87
N GLY C 1071 -8.53 -21.83 -31.78
CA GLY C 1071 -9.16 -22.61 -32.82
C GLY C 1071 -10.64 -22.32 -32.96
N HIS C 1072 -11.34 -22.13 -31.84
CA HIS C 1072 -12.75 -21.79 -31.87
C HIS C 1072 -12.96 -20.41 -32.50
N TYR C 1073 -12.11 -19.44 -32.17
CA TYR C 1073 -12.20 -18.13 -32.79
C TYR C 1073 -12.03 -18.22 -34.30
N LEU C 1074 -11.00 -18.95 -34.74
CA LEU C 1074 -10.74 -19.09 -36.17
C LEU C 1074 -11.87 -19.82 -36.87
N ASP C 1075 -12.44 -20.83 -36.19
CA ASP C 1075 -13.57 -21.55 -36.74
C ASP C 1075 -14.78 -20.65 -36.94
N GLN C 1076 -15.07 -19.81 -35.94
CA GLN C 1076 -16.20 -18.90 -36.08
C GLN C 1076 -15.95 -17.88 -37.18
N LYS C 1077 -14.72 -17.41 -37.33
CA LYS C 1077 -14.43 -16.44 -38.38
C LYS C 1077 -14.43 -17.07 -39.77
N ARG C 1078 -14.10 -18.36 -39.87
CA ARG C 1078 -14.17 -19.04 -41.15
C ARG C 1078 -15.60 -19.39 -41.52
N LEU C 1079 -16.43 -19.75 -40.54
CA LEU C 1079 -17.83 -19.98 -40.78
C LEU C 1079 -18.62 -18.70 -40.92
N LYS C 1080 -18.01 -17.56 -40.59
CA LYS C 1080 -18.62 -16.24 -40.77
C LYS C 1080 -19.98 -16.17 -40.09
N GLN C 1081 -19.98 -16.48 -38.79
CA GLN C 1081 -21.21 -16.45 -38.02
C GLN C 1081 -21.51 -15.03 -37.55
N GLY C 1082 -22.79 -14.68 -37.59
CA GLY C 1082 -23.21 -13.34 -37.23
C GLY C 1082 -23.28 -13.15 -35.73
N LEU C 1083 -23.68 -11.94 -35.35
CA LEU C 1083 -23.83 -11.61 -33.95
C LEU C 1083 -24.84 -12.53 -33.27
N TYR C 1084 -24.49 -13.01 -32.09
CA TYR C 1084 -25.34 -13.90 -31.32
C TYR C 1084 -26.19 -13.09 -30.35
N ARG C 1085 -27.47 -13.43 -30.25
CA ARG C 1085 -28.32 -12.92 -29.20
C ARG C 1085 -28.99 -14.11 -28.54
N HIS C 1086 -28.93 -14.16 -27.22
CA HIS C 1086 -29.55 -15.28 -26.52
C HIS C 1086 -31.07 -15.20 -26.63
N PRO C 1087 -31.75 -16.29 -26.97
CA PRO C 1087 -33.21 -16.24 -27.09
C PRO C 1087 -33.88 -15.89 -25.77
N TRP C 1088 -34.98 -15.14 -25.88
CA TRP C 1088 -35.72 -14.72 -24.70
C TRP C 1088 -36.41 -15.89 -24.01
N ASP C 1089 -36.75 -16.95 -24.75
CA ASP C 1089 -37.40 -18.11 -24.16
C ASP C 1089 -36.47 -18.87 -23.21
N ASP C 1090 -35.17 -18.70 -23.35
CA ASP C 1090 -34.22 -19.34 -22.45
C ASP C 1090 -33.87 -18.50 -21.24
N ILE C 1091 -34.50 -17.35 -21.06
CA ILE C 1091 -34.25 -16.48 -19.91
C ILE C 1091 -35.53 -16.37 -19.11
N SER C 1092 -35.42 -16.59 -17.81
CA SER C 1092 -36.52 -16.38 -16.87
C SER C 1092 -36.35 -15.01 -16.26
N TYR C 1093 -37.37 -14.17 -16.41
CA TYR C 1093 -37.34 -12.79 -15.92
C TYR C 1093 -38.09 -12.73 -14.59
N VAL C 1094 -37.37 -12.40 -13.53
CA VAL C 1094 -37.93 -12.40 -12.18
C VAL C 1094 -37.78 -11.02 -11.56
N LEU C 1095 -38.01 -9.98 -12.36
CA LEU C 1095 -37.91 -8.61 -11.87
C LEU C 1095 -38.95 -8.34 -10.78
N PRO C 1096 -38.65 -7.44 -9.85
CA PRO C 1096 -39.65 -7.07 -8.84
C PRO C 1096 -40.81 -6.31 -9.46
N GLU C 1097 -41.94 -6.32 -8.75
CA GLU C 1097 -43.16 -5.72 -9.30
C GLU C 1097 -42.96 -4.25 -9.62
N HIS C 1098 -42.37 -3.50 -8.70
CA HIS C 1098 -42.00 -2.11 -8.94
C HIS C 1098 -40.99 -1.71 -7.88
N MET C 1099 -39.75 -1.47 -8.29
CA MET C 1099 -38.73 -1.02 -7.34
C MET C 1099 -38.72 0.49 -7.30
N SER D 2 8.29 10.78 31.91
CA SER D 2 8.58 11.92 32.78
C SER D 2 7.62 11.95 33.96
N ALA D 3 8.16 11.97 35.17
CA ALA D 3 7.35 11.99 36.38
C ALA D 3 6.79 13.39 36.58
N LYS D 4 5.46 13.49 36.67
CA LYS D 4 4.77 14.76 36.85
C LYS D 4 4.02 14.75 38.16
N ALA D 5 4.19 15.79 38.95
CA ALA D 5 3.51 15.90 40.23
C ALA D 5 2.03 16.18 40.00
N ILE D 6 1.18 15.43 40.68
CA ILE D 6 -0.26 15.63 40.61
C ILE D 6 -0.70 16.35 41.87
N SER D 7 -1.85 16.99 41.79
CA SER D 7 -2.35 17.76 42.91
C SER D 7 -2.78 16.83 44.05
N GLU D 8 -2.85 17.41 45.26
CA GLU D 8 -3.28 16.64 46.41
C GLU D 8 -4.70 16.12 46.22
N GLN D 9 -5.58 16.93 45.64
CA GLN D 9 -6.94 16.48 45.37
C GLN D 9 -6.96 15.30 44.42
N THR D 10 -6.20 15.39 43.33
CA THR D 10 -6.16 14.29 42.36
C THR D 10 -5.61 13.02 42.99
N GLY D 11 -4.53 13.14 43.75
CA GLY D 11 -3.94 11.98 44.38
C GLY D 11 -4.87 11.33 45.39
N LYS D 12 -5.48 12.15 46.25
CA LYS D 12 -6.43 11.64 47.24
C LYS D 12 -7.62 10.99 46.56
N GLU D 13 -8.10 11.58 45.46
CA GLU D 13 -9.22 10.99 44.74
C GLU D 13 -8.87 9.62 44.18
N LEU D 14 -7.72 9.51 43.51
CA LEU D 14 -7.29 8.23 42.99
C LEU D 14 -7.10 7.20 44.10
N LEU D 15 -6.51 7.63 45.22
CA LEU D 15 -6.29 6.71 46.33
C LEU D 15 -7.61 6.19 46.87
N TYR D 16 -8.55 7.10 47.14
CA TYR D 16 -9.85 6.68 47.67
C TYR D 16 -10.57 5.78 46.69
N LYS D 17 -10.43 6.05 45.39
CA LYS D 17 -11.16 5.30 44.38
C LYS D 17 -10.56 3.93 44.15
N PHE D 18 -9.25 3.78 44.31
CA PHE D 18 -8.54 2.62 43.77
C PHE D 18 -7.78 1.79 44.78
N ILE D 19 -7.49 2.30 45.98
CA ILE D 19 -6.77 1.47 46.95
C ILE D 19 -7.67 0.34 47.41
N CYS D 20 -7.05 -0.80 47.69
CA CYS D 20 -7.75 -2.00 48.13
CA CYS D 20 -7.75 -2.01 48.12
C CYS D 20 -7.10 -2.48 49.42
N THR D 21 -7.67 -2.08 50.55
CA THR D 21 -7.13 -2.43 51.86
C THR D 21 -8.24 -3.05 52.72
N THR D 22 -7.84 -3.97 53.59
CA THR D 22 -8.78 -4.47 54.58
C THR D 22 -9.08 -3.41 55.63
N SER D 23 -8.14 -2.49 55.86
CA SER D 23 -8.36 -1.41 56.80
C SER D 23 -9.49 -0.50 56.31
N ALA D 24 -10.28 -0.01 57.26
CA ALA D 24 -11.42 0.84 56.92
C ALA D 24 -10.89 2.26 56.68
N ILE D 25 -10.62 2.57 55.41
CA ILE D 25 -10.13 3.90 55.07
C ILE D 25 -11.24 4.92 55.25
N GLN D 26 -10.96 5.97 56.01
CA GLN D 26 -11.97 6.93 56.42
C GLN D 26 -11.95 8.16 55.52
N ASN D 27 -13.06 8.90 55.55
CA ASN D 27 -13.19 10.15 54.80
C ASN D 27 -13.01 9.94 53.30
N ARG D 28 -13.58 8.86 52.79
CA ARG D 28 -13.44 8.55 51.38
C ARG D 28 -14.20 9.57 50.52
N PHE D 29 -13.49 10.15 49.55
CA PHE D 29 -14.03 11.21 48.68
C PHE D 29 -14.68 12.32 49.50
N LYS D 30 -14.13 12.61 50.67
CA LYS D 30 -14.72 13.57 51.59
C LYS D 30 -13.74 14.73 51.70
N TYR D 31 -13.81 15.62 50.72
CA TYR D 31 -12.94 16.80 50.68
C TYR D 31 -13.62 17.85 49.83
N ALA D 32 -13.19 19.09 50.01
CA ALA D 32 -13.81 20.22 49.34
C ALA D 32 -12.74 21.06 48.66
N ARG D 33 -13.00 21.44 47.41
CA ARG D 33 -12.12 22.31 46.64
C ARG D 33 -12.78 23.65 46.46
N VAL D 34 -12.10 24.71 46.89
CA VAL D 34 -12.60 26.07 46.74
C VAL D 34 -11.58 26.89 45.96
N THR D 35 -12.09 27.65 45.00
CA THR D 35 -11.31 28.51 44.12
C THR D 35 -12.00 29.86 44.07
N PRO D 36 -11.31 30.91 43.62
CA PRO D 36 -11.98 32.22 43.48
C PRO D 36 -13.24 32.16 42.65
N ASP D 37 -13.29 31.30 41.63
CA ASP D 37 -14.42 31.21 40.72
C ASP D 37 -15.44 30.14 41.12
N THR D 38 -15.56 29.84 42.41
CA THR D 38 -16.53 28.85 42.88
C THR D 38 -17.58 29.53 43.75
N ASP D 39 -18.76 28.94 43.79
CA ASP D 39 -19.87 29.47 44.56
C ASP D 39 -20.04 28.69 45.85
N TRP D 40 -20.08 29.43 46.97
CA TRP D 40 -20.03 28.78 48.27
C TRP D 40 -21.35 28.10 48.62
N ALA D 41 -22.48 28.66 48.21
CA ALA D 41 -23.74 27.95 48.38
C ALA D 41 -23.71 26.63 47.63
N ARG D 42 -23.21 26.65 46.40
CA ARG D 42 -23.10 25.44 45.59
C ARG D 42 -22.26 24.38 46.30
N LEU D 43 -21.08 24.77 46.78
CA LEU D 43 -20.25 23.80 47.50
C LEU D 43 -20.94 23.32 48.77
N LEU D 44 -21.62 24.22 49.48
CA LEU D 44 -22.31 23.84 50.72
C LEU D 44 -23.38 22.79 50.47
N GLN D 45 -24.11 22.91 49.37
CA GLN D 45 -25.17 21.93 49.12
C GLN D 45 -24.68 20.69 48.41
N ASP D 46 -23.50 20.71 47.78
CA ASP D 46 -23.00 19.45 47.21
C ASP D 46 -22.09 18.69 48.17
N HIS D 47 -21.57 19.31 49.23
CA HIS D 47 -20.76 18.63 50.25
C HIS D 47 -21.30 18.96 51.64
N PRO D 48 -22.30 18.21 52.11
CA PRO D 48 -22.95 18.56 53.39
C PRO D 48 -22.12 18.29 54.63
N TRP D 49 -21.12 17.42 54.56
CA TRP D 49 -20.31 17.12 55.75
C TRP D 49 -19.58 18.34 56.27
N LEU D 50 -19.46 19.39 55.46
CA LEU D 50 -18.84 20.65 55.88
C LEU D 50 -19.48 21.19 57.15
N LEU D 51 -20.82 21.15 57.22
CA LEU D 51 -21.55 21.49 58.42
C LEU D 51 -21.48 20.40 59.48
N SER D 52 -21.30 19.14 59.08
CA SER D 52 -21.36 18.04 60.02
C SER D 52 -20.15 18.02 60.94
N GLN D 53 -18.96 18.34 60.43
CA GLN D 53 -17.78 18.31 61.29
C GLN D 53 -16.94 19.56 61.06
N ASN D 54 -15.86 19.66 61.84
CA ASN D 54 -14.93 20.77 61.79
C ASN D 54 -14.03 20.62 60.57
N LEU D 55 -13.25 21.66 60.28
CA LEU D 55 -12.61 21.78 58.97
C LEU D 55 -11.11 21.99 59.11
N VAL D 56 -10.40 21.68 58.04
CA VAL D 56 -9.01 22.05 57.85
C VAL D 56 -8.85 22.57 56.42
N VAL D 57 -8.02 23.59 56.24
CA VAL D 57 -7.88 24.24 54.95
C VAL D 57 -6.40 24.49 54.66
N LYS D 58 -5.99 24.19 53.44
CA LYS D 58 -4.63 24.44 52.98
C LYS D 58 -4.63 24.50 51.46
N PRO D 59 -3.73 25.27 50.86
CA PRO D 59 -3.72 25.40 49.40
C PRO D 59 -3.33 24.10 48.71
N ASP D 60 -3.77 23.98 47.46
CA ASP D 60 -3.48 22.81 46.67
C ASP D 60 -2.83 23.19 45.34
N GLN D 61 -1.79 24.01 45.41
CA GLN D 61 -1.08 24.49 44.22
C GLN D 61 0.34 23.95 44.17
N LEU D 62 0.53 22.71 44.61
CA LEU D 62 1.85 22.09 44.70
C LEU D 62 2.83 22.93 45.52
N ILE D 63 2.36 23.48 46.65
CA ILE D 63 3.23 24.14 47.61
C ILE D 63 3.55 23.16 48.72
N LYS D 64 4.83 23.00 49.00
CA LYS D 64 5.31 22.18 50.10
C LYS D 64 5.67 23.07 51.29
N ARG D 65 5.86 22.43 52.44
CA ARG D 65 6.20 23.13 53.69
C ARG D 65 5.09 24.07 54.11
N ARG D 66 3.82 23.73 53.82
CA ARG D 66 2.72 24.67 54.05
C ARG D 66 2.53 24.97 55.54
N GLY D 67 2.94 24.05 56.42
CA GLY D 67 2.73 24.27 57.84
C GLY D 67 3.50 25.45 58.39
N LYS D 68 4.77 25.58 58.02
CA LYS D 68 5.64 26.59 58.61
C LYS D 68 5.70 27.90 57.83
N LEU D 69 5.03 27.99 56.68
CA LEU D 69 4.84 29.26 56.01
C LEU D 69 3.51 29.91 56.35
N GLY D 70 2.72 29.31 57.23
CA GLY D 70 1.43 29.87 57.59
C GLY D 70 0.43 29.88 56.46
N LEU D 71 0.39 28.81 55.67
CA LEU D 71 -0.59 28.67 54.60
C LEU D 71 -1.71 27.69 54.94
N VAL D 72 -1.66 27.04 56.10
CA VAL D 72 -2.64 26.04 56.48
C VAL D 72 -3.38 26.51 57.72
N GLY D 73 -4.70 26.38 57.70
CA GLY D 73 -5.52 26.73 58.84
C GLY D 73 -6.24 25.51 59.37
N VAL D 74 -6.15 25.29 60.69
CA VAL D 74 -6.67 24.08 61.31
C VAL D 74 -7.71 24.45 62.36
N ASN D 75 -8.63 23.51 62.59
CA ASN D 75 -9.62 23.60 63.68
C ASN D 75 -10.54 24.81 63.54
N LEU D 76 -10.75 25.28 62.31
CA LEU D 76 -11.62 26.41 62.02
C LEU D 76 -12.84 25.94 61.23
N THR D 77 -14.00 26.51 61.56
CA THR D 77 -15.28 26.02 61.05
C THR D 77 -15.55 26.57 59.65
N LEU D 78 -16.80 26.48 59.20
CA LEU D 78 -17.17 27.06 57.90
C LEU D 78 -16.97 28.56 57.90
N ASP D 79 -17.46 29.23 58.93
CA ASP D 79 -17.26 30.67 59.04
C ASP D 79 -15.79 30.98 59.23
N GLY D 80 -15.07 30.09 59.91
CA GLY D 80 -13.63 30.27 60.08
C GLY D 80 -12.88 30.24 58.75
N VAL D 81 -13.19 29.25 57.91
CA VAL D 81 -12.53 29.18 56.61
C VAL D 81 -12.99 30.32 55.72
N LYS D 82 -14.23 30.77 55.89
CA LYS D 82 -14.70 31.92 55.14
C LYS D 82 -13.88 33.15 55.49
N SER D 83 -13.67 33.40 56.79
CA SER D 83 -12.85 34.54 57.20
C SER D 83 -11.36 34.30 56.95
N TRP D 84 -10.95 33.06 56.72
CA TRP D 84 -9.54 32.72 56.59
C TRP D 84 -9.03 32.77 55.15
N LEU D 85 -9.88 32.45 54.17
CA LEU D 85 -9.39 32.36 52.79
C LEU D 85 -9.13 33.74 52.18
N LYS D 86 -10.13 34.61 52.17
CA LYS D 86 -9.97 35.91 51.51
C LYS D 86 -8.73 36.68 51.91
N PRO D 87 -8.29 36.72 53.17
CA PRO D 87 -6.99 37.36 53.44
C PRO D 87 -5.81 36.60 52.83
N ARG D 88 -6.03 35.41 52.26
CA ARG D 88 -4.95 34.69 51.59
C ARG D 88 -5.35 34.21 50.20
N LEU D 89 -6.64 34.01 49.97
CA LEU D 89 -7.10 33.56 48.67
C LEU D 89 -6.89 34.67 47.65
N GLY D 90 -6.34 34.32 46.49
CA GLY D 90 -6.11 35.27 45.44
C GLY D 90 -5.01 36.28 45.71
N GLN D 91 -4.24 36.09 46.77
CA GLN D 91 -3.17 37.01 47.15
C GLN D 91 -1.83 36.50 46.64
N GLU D 92 -0.77 37.22 47.00
CA GLU D 92 0.58 36.89 46.59
C GLU D 92 1.30 36.16 47.71
N ALA D 93 1.91 35.03 47.38
CA ALA D 93 2.71 34.27 48.32
C ALA D 93 4.06 33.96 47.69
N THR D 94 5.11 33.99 48.52
CA THR D 94 6.47 33.76 48.07
C THR D 94 7.03 32.55 48.81
N VAL D 95 7.23 31.45 48.08
CA VAL D 95 7.82 30.23 48.63
C VAL D 95 9.14 30.01 47.90
N GLY D 96 10.24 30.07 48.64
CA GLY D 96 11.54 29.97 48.02
C GLY D 96 11.75 31.12 47.05
N LYS D 97 12.29 30.79 45.87
CA LYS D 97 12.49 31.75 44.80
C LYS D 97 11.23 32.01 43.98
N ALA D 98 10.16 31.27 44.22
CA ALA D 98 8.94 31.38 43.43
C ALA D 98 7.88 32.20 44.16
N THR D 99 7.10 32.94 43.37
CA THR D 99 5.97 33.69 43.87
C THR D 99 4.79 33.49 42.93
N GLY D 100 3.59 33.49 43.49
CA GLY D 100 2.40 33.31 42.67
C GLY D 100 1.14 33.55 43.48
N PHE D 101 0.01 33.45 42.79
CA PHE D 101 -1.29 33.68 43.40
C PHE D 101 -1.68 32.49 44.28
N LEU D 102 -2.91 32.49 44.77
CA LEU D 102 -3.49 31.37 45.50
C LEU D 102 -4.85 31.10 44.88
N LYS D 103 -4.87 30.35 43.78
CA LYS D 103 -6.11 30.10 43.05
C LYS D 103 -6.78 28.79 43.41
N ASN D 104 -6.18 27.99 44.29
CA ASN D 104 -6.73 26.66 44.58
C ASN D 104 -6.46 26.34 46.04
N PHE D 105 -7.51 25.97 46.75
CA PHE D 105 -7.43 25.57 48.14
C PHE D 105 -8.24 24.30 48.33
N LEU D 106 -7.85 23.51 49.33
CA LEU D 106 -8.54 22.26 49.64
C LEU D 106 -9.06 22.33 51.07
N ILE D 107 -10.31 21.95 51.26
CA ILE D 107 -10.92 21.83 52.57
C ILE D 107 -11.24 20.37 52.84
N GLU D 108 -10.81 19.90 54.01
CA GLU D 108 -10.96 18.52 54.45
C GLU D 108 -11.55 18.51 55.86
N PRO D 109 -12.19 17.43 56.27
CA PRO D 109 -12.64 17.33 57.65
C PRO D 109 -11.45 17.39 58.60
N PHE D 110 -11.64 18.03 59.74
CA PHE D 110 -10.63 17.96 60.78
C PHE D 110 -10.66 16.58 61.41
N VAL D 111 -9.48 15.96 61.53
CA VAL D 111 -9.33 14.64 62.12
C VAL D 111 -8.76 14.83 63.53
N PRO D 112 -9.51 14.53 64.58
CA PRO D 112 -8.98 14.69 65.94
C PRO D 112 -8.00 13.58 66.28
N HIS D 113 -6.72 13.92 66.28
CA HIS D 113 -5.65 12.94 66.38
C HIS D 113 -4.60 13.43 67.37
N SER D 114 -3.86 12.47 67.93
CA SER D 114 -2.78 12.76 68.86
C SER D 114 -1.43 12.60 68.19
N GLN D 115 -0.39 13.12 68.84
CA GLN D 115 0.96 13.07 68.30
C GLN D 115 1.50 11.65 68.21
N ALA D 116 0.93 10.71 68.95
CA ALA D 116 1.39 9.32 68.95
C ALA D 116 0.92 8.54 67.74
N GLU D 117 0.02 9.09 66.92
CA GLU D 117 -0.45 8.43 65.71
C GLU D 117 -0.08 9.21 64.44
N GLU D 118 0.98 10.01 64.50
CA GLU D 118 1.47 10.72 63.32
C GLU D 118 2.48 9.80 62.62
N PHE D 119 2.05 9.18 61.52
CA PHE D 119 2.88 8.24 60.79
C PHE D 119 3.23 8.80 59.41
N TYR D 120 4.40 8.41 58.92
CA TYR D 120 4.90 8.85 57.63
C TYR D 120 5.12 7.62 56.77
N VAL D 121 4.46 7.56 55.61
CA VAL D 121 4.62 6.47 54.66
C VAL D 121 4.99 7.08 53.31
N CYS D 122 6.16 6.73 52.80
CA CYS D 122 6.62 7.19 51.50
C CYS D 122 7.04 6.00 50.65
N ILE D 123 6.66 6.03 49.38
CA ILE D 123 7.09 5.05 48.39
C ILE D 123 7.61 5.81 47.18
N TYR D 124 8.87 5.58 46.84
CA TYR D 124 9.48 6.25 45.70
C TYR D 124 10.27 5.27 44.86
N ALA D 125 10.33 5.55 43.56
CA ALA D 125 10.98 4.67 42.61
C ALA D 125 12.48 4.94 42.55
N THR D 126 13.25 3.86 42.40
CA THR D 126 14.68 3.93 42.12
C THR D 126 14.96 2.99 40.96
N ARG D 127 16.21 2.97 40.52
CA ARG D 127 16.59 2.09 39.41
C ARG D 127 16.45 0.62 39.80
N GLU D 128 16.83 0.28 41.02
CA GLU D 128 16.83 -1.11 41.47
C GLU D 128 15.48 -1.56 42.04
N GLY D 129 14.52 -0.66 42.14
CA GLY D 129 13.20 -1.01 42.62
C GLY D 129 12.55 0.18 43.28
N ASP D 130 11.55 -0.10 44.11
CA ASP D 130 10.82 0.92 44.83
C ASP D 130 11.14 0.82 46.31
N TYR D 131 11.52 1.94 46.90
CA TYR D 131 11.85 2.01 48.31
C TYR D 131 10.62 2.44 49.09
N VAL D 132 10.31 1.74 50.17
CA VAL D 132 9.20 2.09 51.04
C VAL D 132 9.76 2.52 52.37
N LEU D 133 9.47 3.77 52.75
CA LEU D 133 9.92 4.33 54.02
C LEU D 133 8.73 4.48 54.96
N PHE D 134 8.94 4.16 56.24
CA PHE D 134 7.89 4.30 57.24
C PHE D 134 8.52 4.85 58.50
N HIS D 135 7.87 5.84 59.10
CA HIS D 135 8.36 6.47 60.33
C HIS D 135 7.20 6.52 61.32
N HIS D 136 7.46 6.06 62.55
CA HIS D 136 6.41 6.10 63.58
C HIS D 136 6.23 7.50 64.13
N GLU D 137 7.31 8.27 64.22
CA GLU D 137 7.24 9.65 64.69
C GLU D 137 7.22 10.62 63.50
N GLY D 138 6.14 10.53 62.72
CA GLY D 138 5.99 11.34 61.54
C GLY D 138 5.38 12.70 61.84
N GLY D 139 5.09 13.42 60.77
CA GLY D 139 4.48 14.73 60.89
C GLY D 139 5.49 15.86 60.80
N VAL D 140 5.28 16.91 61.60
CA VAL D 140 6.21 18.03 61.62
C VAL D 140 7.56 17.59 62.17
N ASP D 141 7.54 16.73 63.20
CA ASP D 141 8.76 16.30 63.88
C ASP D 141 9.41 15.09 63.21
N VAL D 142 9.18 14.89 61.91
CA VAL D 142 9.74 13.73 61.22
C VAL D 142 11.25 13.80 61.19
N GLY D 143 11.81 15.01 61.07
CA GLY D 143 13.25 15.18 61.00
C GLY D 143 13.83 14.52 59.77
N ASP D 144 15.04 13.96 59.93
CA ASP D 144 15.66 13.22 58.84
C ASP D 144 14.93 11.91 58.62
N VAL D 145 14.62 11.61 57.37
CA VAL D 145 13.83 10.44 57.02
C VAL D 145 14.71 9.29 56.50
N ASP D 146 15.72 9.60 55.69
CA ASP D 146 16.56 8.56 55.14
C ASP D 146 17.47 7.91 56.17
N ALA D 147 17.56 8.48 57.38
CA ALA D 147 18.42 7.96 58.42
C ALA D 147 17.68 7.49 59.67
N LYS D 148 16.40 7.84 59.83
CA LYS D 148 15.66 7.49 61.03
C LYS D 148 14.34 6.78 60.76
N ALA D 149 13.96 6.60 59.50
CA ALA D 149 12.74 5.89 59.14
C ALA D 149 13.08 4.53 58.55
N GLN D 150 12.25 3.54 58.86
CA GLN D 150 12.49 2.19 58.38
C GLN D 150 12.37 2.13 56.87
N LYS D 151 13.39 1.61 56.22
CA LYS D 151 13.47 1.51 54.77
C LYS D 151 13.34 0.07 54.34
N LEU D 152 12.76 -0.14 53.17
CA LEU D 152 12.61 -1.49 52.63
C LEU D 152 12.51 -1.39 51.11
N LEU D 153 13.48 -1.97 50.40
CA LEU D 153 13.47 -2.00 48.95
C LEU D 153 12.64 -3.17 48.45
N VAL D 154 11.76 -2.88 47.49
CA VAL D 154 11.01 -3.90 46.78
C VAL D 154 11.53 -3.90 45.35
N GLY D 155 12.17 -4.98 44.95
CA GLY D 155 12.84 -5.03 43.68
C GLY D 155 11.87 -5.14 42.51
N VAL D 156 12.43 -4.97 41.32
CA VAL D 156 11.64 -5.02 40.10
C VAL D 156 11.06 -6.42 39.94
N ASP D 157 9.77 -6.49 39.58
CA ASP D 157 9.05 -7.75 39.41
C ASP D 157 9.01 -8.56 40.70
N GLU D 158 9.06 -7.89 41.83
CA GLU D 158 8.99 -8.53 43.13
C GLU D 158 7.78 -8.00 43.90
N LYS D 159 7.03 -8.92 44.49
CA LYS D 159 5.82 -8.53 45.20
C LYS D 159 6.15 -8.16 46.64
N LEU D 160 5.42 -7.19 47.17
CA LEU D 160 5.55 -6.79 48.56
C LEU D 160 4.55 -7.62 49.35
N ASN D 161 5.01 -8.78 49.82
CA ASN D 161 4.16 -9.66 50.60
C ASN D 161 3.79 -9.03 51.94
N PRO D 162 2.65 -9.41 52.51
CA PRO D 162 2.24 -8.82 53.79
C PRO D 162 3.26 -9.04 54.90
N GLU D 163 3.92 -10.19 54.92
CA GLU D 163 5.01 -10.40 55.85
C GLU D 163 6.21 -9.54 55.44
N ASP D 164 7.23 -9.55 56.29
CA ASP D 164 8.46 -8.80 56.06
C ASP D 164 8.22 -7.29 56.12
N ILE D 165 6.95 -6.88 56.09
CA ILE D 165 6.59 -5.51 56.45
C ILE D 165 6.56 -5.35 57.96
N LYS D 166 5.95 -6.30 58.65
CA LYS D 166 6.00 -6.31 60.11
C LYS D 166 7.43 -6.54 60.59
N LYS D 167 8.28 -7.11 59.74
CA LYS D 167 9.65 -7.40 60.12
C LYS D 167 10.57 -6.22 59.88
N HIS D 168 10.46 -5.57 58.72
CA HIS D 168 11.39 -4.51 58.34
C HIS D 168 10.82 -3.12 58.54
N LEU D 169 9.56 -2.89 58.17
CA LEU D 169 8.99 -1.55 58.15
C LEU D 169 8.26 -1.17 59.44
N LEU D 170 7.92 -2.13 60.29
CA LEU D 170 7.05 -1.88 61.44
C LEU D 170 7.69 -2.37 62.73
N VAL D 171 8.98 -2.12 62.90
CA VAL D 171 9.63 -2.49 64.16
C VAL D 171 9.13 -1.60 65.29
N HIS D 172 9.06 -0.29 65.04
CA HIS D 172 8.64 0.65 66.07
C HIS D 172 7.14 0.96 66.03
N ALA D 173 6.38 0.31 65.15
CA ALA D 173 4.96 0.56 65.10
C ALA D 173 4.27 0.02 66.36
N PRO D 174 3.23 0.70 66.83
CA PRO D 174 2.46 0.18 67.98
C PRO D 174 1.82 -1.16 67.66
N GLU D 175 1.84 -2.06 68.64
CA GLU D 175 1.39 -3.42 68.42
C GLU D 175 -0.09 -3.46 68.09
N ASP D 176 -0.91 -2.67 68.80
CA ASP D 176 -2.34 -2.71 68.58
C ASP D 176 -2.74 -2.29 67.17
N LYS D 177 -1.88 -1.56 66.47
CA LYS D 177 -2.17 -1.11 65.12
C LYS D 177 -1.16 -1.61 64.10
N LYS D 178 -0.35 -2.61 64.45
CA LYS D 178 0.58 -3.18 63.47
C LYS D 178 -0.15 -3.85 62.31
N GLU D 179 -1.20 -4.63 62.60
CA GLU D 179 -1.82 -5.45 61.57
C GLU D 179 -2.51 -4.59 60.52
N ILE D 180 -3.40 -3.70 60.97
CA ILE D 180 -4.14 -2.87 60.03
C ILE D 180 -3.20 -1.93 59.29
N LEU D 181 -2.18 -1.43 59.98
CA LEU D 181 -1.16 -0.60 59.33
C LEU D 181 -0.47 -1.37 58.21
N ALA D 182 -0.06 -2.61 58.47
CA ALA D 182 0.59 -3.41 57.44
C ALA D 182 -0.34 -3.66 56.26
N SER D 183 -1.62 -3.93 56.55
CA SER D 183 -2.57 -4.13 55.46
C SER D 183 -2.71 -2.88 54.61
N PHE D 184 -2.78 -1.71 55.27
CA PHE D 184 -2.86 -0.46 54.53
C PHE D 184 -1.60 -0.22 53.70
N ILE D 185 -0.42 -0.54 54.24
CA ILE D 185 0.82 -0.33 53.51
C ILE D 185 0.89 -1.24 52.28
N SER D 186 0.46 -2.50 52.43
CA SER D 186 0.40 -3.39 51.28
C SER D 186 -0.56 -2.85 50.23
N GLY D 187 -1.74 -2.40 50.65
CA GLY D 187 -2.68 -1.81 49.70
C GLY D 187 -2.12 -0.57 49.03
N LEU D 188 -1.37 0.23 49.79
CA LEU D 188 -0.77 1.44 49.25
C LEU D 188 0.30 1.09 48.22
N PHE D 189 1.08 0.04 48.47
CA PHE D 189 2.06 -0.39 47.48
C PHE D 189 1.37 -0.90 46.21
N ASN D 190 0.27 -1.63 46.36
CA ASN D 190 -0.49 -2.04 45.18
C ASN D 190 -1.01 -0.83 44.40
N PHE D 191 -1.51 0.17 45.13
CA PHE D 191 -1.96 1.42 44.51
C PHE D 191 -0.82 2.13 43.79
N TYR D 192 0.36 2.16 44.41
CA TYR D 192 1.55 2.76 43.82
C TYR D 192 1.96 2.04 42.55
N GLU D 193 1.84 0.72 42.52
CA GLU D 193 2.39 -0.04 41.41
C GLU D 193 1.41 -0.16 40.25
N ASP D 194 0.12 -0.28 40.51
CA ASP D 194 -0.81 -0.47 39.41
C ASP D 194 -1.24 0.84 38.74
N LEU D 195 -0.98 1.98 39.35
CA LEU D 195 -1.26 3.27 38.71
C LEU D 195 0.00 3.98 38.26
N TYR D 196 1.15 3.29 38.26
CA TYR D 196 2.40 3.84 37.75
C TYR D 196 2.78 5.14 38.43
N PHE D 197 2.66 5.15 39.76
CA PHE D 197 3.21 6.23 40.56
C PHE D 197 4.74 6.10 40.60
N THR D 198 5.42 7.24 40.63
CA THR D 198 6.85 7.24 40.90
C THR D 198 7.20 7.81 42.25
N TYR D 199 6.28 8.52 42.89
CA TYR D 199 6.48 9.08 44.22
C TYR D 199 5.14 9.07 44.92
N LEU D 200 5.11 8.69 46.19
CA LEU D 200 3.86 8.65 46.94
C LEU D 200 4.21 8.81 48.42
N GLU D 201 4.13 10.04 48.90
CA GLU D 201 4.50 10.37 50.27
C GLU D 201 3.25 10.79 51.02
N ILE D 202 2.85 10.01 52.02
CA ILE D 202 1.74 10.35 52.89
C ILE D 202 2.32 10.82 54.21
N ASN D 203 2.13 12.10 54.51
CA ASN D 203 2.69 12.69 55.71
C ASN D 203 1.82 13.86 56.13
N PRO D 204 1.14 13.76 57.28
CA PRO D 204 1.13 12.61 58.18
C PRO D 204 0.10 11.55 57.77
N LEU D 205 0.30 10.30 58.19
CA LEU D 205 -0.72 9.27 58.13
C LEU D 205 -1.21 9.01 59.55
N VAL D 206 -2.52 9.12 59.74
CA VAL D 206 -3.11 8.90 61.06
C VAL D 206 -4.00 7.67 61.01
N VAL D 207 -3.83 6.81 62.00
CA VAL D 207 -4.63 5.61 62.16
C VAL D 207 -5.21 5.60 63.56
N THR D 208 -6.48 5.95 63.67
CA THR D 208 -7.18 5.90 64.94
C THR D 208 -7.96 4.59 65.02
N LYS D 209 -8.70 4.43 66.12
CA LYS D 209 -9.56 3.26 66.26
C LYS D 209 -10.60 3.22 65.15
N ASP D 210 -11.05 4.40 64.68
CA ASP D 210 -12.02 4.47 63.60
C ASP D 210 -11.43 3.90 62.31
N GLY D 211 -10.19 4.28 61.99
CA GLY D 211 -9.57 3.79 60.78
C GLY D 211 -8.30 4.56 60.46
N VAL D 212 -7.93 4.53 59.18
CA VAL D 212 -6.72 5.17 58.70
C VAL D 212 -7.12 6.44 57.97
N TYR D 213 -6.46 7.56 58.31
CA TYR D 213 -6.69 8.84 57.65
C TYR D 213 -5.43 9.25 56.91
N VAL D 214 -5.59 9.60 55.63
CA VAL D 214 -4.51 10.19 54.85
C VAL D 214 -4.73 11.70 54.90
N LEU D 215 -4.08 12.36 55.87
CA LEU D 215 -4.22 13.80 56.01
C LEU D 215 -3.63 14.55 54.82
N ASP D 216 -2.50 14.08 54.30
CA ASP D 216 -1.83 14.76 53.21
C ASP D 216 -1.12 13.74 52.35
N LEU D 217 -0.91 14.08 51.09
CA LEU D 217 -0.10 13.25 50.22
C LEU D 217 0.51 14.11 49.13
N ALA D 218 1.77 13.81 48.80
CA ALA D 218 2.44 14.34 47.64
C ALA D 218 2.77 13.17 46.72
N ALA D 219 2.33 13.27 45.47
CA ALA D 219 2.49 12.17 44.53
C ALA D 219 3.04 12.69 43.21
N LYS D 220 3.97 11.93 42.63
CA LYS D 220 4.44 12.15 41.27
C LYS D 220 4.12 10.91 40.46
N VAL D 221 3.63 11.11 39.25
CA VAL D 221 3.13 10.04 38.41
C VAL D 221 3.90 10.02 37.10
N ASP D 222 4.19 8.82 36.62
CA ASP D 222 4.87 8.64 35.33
C ASP D 222 3.89 8.99 34.22
N ALA D 223 4.03 10.20 33.67
CA ALA D 223 3.07 10.69 32.68
C ALA D 223 3.12 9.86 31.40
N THR D 224 4.29 9.28 31.09
CA THR D 224 4.40 8.47 29.87
C THR D 224 3.55 7.21 29.94
N ALA D 225 3.09 6.82 31.12
CA ALA D 225 2.24 5.65 31.28
C ALA D 225 0.77 5.95 31.01
N ASP D 226 0.49 7.05 30.32
CA ASP D 226 -0.90 7.44 30.05
C ASP D 226 -1.61 6.38 29.21
N TYR D 227 -0.92 5.81 28.22
CA TYR D 227 -1.53 4.79 27.38
C TYR D 227 -1.82 3.49 28.13
N ILE D 228 -1.28 3.33 29.34
CA ILE D 228 -1.57 2.16 30.16
C ILE D 228 -2.66 2.47 31.19
N CYS D 229 -2.46 3.49 32.01
CA CYS D 229 -3.47 3.92 33.00
C CYS D 229 -4.24 5.10 32.42
N LYS D 230 -5.13 4.79 31.47
CA LYS D 230 -6.01 5.80 30.92
C LYS D 230 -7.39 5.77 31.56
N VAL D 231 -7.95 4.58 31.76
CA VAL D 231 -9.25 4.47 32.42
C VAL D 231 -9.12 4.73 33.92
N LYS D 232 -8.00 4.35 34.53
CA LYS D 232 -7.84 4.58 35.97
C LYS D 232 -7.53 6.03 36.28
N TRP D 233 -6.64 6.66 35.50
CA TRP D 233 -6.36 8.07 35.73
C TRP D 233 -7.54 8.94 35.33
N GLY D 234 -8.29 8.54 34.30
CA GLY D 234 -9.33 9.40 33.79
C GLY D 234 -8.71 10.65 33.19
N ASP D 235 -9.27 11.80 33.54
CA ASP D 235 -8.73 13.09 33.07
C ASP D 235 -7.81 13.66 34.15
N ILE D 236 -6.69 12.97 34.33
CA ILE D 236 -5.68 13.40 35.29
C ILE D 236 -5.03 14.68 34.80
N GLU D 237 -4.87 15.64 35.70
CA GLU D 237 -4.24 16.91 35.38
C GLU D 237 -2.96 17.08 36.17
N PHE D 238 -1.96 17.67 35.54
CA PHE D 238 -0.66 17.86 36.16
C PHE D 238 -0.44 19.34 36.43
N PRO D 239 -0.54 19.80 37.69
CA PRO D 239 -0.38 21.21 37.97
C PRO D 239 1.02 21.69 37.64
N PRO D 240 1.17 22.94 37.21
CA PRO D 240 2.50 23.50 37.02
C PRO D 240 3.13 23.79 38.36
N PRO D 241 4.45 23.98 38.41
CA PRO D 241 5.11 24.34 39.67
C PRO D 241 4.56 25.66 40.20
N PHE D 242 4.57 25.81 41.51
CA PHE D 242 4.10 27.05 42.11
C PHE D 242 4.94 28.21 41.60
N GLY D 243 4.27 29.29 41.20
CA GLY D 243 4.92 30.41 40.57
C GLY D 243 4.82 30.43 39.06
N ARG D 244 4.34 29.35 38.46
CA ARG D 244 4.13 29.29 37.02
C ARG D 244 2.65 29.08 36.73
N GLU D 245 2.12 29.85 35.81
CA GLU D 245 0.74 29.72 35.37
C GLU D 245 0.69 28.95 34.07
N ALA D 246 -0.29 28.05 33.96
CA ALA D 246 -0.43 27.22 32.77
C ALA D 246 -0.96 28.05 31.61
N TYR D 247 -0.64 27.59 30.40
CA TYR D 247 -1.10 28.29 29.21
C TYR D 247 -1.75 27.34 28.21
N PRO D 248 -2.77 27.82 27.51
CA PRO D 248 -3.40 27.00 26.46
C PRO D 248 -2.43 26.57 25.38
N GLU D 249 -1.45 27.41 25.07
CA GLU D 249 -0.44 27.02 24.08
C GLU D 249 0.40 25.86 24.59
N GLU D 250 0.75 25.88 25.87
CA GLU D 250 1.47 24.74 26.45
C GLU D 250 0.61 23.48 26.41
N ALA D 251 -0.68 23.61 26.71
CA ALA D 251 -1.56 22.44 26.64
C ALA D 251 -1.69 21.92 25.20
N TYR D 252 -1.78 22.83 24.23
CA TYR D 252 -1.85 22.44 22.83
C TYR D 252 -0.59 21.69 22.40
N ILE D 253 0.57 22.20 22.79
CA ILE D 253 1.82 21.54 22.43
C ILE D 253 1.92 20.19 23.12
N ALA D 254 1.45 20.09 24.36
CA ALA D 254 1.48 18.81 25.07
C ALA D 254 0.57 17.79 24.40
N ASP D 255 -0.61 18.22 23.94
CA ASP D 255 -1.48 17.30 23.19
C ASP D 255 -0.81 16.84 21.90
N LEU D 256 -0.19 17.78 21.18
CA LEU D 256 0.51 17.41 19.95
C LEU D 256 1.62 16.41 20.23
N ASP D 257 2.36 16.62 21.33
CA ASP D 257 3.44 15.71 21.69
C ASP D 257 2.90 14.33 22.03
N ALA D 258 1.82 14.27 22.82
CA ALA D 258 1.25 13.00 23.19
C ALA D 258 0.62 12.26 22.02
N LYS D 259 0.31 12.98 20.94
CA LYS D 259 -0.39 12.38 19.81
C LYS D 259 0.55 11.65 18.85
N SER D 260 1.85 11.66 19.09
CA SER D 260 2.81 11.10 18.14
C SER D 260 4.03 10.58 18.87
N GLY D 261 4.87 9.85 18.12
CA GLY D 261 6.13 9.36 18.62
C GLY D 261 7.25 10.37 18.66
N ALA D 262 7.06 11.54 18.05
CA ALA D 262 8.02 12.63 18.13
C ALA D 262 7.84 13.39 19.45
N SER D 263 8.84 14.19 19.78
CA SER D 263 8.86 14.97 21.01
C SER D 263 8.62 16.43 20.68
N LEU D 264 7.68 17.05 21.39
CA LEU D 264 7.36 18.47 21.22
C LEU D 264 7.14 19.06 22.60
N LYS D 265 8.13 19.78 23.11
CA LYS D 265 8.08 20.36 24.44
C LYS D 265 8.03 21.88 24.32
N LEU D 266 7.13 22.50 25.08
CA LEU D 266 7.07 23.95 25.18
C LEU D 266 6.74 24.35 26.60
N THR D 267 7.56 25.23 27.18
CA THR D 267 7.34 25.74 28.52
C THR D 267 7.59 27.23 28.50
N LEU D 268 6.59 28.01 28.92
CA LEU D 268 6.67 29.46 28.91
C LEU D 268 7.20 29.95 30.26
N LEU D 269 8.39 30.55 30.25
CA LEU D 269 9.02 31.07 31.45
C LEU D 269 8.77 32.56 31.65
N ASN D 270 8.74 33.34 30.58
CA ASN D 270 8.53 34.77 30.67
C ASN D 270 7.86 35.24 29.39
N PRO D 271 6.52 35.27 29.35
CA PRO D 271 5.83 35.78 28.16
C PRO D 271 6.28 37.18 27.75
N LYS D 272 6.78 37.98 28.68
CA LYS D 272 7.26 39.32 28.38
C LYS D 272 8.68 39.32 27.84
N GLY D 273 9.35 38.17 27.81
CA GLY D 273 10.71 38.11 27.35
C GLY D 273 10.82 38.27 25.85
N ARG D 274 12.01 38.67 25.42
CA ARG D 274 12.28 38.97 24.02
C ARG D 274 13.09 37.90 23.31
N ILE D 275 13.55 36.88 24.02
CA ILE D 275 14.32 35.80 23.43
C ILE D 275 13.43 34.56 23.35
N TRP D 276 13.22 34.06 22.15
CA TRP D 276 12.44 32.86 21.92
C TRP D 276 13.30 31.86 21.13
N THR D 277 13.08 30.58 21.41
CA THR D 277 13.92 29.54 20.85
C THR D 277 13.09 28.51 20.10
N MET D 278 13.64 28.04 18.97
CA MET D 278 13.14 26.91 18.20
C MET D 278 14.31 25.95 18.03
N VAL D 279 14.54 25.11 19.03
CA VAL D 279 15.71 24.25 19.07
C VAL D 279 15.26 22.80 18.91
N ALA D 280 15.97 22.07 18.04
CA ALA D 280 15.73 20.65 17.87
C ALA D 280 16.61 19.87 18.82
N GLY D 281 16.01 18.98 19.61
CA GLY D 281 16.76 18.16 20.53
C GLY D 281 16.73 18.67 21.95
N GLY D 282 16.50 17.77 22.92
CA GLY D 282 16.48 18.19 24.30
C GLY D 282 17.83 18.69 24.79
N GLY D 283 18.90 17.96 24.46
CA GLY D 283 20.22 18.41 24.87
C GLY D 283 20.63 19.70 24.22
N ALA D 284 20.32 19.87 22.94
CA ALA D 284 20.62 21.12 22.25
C ALA D 284 19.82 22.27 22.86
N SER D 285 18.55 22.04 23.19
CA SER D 285 17.76 23.09 23.82
C SER D 285 18.32 23.46 25.17
N VAL D 286 18.75 22.46 25.96
CA VAL D 286 19.33 22.74 27.27
C VAL D 286 20.60 23.56 27.13
N VAL D 287 21.49 23.16 26.22
CA VAL D 287 22.76 23.89 26.08
C VAL D 287 22.51 25.30 25.53
N TYR D 288 21.55 25.48 24.63
CA TYR D 288 21.18 26.83 24.18
C TYR D 288 20.66 27.66 25.34
N SER D 289 19.87 27.06 26.23
CA SER D 289 19.37 27.78 27.39
C SER D 289 20.52 28.19 28.31
N ASP D 290 21.47 27.28 28.54
CA ASP D 290 22.61 27.63 29.37
C ASP D 290 23.43 28.73 28.73
N THR D 291 23.58 28.72 27.41
CA THR D 291 24.30 29.79 26.73
C THR D 291 23.57 31.12 26.88
N ILE D 292 22.25 31.11 26.73
CA ILE D 292 21.48 32.35 26.84
C ILE D 292 21.61 32.94 28.24
N CYS D 293 21.48 32.11 29.26
CA CYS D 293 21.63 32.62 30.62
C CYS D 293 23.09 32.83 31.02
N ASP D 294 24.04 32.35 30.23
CA ASP D 294 25.44 32.67 30.48
C ASP D 294 25.80 34.09 30.07
N LEU D 295 25.08 34.65 29.11
CA LEU D 295 25.31 36.02 28.66
C LEU D 295 24.36 37.01 29.31
N GLY D 296 23.61 36.59 30.33
CA GLY D 296 22.73 37.49 31.04
C GLY D 296 21.33 37.59 30.47
N GLY D 297 20.92 36.67 29.61
CA GLY D 297 19.60 36.73 29.01
C GLY D 297 18.56 35.90 29.74
N VAL D 298 18.86 35.52 30.98
CA VAL D 298 17.95 34.68 31.74
C VAL D 298 16.64 35.41 32.02
N ASN D 299 16.72 36.71 32.34
CA ASN D 299 15.51 37.46 32.62
C ASN D 299 14.66 37.64 31.37
N GLU D 300 15.31 37.76 30.20
CA GLU D 300 14.58 37.95 28.96
C GLU D 300 14.34 36.66 28.19
N LEU D 301 14.76 35.51 28.71
CA LEU D 301 14.45 34.25 28.06
C LEU D 301 12.97 33.93 28.27
N ALA D 302 12.25 33.75 27.18
CA ALA D 302 10.80 33.64 27.23
C ALA D 302 10.32 32.21 27.42
N ASN D 303 10.91 31.27 26.71
CA ASN D 303 10.42 29.90 26.72
C ASN D 303 11.59 28.93 26.74
N TYR D 304 11.30 27.71 27.18
CA TYR D 304 12.15 26.56 26.91
C TYR D 304 11.36 25.62 26.02
N GLY D 305 11.91 25.26 24.88
CA GLY D 305 11.20 24.40 23.94
C GLY D 305 12.15 23.51 23.18
N GLU D 306 11.58 22.42 22.67
CA GLU D 306 12.32 21.49 21.86
C GLU D 306 11.41 20.71 20.93
N TYR D 307 11.93 20.27 19.80
CA TYR D 307 11.19 19.40 18.92
C TYR D 307 12.23 18.34 18.56
N SER D 308 11.89 17.05 18.68
CA SER D 308 12.80 15.96 18.38
C SER D 308 12.01 14.82 17.77
N GLY D 309 12.70 13.71 17.53
CA GLY D 309 12.04 12.52 17.04
C GLY D 309 11.58 12.58 15.62
N ALA D 310 12.22 13.44 14.81
CA ALA D 310 11.83 13.69 13.43
C ALA D 310 10.36 14.08 13.35
N PRO D 311 9.99 15.27 13.82
CA PRO D 311 8.61 15.73 13.65
C PRO D 311 8.29 15.94 12.18
N SER D 312 7.02 15.78 11.85
CA SER D 312 6.59 15.98 10.48
C SER D 312 6.57 17.48 10.15
N GLU D 313 6.37 17.77 8.87
CA GLU D 313 6.21 19.15 8.43
C GLU D 313 5.00 19.80 9.09
N GLN D 314 3.88 19.07 9.19
CA GLN D 314 2.69 19.63 9.82
C GLN D 314 2.91 19.87 11.31
N GLN D 315 3.54 18.93 12.01
CA GLN D 315 3.80 19.12 13.44
C GLN D 315 4.75 20.28 13.67
N THR D 316 5.78 20.40 12.85
CA THR D 316 6.73 21.50 13.00
C THR D 316 6.04 22.83 12.71
N TYR D 317 5.16 22.86 11.71
CA TYR D 317 4.39 24.06 11.43
C TYR D 317 3.51 24.45 12.60
N ASP D 318 2.82 23.48 13.21
CA ASP D 318 1.95 23.78 14.33
C ASP D 318 2.74 24.33 15.51
N TYR D 319 3.87 23.70 15.81
CA TYR D 319 4.74 24.18 16.88
C TYR D 319 5.23 25.59 16.60
N ALA D 320 5.71 25.83 15.37
CA ALA D 320 6.25 27.13 15.03
C ALA D 320 5.20 28.21 15.08
N LYS D 321 3.99 27.93 14.58
CA LYS D 321 2.93 28.93 14.60
C LYS D 321 2.46 29.22 16.02
N THR D 322 2.47 28.22 16.90
CA THR D 322 2.15 28.48 18.30
C THR D 322 3.16 29.43 18.93
N ILE D 323 4.45 29.17 18.73
CA ILE D 323 5.45 30.08 19.28
C ILE D 323 5.39 31.46 18.61
N LEU D 324 5.07 31.50 17.32
CA LEU D 324 5.00 32.79 16.63
C LEU D 324 3.85 33.63 17.17
N SER D 325 2.70 33.00 17.40
CA SER D 325 1.58 33.72 18.00
C SER D 325 1.91 34.17 19.41
N LEU D 326 2.63 33.34 20.18
CA LEU D 326 3.01 33.76 21.52
C LEU D 326 4.00 34.92 21.50
N MET D 327 4.90 34.92 20.52
CA MET D 327 5.87 35.99 20.38
C MET D 327 5.26 37.29 19.88
N THR D 328 4.11 37.22 19.21
CA THR D 328 3.49 38.42 18.64
C THR D 328 2.29 38.90 19.45
N ARG D 329 2.35 38.77 20.77
CA ARG D 329 1.28 39.27 21.63
C ARG D 329 1.59 40.67 22.17
N GLU D 330 2.65 40.82 22.95
CA GLU D 330 3.07 42.12 23.45
C GLU D 330 4.04 42.74 22.45
N LYS D 331 4.64 43.87 22.82
CA LYS D 331 5.64 44.54 21.99
C LYS D 331 6.81 44.94 22.88
N HIS D 332 8.03 44.79 22.34
CA HIS D 332 9.22 45.12 23.08
C HIS D 332 9.94 46.28 22.40
N PRO D 333 10.34 47.31 23.12
CA PRO D 333 11.07 48.43 22.49
C PRO D 333 12.37 47.99 21.82
N ASP D 334 13.06 47.02 22.40
CA ASP D 334 14.33 46.54 21.87
C ASP D 334 14.17 45.48 20.79
N GLY D 335 12.94 45.11 20.46
CA GLY D 335 12.70 44.04 19.52
C GLY D 335 12.70 42.69 20.18
N LYS D 336 12.50 41.66 19.36
CA LYS D 336 12.45 40.29 19.84
C LYS D 336 13.35 39.41 18.98
N ILE D 337 13.82 38.33 19.58
CA ILE D 337 14.78 37.43 18.94
C ILE D 337 14.18 36.03 18.91
N LEU D 338 14.25 35.39 17.75
CA LEU D 338 13.85 34.00 17.58
C LEU D 338 15.10 33.20 17.24
N ILE D 339 15.51 32.32 18.15
CA ILE D 339 16.67 31.47 17.96
C ILE D 339 16.18 30.12 17.44
N ILE D 340 16.32 29.90 16.13
CA ILE D 340 15.99 28.61 15.53
C ILE D 340 17.32 27.86 15.44
N GLY D 341 17.66 27.17 16.53
CA GLY D 341 18.91 26.47 16.64
C GLY D 341 18.75 24.96 16.55
N GLY D 342 19.78 24.26 16.99
CA GLY D 342 19.81 22.82 16.95
C GLY D 342 21.21 22.32 16.73
N SER D 343 21.41 21.04 17.00
CA SER D 343 22.67 20.36 16.73
C SER D 343 22.69 19.94 15.27
N ILE D 344 23.63 19.07 14.91
CA ILE D 344 23.58 18.38 13.63
C ILE D 344 22.65 17.18 13.80
N ALA D 345 21.50 17.22 13.14
CA ALA D 345 20.51 16.17 13.30
C ALA D 345 21.03 14.84 12.79
N ASN D 346 20.60 13.75 13.43
CA ASN D 346 20.91 12.42 12.97
C ASN D 346 19.91 11.94 11.92
N PHE D 347 18.62 12.11 12.20
CA PHE D 347 17.60 11.67 11.27
C PHE D 347 16.41 12.62 11.14
N THR D 348 16.39 13.74 11.85
CA THR D 348 15.35 14.74 11.66
C THR D 348 15.52 15.39 10.30
N ASN D 349 14.48 15.31 9.47
CA ASN D 349 14.50 15.95 8.17
C ASN D 349 14.52 17.46 8.33
N VAL D 350 15.71 18.06 8.16
CA VAL D 350 15.82 19.50 8.28
C VAL D 350 15.00 20.19 7.20
N ALA D 351 14.96 19.61 5.99
CA ALA D 351 14.16 20.20 4.93
C ALA D 351 12.69 20.29 5.32
N ALA D 352 12.11 19.18 5.80
CA ALA D 352 10.69 19.19 6.16
C ALA D 352 10.41 20.09 7.35
N THR D 353 11.26 20.02 8.39
CA THR D 353 11.02 20.87 9.56
C THR D 353 11.14 22.35 9.20
N PHE D 354 12.14 22.71 8.40
CA PHE D 354 12.29 24.12 8.03
C PHE D 354 11.21 24.56 7.06
N LYS D 355 10.66 23.64 6.26
CA LYS D 355 9.49 23.99 5.46
C LYS D 355 8.31 24.33 6.35
N GLY D 356 8.08 23.54 7.39
CA GLY D 356 7.02 23.88 8.34
C GLY D 356 7.26 25.23 9.01
N ILE D 357 8.50 25.49 9.42
CA ILE D 357 8.82 26.76 10.07
C ILE D 357 8.62 27.93 9.12
N VAL D 358 9.07 27.80 7.88
CA VAL D 358 8.95 28.93 6.95
C VAL D 358 7.50 29.14 6.54
N ARG D 359 6.70 28.08 6.48
CA ARG D 359 5.27 28.26 6.26
C ARG D 359 4.63 29.03 7.40
N ALA D 360 5.00 28.71 8.64
CA ALA D 360 4.52 29.50 9.78
C ALA D 360 5.00 30.95 9.70
N ILE D 361 6.24 31.15 9.27
CA ILE D 361 6.80 32.50 9.18
C ILE D 361 6.05 33.31 8.13
N ARG D 362 5.74 32.69 6.99
CA ARG D 362 4.94 33.38 5.98
C ARG D 362 3.55 33.69 6.52
N ASP D 363 2.97 32.77 7.30
CA ASP D 363 1.65 33.02 7.86
C ASP D 363 1.65 34.12 8.92
N TYR D 364 2.78 34.38 9.58
CA TYR D 364 2.86 35.41 10.60
C TYR D 364 3.76 36.58 10.24
N GLN D 365 4.12 36.72 8.95
CA GLN D 365 5.07 37.77 8.55
C GLN D 365 4.60 39.17 8.89
N GLY D 366 3.29 39.40 9.00
CA GLY D 366 2.78 40.69 9.36
C GLY D 366 3.17 41.10 10.76
N PRO D 367 2.63 40.41 11.76
CA PRO D 367 3.00 40.70 13.15
C PRO D 367 4.48 40.52 13.43
N LEU D 368 5.14 39.58 12.74
CA LEU D 368 6.58 39.40 12.93
C LEU D 368 7.35 40.63 12.47
N LYS D 369 6.95 41.20 11.33
CA LYS D 369 7.64 42.38 10.81
C LYS D 369 7.33 43.60 11.66
N GLU D 370 6.10 43.74 12.11
CA GLU D 370 5.76 44.89 12.95
C GLU D 370 6.25 44.74 14.38
N HIS D 371 6.72 43.55 14.76
CA HIS D 371 7.28 43.31 16.09
C HIS D 371 8.79 43.41 16.12
N GLU D 372 9.43 43.73 14.99
CA GLU D 372 10.89 43.81 14.90
C GLU D 372 11.55 42.53 15.38
N VAL D 373 11.02 41.40 14.92
CA VAL D 373 11.55 40.09 15.29
C VAL D 373 12.71 39.75 14.37
N THR D 374 13.86 39.47 14.96
CA THR D 374 15.06 39.08 14.23
C THR D 374 15.32 37.60 14.46
N ILE D 375 15.63 36.87 13.40
CA ILE D 375 15.71 35.42 13.42
C ILE D 375 17.15 34.99 13.16
N PHE D 376 17.70 34.19 14.06
CA PHE D 376 19.03 33.62 13.93
C PHE D 376 18.91 32.10 13.86
N VAL D 377 19.44 31.52 12.80
CA VAL D 377 19.23 30.10 12.50
C VAL D 377 20.59 29.42 12.40
N ARG D 378 20.75 28.33 13.13
CA ARG D 378 21.90 27.44 12.98
C ARG D 378 21.35 26.02 12.95
N ARG D 379 21.74 25.25 11.93
CA ARG D 379 21.22 23.91 11.83
C ARG D 379 22.11 23.07 10.93
N GLY D 380 22.16 21.78 11.24
CA GLY D 380 22.78 20.79 10.38
C GLY D 380 21.99 19.50 10.50
N GLY D 381 22.21 18.63 9.52
CA GLY D 381 21.54 17.35 9.52
C GLY D 381 21.10 16.95 8.13
N PRO D 382 20.20 15.99 8.02
CA PRO D 382 19.77 15.50 6.70
C PRO D 382 19.07 16.59 5.91
N ASN D 383 19.60 16.87 4.73
CA ASN D 383 19.05 17.87 3.81
C ASN D 383 19.00 19.26 4.45
N TYR D 384 20.05 19.62 5.19
CA TYR D 384 20.06 20.93 5.83
C TYR D 384 20.31 22.05 4.83
N GLN D 385 20.95 21.75 3.70
CA GLN D 385 21.19 22.79 2.71
C GLN D 385 19.88 23.33 2.16
N GLU D 386 18.93 22.44 1.86
CA GLU D 386 17.63 22.89 1.38
C GLU D 386 16.91 23.71 2.43
N GLY D 387 16.96 23.29 3.70
CA GLY D 387 16.29 24.04 4.75
C GLY D 387 16.89 25.41 4.97
N LEU D 388 18.22 25.51 4.98
CA LEU D 388 18.87 26.81 5.09
C LEU D 388 18.51 27.68 3.89
N ARG D 389 18.47 27.08 2.70
CA ARG D 389 18.11 27.82 1.49
C ARG D 389 16.71 28.40 1.60
N VAL D 390 15.74 27.58 2.00
CA VAL D 390 14.36 28.06 2.05
C VAL D 390 14.16 29.09 3.16
N MET D 391 14.85 28.94 4.29
CA MET D 391 14.75 29.98 5.32
C MET D 391 15.40 31.28 4.86
N GLY D 392 16.54 31.20 4.17
CA GLY D 392 17.11 32.40 3.59
C GLY D 392 16.18 33.06 2.59
N GLU D 393 15.50 32.26 1.77
CA GLU D 393 14.56 32.81 0.80
C GLU D 393 13.37 33.48 1.49
N VAL D 394 12.82 32.85 2.53
CA VAL D 394 11.71 33.47 3.24
C VAL D 394 12.17 34.78 3.90
N GLY D 395 13.44 34.85 4.31
CA GLY D 395 13.95 36.06 4.90
C GLY D 395 13.92 37.27 3.99
N LYS D 396 13.94 37.07 2.68
CA LYS D 396 13.82 38.17 1.73
C LYS D 396 12.43 38.29 1.13
N THR D 397 11.74 37.17 0.90
CA THR D 397 10.39 37.20 0.37
C THR D 397 9.37 37.67 1.38
N THR D 398 9.75 37.82 2.65
CA THR D 398 8.86 38.41 3.64
C THR D 398 9.37 39.71 4.22
N GLY D 399 10.67 39.96 4.21
CA GLY D 399 11.24 41.13 4.82
C GLY D 399 11.76 40.93 6.22
N ILE D 400 11.55 39.76 6.81
CA ILE D 400 12.04 39.49 8.17
C ILE D 400 13.55 39.32 8.11
N PRO D 401 14.30 39.98 8.98
CA PRO D 401 15.76 39.79 8.97
C PRO D 401 16.14 38.43 9.53
N ILE D 402 16.51 37.51 8.66
CA ILE D 402 16.84 36.13 9.04
C ILE D 402 18.28 35.86 8.65
N HIS D 403 19.10 35.49 9.62
CA HIS D 403 20.49 35.11 9.40
C HIS D 403 20.59 33.61 9.63
N VAL D 404 20.84 32.86 8.57
CA VAL D 404 20.95 31.42 8.65
C VAL D 404 22.41 31.03 8.55
N PHE D 405 22.80 30.04 9.33
CA PHE D 405 24.15 29.49 9.34
C PHE D 405 24.06 27.98 9.35
N GLY D 406 25.19 27.33 9.08
CA GLY D 406 25.22 25.88 9.00
C GLY D 406 26.16 25.23 9.99
N THR D 407 26.77 24.13 9.57
CA THR D 407 27.62 23.35 10.46
C THR D 407 28.89 24.10 10.83
N GLU D 408 29.40 24.95 9.93
CA GLU D 408 30.64 25.68 10.19
C GLU D 408 30.56 26.54 11.45
N THR D 409 29.36 26.90 11.87
CA THR D 409 29.18 27.66 13.10
C THR D 409 29.15 26.73 14.31
N HIS D 410 29.72 27.19 15.42
CA HIS D 410 29.90 26.37 16.61
C HIS D 410 28.60 26.11 17.36
N MET D 411 27.50 26.68 16.91
CA MET D 411 26.14 26.44 17.38
C MET D 411 25.86 27.06 18.74
N THR D 412 26.90 27.40 19.50
CA THR D 412 26.72 28.35 20.57
C THR D 412 27.29 29.69 20.13
N ALA D 413 26.88 30.15 18.96
CA ALA D 413 27.37 31.40 18.40
C ALA D 413 26.23 32.31 17.97
N ILE D 414 25.14 31.75 17.44
CA ILE D 414 23.99 32.56 17.07
C ILE D 414 23.39 33.22 18.30
N VAL D 415 23.51 32.59 19.47
CA VAL D 415 23.12 33.25 20.70
C VAL D 415 23.98 34.48 20.95
N GLY D 416 25.29 34.35 20.76
CA GLY D 416 26.17 35.49 20.98
C GLY D 416 25.89 36.63 20.02
N MET D 417 25.60 36.32 18.77
CA MET D 417 25.36 37.39 17.80
C MET D 417 23.92 37.88 17.82
N ALA D 418 23.03 37.19 18.54
CA ALA D 418 21.67 37.68 18.75
C ALA D 418 21.57 38.56 19.99
N LEU D 419 22.21 38.17 21.07
CA LEU D 419 22.19 38.97 22.28
C LEU D 419 23.16 40.14 22.22
N GLY D 420 23.90 40.29 21.13
CA GLY D 420 24.77 41.44 20.95
C GLY D 420 26.09 41.32 21.69
N HIS D 421 26.73 40.16 21.58
CA HIS D 421 28.02 39.93 22.21
C HIS D 421 29.13 39.58 21.22
N ARG D 422 28.80 39.12 20.03
CA ARG D 422 29.78 38.80 19.00
C ARG D 422 29.28 39.33 17.66
N PRO D 423 30.19 39.62 16.73
CA PRO D 423 29.76 40.09 15.41
C PRO D 423 29.05 39.00 14.62
N ILE D 424 28.18 39.43 13.71
CA ILE D 424 27.42 38.53 12.86
C ILE D 424 28.20 38.32 11.58
N PRO D 425 28.68 37.10 11.28
CA PRO D 425 29.39 36.82 10.03
C PRO D 425 28.53 37.07 8.80
N GLY D 487 27.25 -12.27 31.78
CA GLY D 487 28.10 -11.10 31.89
C GLY D 487 28.05 -10.21 30.65
N LYS D 488 28.33 -8.92 30.84
CA LYS D 488 28.30 -7.94 29.77
C LYS D 488 29.70 -7.73 29.24
N SER D 489 29.86 -7.83 27.92
CA SER D 489 31.17 -7.79 27.29
C SER D 489 31.69 -6.35 27.19
N THR D 490 32.99 -6.25 26.92
CA THR D 490 33.65 -4.96 26.77
C THR D 490 33.55 -4.42 25.35
N THR D 491 33.67 -5.29 24.34
CA THR D 491 33.57 -4.90 22.95
C THR D 491 32.17 -5.26 22.46
N LEU D 492 31.32 -4.24 22.28
CA LEU D 492 29.98 -4.48 21.78
C LEU D 492 29.96 -4.64 20.26
N PHE D 493 30.80 -3.89 19.56
CA PHE D 493 30.77 -3.85 18.10
C PHE D 493 32.16 -4.02 17.51
N SER D 494 32.20 -4.66 16.34
CA SER D 494 33.43 -4.88 15.61
C SER D 494 33.10 -4.82 14.12
N ARG D 495 34.11 -5.09 13.29
CA ARG D 495 33.91 -5.06 11.84
C ARG D 495 33.10 -6.25 11.33
N HIS D 496 32.86 -7.25 12.16
CA HIS D 496 32.08 -8.42 11.78
C HIS D 496 30.73 -8.46 12.47
N THR D 497 30.34 -7.38 13.14
CA THR D 497 29.08 -7.35 13.87
C THR D 497 27.92 -7.38 12.88
N LYS D 498 26.97 -8.27 13.14
CA LYS D 498 25.76 -8.39 12.35
C LYS D 498 24.55 -8.05 13.21
N ALA D 499 23.64 -7.26 12.67
CA ALA D 499 22.49 -6.80 13.42
C ALA D 499 21.20 -7.20 12.72
N ILE D 500 20.15 -7.34 13.51
CA ILE D 500 18.79 -7.51 13.02
C ILE D 500 18.03 -6.23 13.36
N VAL D 501 17.32 -5.68 12.38
CA VAL D 501 16.56 -4.46 12.56
C VAL D 501 15.10 -4.83 12.72
N TRP D 502 14.49 -4.38 13.82
CA TRP D 502 13.07 -4.59 14.05
C TRP D 502 12.29 -3.39 13.49
N GLY D 503 11.48 -3.66 12.47
CA GLY D 503 10.69 -2.64 11.82
C GLY D 503 11.24 -2.30 10.44
N MET D 504 10.35 -1.77 9.60
CA MET D 504 10.71 -1.23 8.29
C MET D 504 11.32 0.15 8.45
N GLN D 505 12.65 0.18 8.56
CA GLN D 505 13.40 1.42 8.54
C GLN D 505 14.42 1.30 7.40
N THR D 506 13.95 1.52 6.18
CA THR D 506 14.79 1.31 5.01
C THR D 506 15.83 2.40 4.87
N ARG D 507 15.48 3.64 5.21
CA ARG D 507 16.46 4.71 5.20
C ARG D 507 17.56 4.45 6.23
N ALA D 508 17.18 4.00 7.42
CA ALA D 508 18.19 3.71 8.45
C ALA D 508 19.08 2.55 8.03
N VAL D 509 18.50 1.49 7.47
CA VAL D 509 19.29 0.35 7.03
C VAL D 509 20.21 0.75 5.87
N GLN D 510 19.73 1.59 4.95
CA GLN D 510 20.57 2.03 3.85
C GLN D 510 21.71 2.92 4.34
N GLY D 511 21.45 3.79 5.32
CA GLY D 511 22.53 4.56 5.89
C GLY D 511 23.56 3.68 6.58
N MET D 512 23.08 2.65 7.28
CA MET D 512 23.98 1.65 7.85
C MET D 512 24.85 0.99 6.79
N LEU D 513 24.25 0.60 5.67
CA LEU D 513 25.00 -0.06 4.60
C LEU D 513 25.99 0.88 3.96
N ASP D 514 25.62 2.14 3.76
CA ASP D 514 26.54 3.13 3.22
C ASP D 514 27.72 3.33 4.14
N PHE D 515 27.46 3.40 5.45
CA PHE D 515 28.54 3.50 6.43
C PHE D 515 29.46 2.29 6.36
N ASP D 516 28.89 1.09 6.27
CA ASP D 516 29.71 -0.11 6.19
C ASP D 516 30.57 -0.11 4.93
N TYR D 517 30.00 0.36 3.81
CA TYR D 517 30.76 0.40 2.56
C TYR D 517 31.90 1.40 2.64
N VAL D 518 31.64 2.61 3.14
CA VAL D 518 32.72 3.59 3.25
C VAL D 518 33.70 3.25 4.36
N CYS D 519 33.36 2.32 5.24
CA CYS D 519 34.28 1.83 6.25
C CYS D 519 35.08 0.63 5.77
N SER D 520 34.89 0.22 4.52
CA SER D 520 35.59 -0.91 3.92
C SER D 520 35.31 -2.21 4.66
N ARG D 521 34.06 -2.41 5.05
CA ARG D 521 33.64 -3.66 5.65
C ARG D 521 33.43 -4.72 4.58
N ASP D 522 33.76 -5.96 4.93
CA ASP D 522 33.57 -7.06 3.99
C ASP D 522 32.10 -7.29 3.70
N GLU D 523 31.26 -7.26 4.73
CA GLU D 523 29.84 -7.58 4.60
C GLU D 523 29.00 -6.46 5.20
N PRO D 524 27.75 -6.32 4.75
CA PRO D 524 26.85 -5.38 5.41
C PRO D 524 26.57 -5.75 6.85
N SER D 525 26.37 -4.74 7.69
CA SER D 525 26.15 -4.96 9.11
C SER D 525 24.72 -5.40 9.44
N VAL D 526 23.80 -5.27 8.50
CA VAL D 526 22.42 -5.70 8.71
C VAL D 526 22.22 -7.03 8.00
N ALA D 527 21.94 -8.08 8.78
CA ALA D 527 21.72 -9.39 8.20
C ALA D 527 20.26 -9.63 7.86
N ALA D 528 19.33 -9.11 8.65
CA ALA D 528 17.93 -9.37 8.45
C ALA D 528 17.11 -8.23 9.03
N MET D 529 15.84 -8.20 8.64
CA MET D 529 14.89 -7.21 9.11
C MET D 529 13.66 -7.95 9.61
N VAL D 530 13.04 -7.45 10.67
CA VAL D 530 11.86 -8.08 11.24
C VAL D 530 10.70 -7.09 11.19
N TYR D 531 9.60 -7.51 10.59
CA TYR D 531 8.41 -6.68 10.49
C TYR D 531 7.18 -7.58 10.60
N PRO D 532 6.42 -7.49 11.69
CA PRO D 532 5.33 -8.45 11.92
C PRO D 532 4.12 -8.24 11.03
N PHE D 533 4.03 -7.13 10.29
CA PHE D 533 2.84 -6.82 9.51
C PHE D 533 3.01 -7.13 8.03
N THR D 534 3.92 -8.03 7.69
CA THR D 534 4.08 -8.47 6.30
C THR D 534 4.68 -9.86 6.31
N GLY D 535 4.51 -10.56 5.20
CA GLY D 535 5.11 -11.87 5.05
C GLY D 535 6.60 -11.77 4.76
N ASP D 536 7.28 -12.89 4.94
CA ASP D 536 8.71 -12.94 4.67
C ASP D 536 8.98 -12.65 3.20
N HIS D 537 9.91 -11.74 2.94
CA HIS D 537 10.33 -11.41 1.60
C HIS D 537 11.76 -10.87 1.66
N LYS D 538 12.25 -10.36 0.54
CA LYS D 538 13.58 -9.80 0.45
C LYS D 538 13.47 -8.36 -0.01
N GLN D 539 14.17 -7.47 0.67
CA GLN D 539 14.16 -6.06 0.34
C GLN D 539 15.45 -5.70 -0.38
N LYS D 540 15.33 -4.83 -1.37
CA LYS D 540 16.46 -4.47 -2.21
C LYS D 540 17.20 -3.27 -1.61
N PHE D 541 18.53 -3.39 -1.49
CA PHE D 541 19.36 -2.35 -0.92
C PHE D 541 20.61 -2.19 -1.78
N TYR D 542 21.39 -1.17 -1.45
CA TYR D 542 22.62 -0.83 -2.16
C TYR D 542 23.84 -1.17 -1.31
N TRP D 543 24.76 -1.91 -1.90
CA TRP D 543 26.09 -2.13 -1.34
C TRP D 543 27.08 -1.38 -2.22
N GLY D 544 27.33 -0.12 -1.87
CA GLY D 544 28.05 0.77 -2.75
C GLY D 544 27.21 1.05 -3.98
N HIS D 545 27.67 0.59 -5.14
CA HIS D 545 26.88 0.62 -6.35
C HIS D 545 26.24 -0.72 -6.67
N LYS D 546 26.63 -1.79 -5.98
CA LYS D 546 26.02 -3.09 -6.18
C LYS D 546 24.65 -3.13 -5.52
N GLU D 547 23.79 -4.00 -6.04
CA GLU D 547 22.45 -4.19 -5.51
C GLU D 547 22.43 -5.51 -4.74
N ILE D 548 21.93 -5.46 -3.50
CA ILE D 548 21.87 -6.64 -2.64
C ILE D 548 20.45 -6.77 -2.10
N LEU D 549 20.15 -7.98 -1.62
CA LEU D 549 18.85 -8.29 -1.04
C LEU D 549 19.04 -8.65 0.42
N ILE D 550 18.24 -8.04 1.28
CA ILE D 550 18.25 -8.30 2.72
C ILE D 550 16.93 -8.95 3.09
N PRO D 551 16.93 -10.11 3.73
CA PRO D 551 15.67 -10.77 4.07
C PRO D 551 14.88 -9.99 5.11
N VAL D 552 13.55 -10.08 4.98
CA VAL D 552 12.62 -9.50 5.94
C VAL D 552 11.76 -10.64 6.47
N PHE D 553 11.68 -10.75 7.79
CA PHE D 553 10.95 -11.82 8.44
C PHE D 553 9.77 -11.27 9.23
N LYS D 554 8.68 -12.04 9.23
CA LYS D 554 7.53 -11.70 10.05
C LYS D 554 7.82 -11.92 11.54
N ASN D 555 8.65 -12.90 11.88
CA ASN D 555 8.85 -13.31 13.26
C ASN D 555 10.33 -13.23 13.64
N MET D 556 10.56 -12.95 14.93
CA MET D 556 11.92 -12.96 15.46
C MET D 556 12.57 -14.32 15.32
N ALA D 557 11.80 -15.38 15.59
CA ALA D 557 12.36 -16.72 15.66
C ALA D 557 12.96 -17.15 14.33
N ASP D 558 12.27 -16.86 13.23
CA ASP D 558 12.79 -17.20 11.92
C ASP D 558 14.09 -16.45 11.63
N ALA D 559 14.14 -15.16 11.97
CA ALA D 559 15.33 -14.36 11.70
C ALA D 559 16.53 -14.88 12.49
N MET D 560 16.35 -15.17 13.78
CA MET D 560 17.46 -15.73 14.55
C MET D 560 17.79 -17.16 14.19
N ARG D 561 16.83 -17.91 13.63
CA ARG D 561 17.15 -19.24 13.14
C ARG D 561 18.04 -19.18 11.91
N LYS D 562 17.67 -18.33 10.94
CA LYS D 562 18.43 -18.24 9.70
C LYS D 562 19.68 -17.40 9.81
N HIS D 563 19.86 -16.62 10.88
CA HIS D 563 21.05 -15.80 11.06
C HIS D 563 21.61 -16.00 12.45
N PRO D 564 22.27 -17.13 12.71
CA PRO D 564 22.90 -17.35 14.03
C PRO D 564 24.11 -16.48 14.29
N GLU D 565 24.61 -15.78 13.28
CA GLU D 565 25.76 -14.89 13.44
C GLU D 565 25.38 -13.51 13.95
N VAL D 566 24.09 -13.19 14.04
CA VAL D 566 23.65 -11.90 14.52
C VAL D 566 23.83 -11.82 16.03
N ASP D 567 24.45 -10.74 16.50
CA ASP D 567 24.64 -10.52 17.92
C ASP D 567 24.02 -9.23 18.42
N VAL D 568 23.37 -8.46 17.55
CA VAL D 568 22.85 -7.14 17.90
C VAL D 568 21.43 -7.02 17.37
N LEU D 569 20.55 -6.45 18.19
CA LEU D 569 19.22 -6.05 17.76
C LEU D 569 19.12 -4.53 17.82
N ILE D 570 18.59 -3.93 16.77
CA ILE D 570 18.25 -2.52 16.76
C ILE D 570 16.74 -2.43 16.70
N ASN D 571 16.13 -2.05 17.80
CA ASN D 571 14.68 -2.07 17.95
C ASN D 571 14.12 -0.70 17.58
N PHE D 572 13.46 -0.61 16.44
CA PHE D 572 12.75 0.58 16.02
C PHE D 572 11.27 0.52 16.36
N ALA D 573 10.88 -0.35 17.28
CA ALA D 573 9.50 -0.42 17.73
C ALA D 573 9.11 0.87 18.44
N SER D 574 7.83 1.21 18.37
CA SER D 574 7.32 2.37 19.09
C SER D 574 7.33 2.11 20.58
N LEU D 575 6.91 3.12 21.36
CA LEU D 575 6.90 2.97 22.81
C LEU D 575 5.93 1.88 23.26
N ARG D 576 4.89 1.61 22.48
CA ARG D 576 3.92 0.58 22.85
C ARG D 576 4.37 -0.82 22.48
N SER D 577 5.39 -0.96 21.64
CA SER D 577 5.86 -2.27 21.22
C SER D 577 7.29 -2.55 21.64
N ALA D 578 8.02 -1.53 22.11
CA ALA D 578 9.43 -1.72 22.41
C ALA D 578 9.64 -2.71 23.55
N TYR D 579 8.82 -2.62 24.60
CA TYR D 579 8.99 -3.52 25.74
C TYR D 579 8.79 -4.97 25.34
N ASP D 580 7.71 -5.26 24.62
CA ASP D 580 7.43 -6.63 24.22
C ASP D 580 8.50 -7.14 23.26
N SER D 581 8.90 -6.32 22.30
CA SER D 581 9.94 -6.74 21.35
C SER D 581 11.26 -7.02 22.06
N THR D 582 11.62 -6.17 23.03
CA THR D 582 12.88 -6.36 23.74
C THR D 582 12.84 -7.58 24.65
N MET D 583 11.71 -7.78 25.34
CA MET D 583 11.55 -8.98 26.16
C MET D 583 11.64 -10.24 25.32
N GLU D 584 11.01 -10.24 24.15
CA GLU D 584 11.11 -11.37 23.25
C GLU D 584 12.54 -11.55 22.76
N THR D 585 13.24 -10.44 22.50
CA THR D 585 14.61 -10.53 22.00
C THR D 585 15.55 -11.15 23.02
N MET D 586 15.41 -10.79 24.30
CA MET D 586 16.32 -11.36 25.29
C MET D 586 16.08 -12.84 25.56
N ASN D 587 15.14 -13.48 24.88
CA ASN D 587 15.00 -14.92 24.94
C ASN D 587 15.98 -15.65 24.04
N TYR D 588 16.69 -14.94 23.18
CA TYR D 588 17.72 -15.52 22.32
C TYR D 588 19.09 -15.13 22.86
N ALA D 589 19.91 -16.14 23.15
CA ALA D 589 21.21 -15.90 23.76
C ALA D 589 22.22 -15.34 22.79
N GLN D 590 21.96 -15.41 21.48
CA GLN D 590 22.91 -14.89 20.51
C GLN D 590 22.97 -13.37 20.54
N ILE D 591 21.87 -12.71 20.91
CA ILE D 591 21.85 -11.25 20.96
C ILE D 591 22.51 -10.79 22.24
N ARG D 592 23.61 -10.05 22.11
CA ARG D 592 24.35 -9.54 23.25
C ARG D 592 24.17 -8.04 23.46
N THR D 593 23.72 -7.31 22.45
CA THR D 593 23.46 -5.89 22.57
C THR D 593 22.12 -5.58 21.92
N ILE D 594 21.27 -4.84 22.62
CA ILE D 594 20.01 -4.35 22.09
C ILE D 594 20.03 -2.84 22.16
N ALA D 595 19.68 -2.19 21.06
CA ALA D 595 19.52 -0.75 21.01
C ALA D 595 18.04 -0.44 20.89
N ILE D 596 17.50 0.30 21.85
CA ILE D 596 16.10 0.70 21.84
C ILE D 596 16.03 2.17 21.47
N ILE D 597 15.33 2.46 20.39
CA ILE D 597 15.21 3.83 19.89
C ILE D 597 14.02 4.56 20.45
N ALA D 598 12.96 3.86 20.87
CA ALA D 598 11.70 4.49 21.20
C ALA D 598 11.84 5.42 22.40
N GLU D 599 11.11 6.53 22.33
CA GLU D 599 11.02 7.49 23.43
C GLU D 599 9.60 7.44 24.00
N GLY D 600 9.50 7.58 25.31
CA GLY D 600 8.22 7.55 25.97
C GLY D 600 7.85 6.22 26.61
N ILE D 601 8.79 5.31 26.73
CA ILE D 601 8.53 4.05 27.43
C ILE D 601 8.41 4.34 28.92
N PRO D 602 7.41 3.78 29.60
CA PRO D 602 7.31 4.00 31.05
C PRO D 602 8.51 3.47 31.82
N GLU D 603 8.80 4.16 32.93
CA GLU D 603 9.98 3.83 33.72
C GLU D 603 9.90 2.45 34.36
N ALA D 604 8.71 2.02 34.76
CA ALA D 604 8.56 0.68 35.31
C ALA D 604 8.88 -0.40 34.28
N LEU D 605 8.40 -0.21 33.05
CA LEU D 605 8.73 -1.14 31.97
C LEU D 605 10.21 -1.12 31.67
N THR D 606 10.82 0.06 31.66
CA THR D 606 12.26 0.15 31.40
C THR D 606 13.06 -0.52 32.50
N ARG D 607 12.62 -0.38 33.76
CA ARG D 607 13.28 -1.09 34.86
C ARG D 607 13.14 -2.60 34.71
N LYS D 608 11.99 -3.07 34.23
CA LYS D 608 11.83 -4.49 33.95
C LYS D 608 12.82 -4.95 32.89
N LEU D 609 12.96 -4.18 31.82
CA LEU D 609 13.94 -4.48 30.77
C LEU D 609 15.35 -4.49 31.32
N ILE D 610 15.68 -3.52 32.18
CA ILE D 610 17.01 -3.42 32.77
C ILE D 610 17.29 -4.66 33.62
N LYS D 611 16.32 -5.07 34.43
CA LYS D 611 16.52 -6.24 35.29
C LYS D 611 16.72 -7.50 34.46
N LYS D 612 15.90 -7.69 33.42
CA LYS D 612 16.08 -8.88 32.59
C LYS D 612 17.42 -8.84 31.85
N ALA D 613 17.83 -7.68 31.35
CA ALA D 613 19.10 -7.57 30.64
C ALA D 613 20.27 -7.83 31.57
N ASP D 614 20.19 -7.34 32.81
CA ASP D 614 21.24 -7.62 33.78
C ASP D 614 21.30 -9.11 34.10
N GLN D 615 20.13 -9.75 34.23
CA GLN D 615 20.13 -11.19 34.46
C GLN D 615 20.76 -11.94 33.29
N LYS D 616 20.43 -11.56 32.06
CA LYS D 616 20.89 -12.25 30.87
C LYS D 616 22.26 -11.81 30.39
N GLY D 617 22.88 -10.82 31.03
CA GLY D 617 24.16 -10.32 30.58
C GLY D 617 24.09 -9.64 29.22
N VAL D 618 23.00 -8.93 28.94
CA VAL D 618 22.79 -8.26 27.66
C VAL D 618 22.95 -6.77 27.86
N THR D 619 23.74 -6.13 27.00
CA THR D 619 23.90 -4.69 27.05
C THR D 619 22.76 -4.03 26.30
N ILE D 620 22.09 -3.09 26.94
CA ILE D 620 20.99 -2.35 26.32
C ILE D 620 21.42 -0.90 26.18
N ILE D 621 21.45 -0.40 24.95
CA ILE D 621 21.66 1.02 24.71
C ILE D 621 20.33 1.71 24.94
N GLY D 622 20.22 2.41 26.07
CA GLY D 622 18.96 2.77 26.68
C GLY D 622 17.98 3.40 25.74
N PRO D 623 16.69 3.30 26.07
CA PRO D 623 15.66 3.84 25.16
C PRO D 623 15.81 5.34 24.98
N ALA D 624 15.09 5.85 23.99
CA ALA D 624 15.13 7.26 23.62
C ALA D 624 16.55 7.69 23.23
N THR D 625 17.21 6.83 22.46
CA THR D 625 18.55 7.10 21.99
C THR D 625 18.59 6.94 20.48
N VAL D 626 19.52 7.68 19.86
CA VAL D 626 19.80 7.44 18.45
C VAL D 626 20.65 6.19 18.28
N GLY D 627 21.41 5.83 19.30
CA GLY D 627 22.25 4.64 19.26
C GLY D 627 23.69 4.94 19.56
N GLY D 628 24.55 4.66 18.60
CA GLY D 628 25.98 4.89 18.78
C GLY D 628 26.70 4.61 17.49
N ILE D 629 27.96 5.04 17.45
CA ILE D 629 28.78 4.86 16.28
C ILE D 629 30.17 4.38 16.70
N LYS D 630 30.68 3.39 15.99
CA LYS D 630 32.07 2.97 16.12
C LYS D 630 32.72 3.11 14.75
N PRO D 631 33.43 4.21 14.50
CA PRO D 631 34.00 4.44 13.16
C PRO D 631 34.87 3.28 12.70
N GLY D 632 34.58 2.80 11.50
CA GLY D 632 35.28 1.68 10.93
C GLY D 632 34.65 0.32 11.16
N CYS D 633 33.78 0.19 12.16
CA CYS D 633 33.23 -1.10 12.52
C CYS D 633 31.72 -1.19 12.37
N PHE D 634 30.97 -0.30 13.03
CA PHE D 634 29.53 -0.47 13.13
C PHE D 634 28.88 0.85 13.50
N LYS D 635 27.62 0.99 13.08
CA LYS D 635 26.82 2.18 13.31
C LYS D 635 25.40 1.74 13.65
N ILE D 636 24.81 2.33 14.68
CA ILE D 636 23.45 1.97 15.08
C ILE D 636 22.48 2.92 14.41
N GLY D 637 21.62 2.38 13.55
CA GLY D 637 20.50 3.14 13.02
C GLY D 637 20.93 4.38 12.27
N ASN D 638 20.43 5.53 12.73
CA ASN D 638 20.65 6.81 12.09
C ASN D 638 21.78 7.61 12.72
N THR D 639 22.59 6.98 13.56
CA THR D 639 23.63 7.72 14.26
C THR D 639 24.63 8.30 13.26
N GLY D 640 25.03 9.54 13.51
CA GLY D 640 25.94 10.22 12.62
C GLY D 640 25.31 10.84 11.40
N GLY D 641 23.99 10.74 11.26
CA GLY D 641 23.34 11.34 10.12
C GLY D 641 23.54 10.55 8.83
N MET D 642 23.52 11.28 7.73
CA MET D 642 23.70 10.70 6.42
C MET D 642 25.19 10.60 6.07
N LEU D 643 25.45 10.10 4.87
CA LEU D 643 26.82 9.78 4.48
C LEU D 643 27.66 11.04 4.30
N ASP D 644 27.05 12.15 3.90
CA ASP D 644 27.82 13.39 3.81
C ASP D 644 28.35 13.82 5.17
N ASN D 645 27.53 13.68 6.22
CA ASN D 645 28.01 13.96 7.56
C ASN D 645 29.01 12.92 8.04
N ILE D 646 28.83 11.66 7.65
CA ILE D 646 29.81 10.64 8.00
C ILE D 646 31.18 10.99 7.42
N LEU D 647 31.19 11.46 6.18
CA LEU D 647 32.45 11.85 5.55
C LEU D 647 32.99 13.15 6.14
N ALA D 648 32.11 14.08 6.48
CA ALA D 648 32.54 15.37 7.02
C ALA D 648 33.19 15.20 8.39
N SER D 649 32.64 14.34 9.23
CA SER D 649 33.23 14.06 10.53
C SER D 649 34.26 12.94 10.49
N LYS D 650 34.56 12.41 9.30
CA LYS D 650 35.56 11.36 9.13
C LYS D 650 35.27 10.17 10.01
N LEU D 651 34.01 9.79 10.08
CA LEU D 651 33.58 8.68 10.92
C LEU D 651 33.69 7.33 10.22
N TYR D 652 34.40 7.26 9.10
CA TYR D 652 34.63 5.99 8.43
C TYR D 652 35.89 5.29 8.93
N ARG D 653 36.68 5.97 9.75
CA ARG D 653 37.97 5.52 10.22
C ARG D 653 38.11 5.75 11.73
N PRO D 654 38.76 4.83 12.43
CA PRO D 654 38.92 4.98 13.88
C PRO D 654 39.71 6.22 14.25
N GLY D 655 39.39 6.76 15.42
CA GLY D 655 40.20 7.78 16.05
C GLY D 655 40.75 7.28 17.37
N SER D 656 40.86 8.15 18.36
CA SER D 656 41.34 7.75 19.68
C SER D 656 40.49 8.30 20.82
N VAL D 657 39.44 9.05 20.54
CA VAL D 657 38.58 9.64 21.55
C VAL D 657 37.27 8.88 21.57
N ALA D 658 36.90 8.38 22.74
CA ALA D 658 35.63 7.71 22.95
C ALA D 658 34.76 8.61 23.81
N TYR D 659 33.49 8.72 23.46
CA TYR D 659 32.59 9.58 24.22
C TYR D 659 31.33 8.84 24.60
N VAL D 660 30.71 9.29 25.69
CA VAL D 660 29.37 8.88 26.09
C VAL D 660 28.56 10.15 26.29
N SER D 661 27.34 10.17 25.75
CA SER D 661 26.45 11.30 25.93
C SER D 661 25.06 10.79 26.24
N ARG D 662 24.26 11.65 26.86
CA ARG D 662 22.84 11.35 27.00
C ARG D 662 22.10 11.55 25.68
N SER D 663 22.41 12.63 24.98
CA SER D 663 21.65 13.05 23.81
C SER D 663 22.22 12.46 22.53
N GLY D 664 21.38 12.41 21.50
CA GLY D 664 21.78 11.94 20.19
C GLY D 664 22.28 13.06 19.29
N GLY D 665 21.54 14.16 19.25
CA GLY D 665 22.02 15.32 18.51
C GLY D 665 23.27 15.91 19.12
N MET D 666 23.34 15.94 20.44
CA MET D 666 24.57 16.37 21.09
C MET D 666 25.70 15.38 20.82
N SER D 667 25.37 14.11 20.61
CA SER D 667 26.38 13.14 20.20
C SER D 667 26.90 13.45 18.80
N ASN D 668 26.03 13.90 17.89
CA ASN D 668 26.51 14.33 16.58
C ASN D 668 27.36 15.60 16.68
N GLU D 669 26.98 16.50 17.58
CA GLU D 669 27.83 17.66 17.86
C GLU D 669 29.19 17.24 18.38
N LEU D 670 29.23 16.26 19.27
CA LEU D 670 30.49 15.72 19.75
C LEU D 670 31.28 15.10 18.62
N ASN D 671 30.61 14.38 17.73
CA ASN D 671 31.26 13.82 16.55
C ASN D 671 32.00 14.91 15.78
N ASN D 672 31.29 15.99 15.48
CA ASN D 672 31.90 17.09 14.73
C ASN D 672 33.05 17.74 15.49
N ILE D 673 32.86 18.01 16.78
CA ILE D 673 33.87 18.71 17.56
C ILE D 673 35.13 17.85 17.69
N ILE D 674 34.95 16.57 17.99
CA ILE D 674 36.09 15.67 18.16
C ILE D 674 36.81 15.47 16.83
N SER D 675 36.07 15.36 15.73
CA SER D 675 36.72 15.25 14.43
C SER D 675 37.53 16.50 14.11
N ARG D 676 37.00 17.67 14.46
CA ARG D 676 37.70 18.92 14.17
C ARG D 676 38.94 19.09 15.02
N THR D 677 38.87 18.74 16.31
CA THR D 677 39.93 19.12 17.25
C THR D 677 40.93 18.01 17.53
N THR D 678 40.57 16.74 17.33
CA THR D 678 41.44 15.63 17.68
C THR D 678 41.65 14.71 16.47
N ASP D 679 42.27 13.56 16.75
CA ASP D 679 42.47 12.55 15.71
C ASP D 679 41.13 12.06 15.19
N GLY D 680 40.21 11.74 16.09
CA GLY D 680 38.88 11.35 15.69
C GLY D 680 38.21 10.54 16.79
N VAL D 681 37.08 9.95 16.42
CA VAL D 681 36.23 9.22 17.36
C VAL D 681 36.61 7.74 17.27
N TYR D 682 36.90 7.14 18.42
CA TYR D 682 37.06 5.69 18.44
C TYR D 682 35.70 5.02 18.57
N GLU D 683 34.89 5.46 19.52
CA GLU D 683 33.55 4.94 19.70
C GLU D 683 32.71 5.99 20.42
N GLY D 684 31.48 6.17 19.95
CA GLY D 684 30.58 7.09 20.61
C GLY D 684 29.23 6.47 20.89
N VAL D 685 28.76 6.61 22.13
CA VAL D 685 27.49 6.02 22.55
C VAL D 685 26.62 7.12 23.12
N ALA D 686 25.37 7.17 22.66
CA ALA D 686 24.32 7.96 23.30
C ALA D 686 23.43 7.02 24.10
N ILE D 687 23.36 7.24 25.42
CA ILE D 687 22.62 6.32 26.28
C ILE D 687 21.15 6.71 26.44
N GLY D 688 20.73 7.83 25.86
CA GLY D 688 19.34 8.23 25.91
C GLY D 688 19.02 9.10 27.11
N GLY D 689 17.92 9.83 26.99
CA GLY D 689 17.51 10.76 28.01
C GLY D 689 16.54 10.25 29.05
N ASP D 690 16.25 8.95 29.05
CA ASP D 690 15.29 8.39 29.98
C ASP D 690 15.86 8.36 31.40
N ARG D 691 14.96 8.29 32.38
CA ARG D 691 15.37 8.36 33.78
C ARG D 691 16.25 7.18 34.16
N TYR D 692 15.95 5.99 33.64
CA TYR D 692 16.76 4.80 33.85
C TYR D 692 17.27 4.32 32.49
N PRO D 693 18.46 4.73 32.08
CA PRO D 693 19.04 4.20 30.85
C PRO D 693 19.37 2.73 30.99
N GLY D 694 19.27 2.01 29.88
CA GLY D 694 19.64 0.60 29.89
C GLY D 694 21.07 0.39 30.32
N SER D 695 21.98 1.24 29.86
CA SER D 695 23.37 1.27 30.30
C SER D 695 23.71 2.69 30.70
N THR D 696 24.46 2.83 31.79
CA THR D 696 24.74 4.14 32.36
C THR D 696 26.08 4.69 31.85
N PHE D 697 26.44 5.88 32.34
CA PHE D 697 27.72 6.49 31.98
C PHE D 697 28.89 5.61 32.39
N MET D 698 28.86 5.13 33.63
CA MET D 698 29.96 4.33 34.15
C MET D 698 30.09 3.02 33.41
N ASP D 699 28.97 2.45 32.98
CA ASP D 699 29.00 1.19 32.24
C ASP D 699 29.83 1.30 30.97
N HIS D 700 29.84 2.46 30.33
CA HIS D 700 30.58 2.68 29.10
C HIS D 700 31.96 3.27 29.35
N VAL D 701 32.12 4.09 30.39
CA VAL D 701 33.45 4.59 30.74
C VAL D 701 34.35 3.44 31.18
N LEU D 702 33.78 2.44 31.88
CA LEU D 702 34.56 1.26 32.23
C LEU D 702 34.97 0.50 30.97
N ARG D 703 34.07 0.38 30.01
CA ARG D 703 34.39 -0.28 28.76
C ARG D 703 35.53 0.43 28.04
N TYR D 704 35.47 1.77 28.01
CA TYR D 704 36.50 2.55 27.33
C TYR D 704 37.84 2.44 28.04
N GLN D 705 37.83 2.49 29.38
CA GLN D 705 39.06 2.27 30.12
C GLN D 705 39.64 0.89 29.85
N ASP D 706 38.79 -0.11 29.70
CA ASP D 706 39.26 -1.46 29.42
C ASP D 706 39.60 -1.67 27.96
N THR D 707 39.31 -0.72 27.08
CA THR D 707 39.60 -0.81 25.63
C THR D 707 40.85 -0.08 25.26
N PRO D 708 41.84 -0.80 24.73
CA PRO D 708 43.15 -0.21 24.44
C PRO D 708 43.26 0.76 23.27
N GLY D 709 42.28 0.82 22.39
CA GLY D 709 42.29 1.76 21.31
C GLY D 709 41.85 3.13 21.71
N VAL D 710 41.19 3.26 22.85
CA VAL D 710 40.86 4.63 23.22
C VAL D 710 41.98 5.19 24.08
N LYS D 711 42.18 6.50 23.99
CA LYS D 711 43.22 7.18 24.74
C LYS D 711 42.69 8.27 25.64
N MET D 712 41.53 8.84 25.33
CA MET D 712 40.88 9.82 26.17
C MET D 712 39.37 9.64 26.04
N ILE D 713 38.65 10.00 27.09
CA ILE D 713 37.21 9.80 27.18
C ILE D 713 36.53 11.14 27.37
N VAL D 714 35.46 11.36 26.63
CA VAL D 714 34.65 12.57 26.76
C VAL D 714 33.27 12.17 27.25
N VAL D 715 32.83 12.77 28.34
CA VAL D 715 31.52 12.50 28.92
C VAL D 715 30.71 13.77 28.83
N LEU D 716 29.51 13.68 28.26
CA LEU D 716 28.59 14.81 28.17
C LEU D 716 27.41 14.49 29.07
N GLY D 717 27.51 14.90 30.33
CA GLY D 717 26.47 14.63 31.30
C GLY D 717 25.32 15.62 31.21
N GLU D 718 24.40 15.48 32.16
CA GLU D 718 23.19 16.30 32.17
C GLU D 718 22.76 16.58 33.60
N ILE D 719 21.74 17.44 33.71
CA ILE D 719 21.10 17.72 34.98
C ILE D 719 20.36 16.49 35.49
N GLY D 720 20.44 16.26 36.79
CA GLY D 720 19.65 15.21 37.42
C GLY D 720 20.30 13.84 37.40
N GLY D 721 20.23 13.14 38.54
CA GLY D 721 20.81 11.82 38.65
C GLY D 721 22.27 11.84 39.05
N THR D 722 22.61 11.20 40.17
CA THR D 722 23.98 11.17 40.66
C THR D 722 24.76 10.05 39.96
N GLU D 723 25.03 10.28 38.68
CA GLU D 723 25.75 9.32 37.84
C GLU D 723 27.22 9.68 37.63
N GLU D 724 27.52 10.98 37.48
CA GLU D 724 28.90 11.43 37.34
C GLU D 724 29.69 11.25 38.63
N TYR D 725 29.02 11.18 39.78
CA TYR D 725 29.74 10.90 41.02
C TYR D 725 30.33 9.50 41.01
N LYS D 726 29.71 8.57 40.29
CA LYS D 726 30.32 7.26 40.12
C LYS D 726 31.62 7.35 39.35
N ILE D 727 31.68 8.21 38.33
CA ILE D 727 32.93 8.44 37.62
C ILE D 727 33.96 9.07 38.54
N CYS D 728 33.53 10.02 39.38
CA CYS D 728 34.44 10.62 40.35
C CYS D 728 35.02 9.56 41.28
N ARG D 729 34.19 8.65 41.79
CA ARG D 729 34.68 7.61 42.68
C ARG D 729 35.60 6.64 41.94
N GLY D 730 35.28 6.32 40.68
CA GLY D 730 36.14 5.45 39.91
C GLY D 730 37.51 6.06 39.68
N ILE D 731 37.56 7.36 39.46
CA ILE D 731 38.84 8.04 39.32
C ILE D 731 39.56 8.06 40.67
N LYS D 732 38.83 8.25 41.76
CA LYS D 732 39.44 8.29 43.08
C LYS D 732 40.08 6.95 43.44
N GLU D 733 39.40 5.85 43.14
CA GLU D 733 39.92 4.54 43.51
C GLU D 733 40.96 4.02 42.52
N GLY D 734 41.29 4.79 41.49
CA GLY D 734 42.29 4.38 40.53
C GLY D 734 41.79 3.45 39.45
N ARG D 735 40.49 3.18 39.39
CA ARG D 735 39.95 2.34 38.33
C ARG D 735 40.05 3.04 36.97
N LEU D 736 39.81 4.35 36.95
CA LEU D 736 39.85 5.13 35.71
C LEU D 736 41.16 5.91 35.66
N THR D 737 41.97 5.65 34.63
CA THR D 737 43.29 6.25 34.50
C THR D 737 43.48 7.08 33.24
N LYS D 738 42.77 6.76 32.15
CA LYS D 738 42.88 7.57 30.95
C LYS D 738 42.28 8.95 31.19
N PRO D 739 42.76 9.97 30.48
CA PRO D 739 42.18 11.30 30.63
C PRO D 739 40.70 11.31 30.30
N ILE D 740 39.94 12.07 31.09
CA ILE D 740 38.50 12.17 30.95
C ILE D 740 38.13 13.64 30.87
N VAL D 741 37.31 13.98 29.88
CA VAL D 741 36.82 15.35 29.69
C VAL D 741 35.31 15.30 29.83
N CYS D 742 34.77 15.96 30.84
CA CYS D 742 33.34 15.91 31.10
C CYS D 742 32.76 17.30 31.20
N TRP D 743 31.58 17.49 30.62
CA TRP D 743 30.75 18.66 30.84
C TRP D 743 29.34 18.18 31.12
N CYS D 744 28.71 18.71 32.15
CA CYS D 744 27.33 18.42 32.48
C CYS D 744 26.47 19.62 32.10
N ILE D 745 25.57 19.42 31.15
CA ILE D 745 24.72 20.52 30.70
C ILE D 745 23.50 20.63 31.61
N GLY D 746 22.90 21.82 31.61
CA GLY D 746 21.78 22.12 32.47
C GLY D 746 22.08 23.12 33.57
N THR D 747 23.06 24.00 33.38
CA THR D 747 23.41 24.96 34.43
C THR D 747 22.40 26.08 34.57
N CYS D 748 21.48 26.24 33.61
CA CYS D 748 20.50 27.33 33.68
C CYS D 748 19.41 27.06 34.69
N ALA D 749 19.21 25.80 35.08
CA ALA D 749 18.19 25.47 36.07
C ALA D 749 18.48 26.10 37.42
N THR D 750 19.74 26.37 37.73
CA THR D 750 20.06 27.09 38.97
C THR D 750 19.70 28.56 38.87
N MET D 751 19.72 29.13 37.66
CA MET D 751 19.34 30.52 37.45
C MET D 751 17.87 30.69 37.14
N PHE D 752 17.12 29.59 37.01
CA PHE D 752 15.68 29.67 36.76
C PHE D 752 14.95 29.65 38.09
N SER D 753 14.04 30.60 38.28
CA SER D 753 13.28 30.71 39.53
C SER D 753 12.05 29.81 39.51
N SER D 754 12.23 28.56 39.15
CA SER D 754 11.12 27.62 38.99
C SER D 754 11.68 26.20 38.94
N GLU D 755 10.85 25.27 38.50
CA GLU D 755 11.17 23.85 38.42
C GLU D 755 10.87 23.30 37.04
N VAL D 756 11.38 23.99 36.00
CA VAL D 756 11.08 23.62 34.63
C VAL D 756 11.64 22.23 34.31
N GLN D 757 10.82 21.41 33.66
CA GLN D 757 11.22 20.09 33.22
C GLN D 757 11.74 20.15 31.79
N PHE D 758 12.91 19.56 31.57
CA PHE D 758 13.55 19.62 30.26
C PHE D 758 12.99 18.50 29.36
N GLY D 759 13.42 18.52 28.10
CA GLY D 759 12.89 17.56 27.13
C GLY D 759 13.18 16.12 27.51
N HIS D 760 14.33 15.86 28.13
CA HIS D 760 14.68 14.51 28.55
C HIS D 760 13.87 14.08 29.77
N ALA D 761 13.48 12.80 29.78
CA ALA D 761 12.70 12.27 30.90
C ALA D 761 13.49 12.29 32.21
N GLY D 762 14.79 11.99 32.14
CA GLY D 762 15.64 11.99 33.30
C GLY D 762 16.24 13.32 33.68
N ALA D 763 15.98 14.38 32.92
CA ALA D 763 16.60 15.69 33.17
C ALA D 763 15.81 16.41 34.26
N CYS D 764 15.97 15.93 35.49
CA CYS D 764 15.29 16.51 36.64
C CYS D 764 16.19 16.36 37.86
N ALA D 765 16.62 17.48 38.43
CA ALA D 765 17.48 17.47 39.62
C ALA D 765 16.60 17.26 40.84
N ASN D 766 16.48 16.01 41.28
CA ASN D 766 15.63 15.71 42.43
C ASN D 766 16.24 16.28 43.71
N GLN D 767 17.55 16.12 43.89
CA GLN D 767 18.25 16.65 45.04
C GLN D 767 19.08 17.85 44.65
N ALA D 768 19.81 18.40 45.62
CA ALA D 768 20.70 19.52 45.35
C ALA D 768 22.05 19.08 44.78
N SER D 769 22.38 17.79 44.86
CA SER D 769 23.63 17.29 44.30
C SER D 769 23.49 16.84 42.85
N GLU D 770 22.28 16.77 42.32
CA GLU D 770 22.08 16.40 40.92
C GLU D 770 22.03 17.60 40.01
N THR D 771 22.27 18.80 40.52
CA THR D 771 22.37 19.96 39.65
C THR D 771 23.65 19.87 38.81
N ALA D 772 23.56 20.39 37.59
CA ALA D 772 24.69 20.33 36.68
C ALA D 772 25.89 21.11 37.23
N VAL D 773 25.64 22.21 37.92
CA VAL D 773 26.71 22.98 38.54
C VAL D 773 27.45 22.13 39.57
N ALA D 774 26.69 21.44 40.42
CA ALA D 774 27.30 20.59 41.43
C ALA D 774 28.08 19.45 40.81
N LYS D 775 27.53 18.83 39.75
CA LYS D 775 28.24 17.73 39.10
C LYS D 775 29.54 18.22 38.46
N ASN D 776 29.49 19.35 37.77
CA ASN D 776 30.69 19.86 37.12
C ASN D 776 31.75 20.24 38.14
N GLN D 777 31.33 20.84 39.26
CA GLN D 777 32.27 21.15 40.35
C GLN D 777 32.88 19.87 40.91
N ALA D 778 32.06 18.85 41.15
CA ALA D 778 32.56 17.61 41.73
C ALA D 778 33.55 16.93 40.79
N LEU D 779 33.25 16.91 39.50
CA LEU D 779 34.16 16.30 38.53
C LEU D 779 35.47 17.08 38.45
N LYS D 780 35.39 18.41 38.49
CA LYS D 780 36.59 19.24 38.49
C LYS D 780 37.47 18.92 39.69
N GLU D 781 36.88 18.78 40.87
CA GLU D 781 37.66 18.36 42.03
C GLU D 781 38.09 16.90 41.96
N ALA D 782 37.41 16.07 41.17
CA ALA D 782 37.82 14.69 40.99
C ALA D 782 38.97 14.55 40.00
N GLY D 783 39.27 15.61 39.25
CA GLY D 783 40.38 15.58 38.30
C GLY D 783 39.98 15.44 36.85
N VAL D 784 38.70 15.57 36.54
CA VAL D 784 38.22 15.51 35.16
C VAL D 784 38.39 16.89 34.53
N PHE D 785 38.89 16.93 33.31
CA PHE D 785 39.03 18.19 32.58
C PHE D 785 37.65 18.74 32.27
N VAL D 786 37.24 19.79 32.98
CA VAL D 786 35.90 20.34 32.88
C VAL D 786 36.01 21.73 32.26
N PRO D 787 35.37 21.97 31.11
CA PRO D 787 35.39 23.32 30.53
C PRO D 787 34.61 24.30 31.38
N ARG D 788 34.81 25.59 31.10
CA ARG D 788 34.03 26.62 31.78
C ARG D 788 32.58 26.61 31.28
N SER D 789 32.37 26.22 30.04
CA SER D 789 31.02 26.06 29.49
C SER D 789 31.13 25.13 28.29
N PHE D 790 29.99 24.89 27.63
CA PHE D 790 30.03 24.11 26.40
C PHE D 790 30.76 24.85 25.29
N ASP D 791 30.96 26.16 25.43
CA ASP D 791 31.79 26.91 24.49
C ASP D 791 33.22 26.40 24.51
N GLU D 792 33.77 26.15 25.70
CA GLU D 792 35.17 25.79 25.84
C GLU D 792 35.40 24.29 25.77
N LEU D 793 34.36 23.50 25.52
CA LEU D 793 34.53 22.06 25.44
C LEU D 793 35.49 21.68 24.31
N GLY D 794 35.30 22.27 23.13
CA GLY D 794 36.20 21.98 22.04
C GLY D 794 37.64 22.32 22.37
N GLU D 795 37.85 23.46 23.01
CA GLU D 795 39.21 23.88 23.36
C GLU D 795 39.85 22.95 24.38
N ILE D 796 39.09 22.51 25.39
CA ILE D 796 39.69 21.63 26.39
C ILE D 796 39.97 20.25 25.80
N ILE D 797 39.06 19.75 24.95
CA ILE D 797 39.33 18.49 24.25
C ILE D 797 40.58 18.62 23.38
N GLN D 798 40.71 19.74 22.68
CA GLN D 798 41.88 19.93 21.81
C GLN D 798 43.16 20.01 22.63
N SER D 799 43.13 20.70 23.76
CA SER D 799 44.34 20.82 24.58
C SER D 799 44.74 19.47 25.16
N VAL D 800 43.76 18.68 25.62
CA VAL D 800 44.05 17.35 26.12
C VAL D 800 44.61 16.48 25.01
N TYR D 801 44.03 16.55 23.82
CA TYR D 801 44.52 15.74 22.71
C TYR D 801 45.94 16.13 22.33
N GLU D 802 46.24 17.44 22.33
CA GLU D 802 47.59 17.89 22.01
C GLU D 802 48.60 17.43 23.04
N ASP D 803 48.31 17.62 24.33
CA ASP D 803 49.26 17.19 25.34
C ASP D 803 49.36 15.68 25.43
N LEU D 804 48.37 14.95 24.93
CA LEU D 804 48.49 13.50 24.86
C LEU D 804 49.28 13.06 23.64
N VAL D 805 49.22 13.84 22.55
CA VAL D 805 50.02 13.54 21.37
C VAL D 805 51.50 13.85 21.58
N ALA D 806 51.82 14.96 22.26
CA ALA D 806 53.20 15.36 22.44
C ALA D 806 54.00 14.37 23.30
N ASN D 807 53.32 13.55 24.08
CA ASN D 807 53.97 12.52 24.87
C ASN D 807 54.00 11.16 24.17
N GLY D 808 53.55 11.08 22.92
CA GLY D 808 53.59 9.84 22.19
C GLY D 808 52.50 8.86 22.54
N VAL D 809 51.55 9.24 23.39
CA VAL D 809 50.45 8.35 23.73
C VAL D 809 49.59 8.08 22.50
N ILE D 810 49.34 9.10 21.70
CA ILE D 810 48.55 8.97 20.48
C ILE D 810 49.48 9.07 19.28
N VAL D 811 49.41 8.09 18.39
CA VAL D 811 50.14 8.12 17.13
C VAL D 811 49.10 8.11 16.00
N PRO D 812 48.72 9.28 15.48
CA PRO D 812 47.67 9.31 14.46
C PRO D 812 48.08 8.53 13.22
N ALA D 813 47.10 7.85 12.63
CA ALA D 813 47.36 7.00 11.48
C ALA D 813 47.31 7.81 10.19
N GLN D 814 47.79 7.18 9.11
CA GLN D 814 47.69 7.79 7.79
C GLN D 814 46.24 7.88 7.35
N GLU D 815 45.92 8.96 6.65
CA GLU D 815 44.57 9.20 6.16
C GLU D 815 44.38 8.47 4.83
N VAL D 816 43.79 7.28 4.88
CA VAL D 816 43.44 6.52 3.68
C VAL D 816 42.08 7.00 3.21
N PRO D 817 41.95 7.49 1.98
CA PRO D 817 40.65 7.96 1.48
C PRO D 817 39.64 6.82 1.45
N PRO D 818 38.38 7.10 1.80
CA PRO D 818 37.38 6.03 1.86
C PRO D 818 36.91 5.62 0.48
N PRO D 819 36.29 4.45 0.36
CA PRO D 819 35.62 4.10 -0.89
C PRO D 819 34.52 5.10 -1.23
N THR D 820 34.34 5.33 -2.53
CA THR D 820 33.36 6.30 -3.00
C THR D 820 32.01 5.62 -3.20
N VAL D 821 30.94 6.35 -2.84
CA VAL D 821 29.58 5.88 -2.98
C VAL D 821 28.90 6.75 -4.03
N PRO D 822 28.24 6.17 -5.03
CA PRO D 822 27.56 7.01 -6.03
C PRO D 822 26.43 7.81 -5.40
N MET D 823 26.22 9.01 -5.93
CA MET D 823 25.15 9.88 -5.47
C MET D 823 23.80 9.24 -5.76
N ASP D 824 22.84 9.48 -4.86
CA ASP D 824 21.48 9.00 -5.09
C ASP D 824 20.86 9.74 -6.25
N TYR D 825 20.06 9.04 -7.05
CA TYR D 825 19.40 9.68 -8.18
C TYR D 825 18.43 10.77 -7.74
N SER D 826 17.66 10.51 -6.68
CA SER D 826 16.72 11.50 -6.20
C SER D 826 17.43 12.77 -5.75
N TRP D 827 18.54 12.62 -5.05
CA TRP D 827 19.30 13.78 -4.59
C TRP D 827 19.86 14.57 -5.77
N ALA D 828 20.38 13.87 -6.78
CA ALA D 828 20.92 14.53 -7.97
C ALA D 828 19.84 15.26 -8.75
N ARG D 829 18.64 14.68 -8.83
CA ARG D 829 17.51 15.39 -9.44
C ARG D 829 17.12 16.61 -8.62
N GLU D 830 17.12 16.49 -7.28
CA GLU D 830 16.80 17.64 -6.45
C GLU D 830 17.80 18.77 -6.66
N LEU D 831 19.08 18.43 -6.78
CA LEU D 831 20.08 19.44 -7.07
C LEU D 831 20.06 19.91 -8.52
N GLY D 832 19.29 19.25 -9.38
CA GLY D 832 19.29 19.57 -10.80
C GLY D 832 20.62 19.25 -11.46
N LEU D 833 21.29 18.19 -11.01
CA LEU D 833 22.61 17.86 -11.51
C LEU D 833 22.56 16.99 -12.75
N ILE D 834 21.48 16.22 -12.93
CA ILE D 834 21.36 15.31 -14.06
C ILE D 834 20.01 15.51 -14.72
N ARG D 835 19.89 14.92 -15.90
CA ARG D 835 18.73 15.07 -16.79
C ARG D 835 18.23 13.68 -17.15
N LYS D 836 16.99 13.39 -16.80
CA LYS D 836 16.35 12.12 -17.17
C LYS D 836 15.00 12.41 -17.81
N PRO D 837 14.82 12.11 -19.10
CA PRO D 837 13.56 12.42 -19.75
C PRO D 837 12.41 11.63 -19.15
N ALA D 838 11.25 12.27 -19.06
CA ALA D 838 10.04 11.61 -18.60
C ALA D 838 9.50 10.71 -19.70
N SER D 839 9.18 9.47 -19.35
CA SER D 839 8.69 8.52 -20.32
C SER D 839 7.18 8.59 -20.50
N PHE D 840 6.47 9.29 -19.63
CA PHE D 840 5.01 9.32 -19.66
C PHE D 840 4.51 10.75 -19.59
N MET D 841 3.35 10.97 -20.21
CA MET D 841 2.74 12.28 -20.34
C MET D 841 1.29 12.15 -19.91
N THR D 842 0.83 13.06 -19.06
CA THR D 842 -0.56 13.03 -18.62
C THR D 842 -1.07 14.46 -18.49
N SER D 843 -2.37 14.63 -18.73
CA SER D 843 -2.97 15.96 -18.63
C SER D 843 -4.35 15.96 -17.99
N ILE D 844 -4.78 14.85 -17.38
CA ILE D 844 -6.15 14.74 -16.91
C ILE D 844 -6.27 14.77 -15.39
N CYS D 845 -5.27 14.33 -14.65
CA CYS D 845 -5.39 14.26 -13.21
C CYS D 845 -4.03 14.42 -12.56
N ASP D 846 -3.99 15.18 -11.47
CA ASP D 846 -2.77 15.42 -10.71
C ASP D 846 -3.00 14.92 -9.28
N GLU D 847 -2.51 13.71 -9.01
CA GLU D 847 -2.68 13.14 -7.67
C GLU D 847 -1.72 13.76 -6.66
N ARG D 848 -0.53 14.17 -7.09
CA ARG D 848 0.43 14.73 -6.15
C ARG D 848 0.00 16.14 -5.77
N GLY D 849 0.55 16.63 -4.66
CA GLY D 849 0.11 17.90 -4.12
C GLY D 849 -0.89 17.71 -2.99
N GLN D 850 -1.28 18.84 -2.41
CA GLN D 850 -2.14 18.81 -1.23
C GLN D 850 -3.55 18.31 -1.57
N GLU D 851 -4.05 18.68 -2.74
CA GLU D 851 -5.41 18.35 -3.15
C GLU D 851 -5.40 17.65 -4.49
N LEU D 852 -6.28 16.66 -4.64
CA LEU D 852 -6.46 16.01 -5.92
C LEU D 852 -7.05 17.00 -6.92
N ILE D 853 -6.51 16.99 -8.13
CA ILE D 853 -6.90 17.94 -9.18
C ILE D 853 -7.38 17.16 -10.39
N TYR D 854 -8.57 17.49 -10.87
CA TYR D 854 -9.15 16.89 -12.07
C TYR D 854 -9.05 17.93 -13.18
N ALA D 855 -8.09 17.75 -14.08
CA ALA D 855 -7.92 18.61 -15.25
C ALA D 855 -7.79 20.09 -14.87
N GLY D 856 -6.91 20.36 -13.91
CA GLY D 856 -6.64 21.72 -13.50
C GLY D 856 -7.60 22.30 -12.49
N MET D 857 -8.59 21.55 -12.04
CA MET D 857 -9.59 22.08 -11.13
C MET D 857 -9.67 21.21 -9.88
N PRO D 858 -9.53 21.80 -8.70
CA PRO D 858 -9.45 20.99 -7.47
C PRO D 858 -10.75 20.24 -7.19
N ILE D 859 -10.60 19.13 -6.48
CA ILE D 859 -11.74 18.25 -6.22
C ILE D 859 -12.78 18.94 -5.33
N THR D 860 -12.32 19.73 -4.35
CA THR D 860 -13.26 20.49 -3.54
C THR D 860 -14.03 21.50 -4.39
N GLU D 861 -13.34 22.13 -5.33
CA GLU D 861 -14.02 23.03 -6.25
C GLU D 861 -14.95 22.27 -7.19
N VAL D 862 -14.58 21.03 -7.54
CA VAL D 862 -15.45 20.18 -8.34
C VAL D 862 -16.77 19.96 -7.64
N PHE D 863 -16.71 19.67 -6.34
CA PHE D 863 -17.93 19.43 -5.59
C PHE D 863 -18.67 20.72 -5.22
N LYS D 864 -17.95 21.82 -5.03
CA LYS D 864 -18.58 23.10 -4.72
C LYS D 864 -19.33 23.64 -5.93
N GLU D 865 -18.82 23.41 -7.13
CA GLU D 865 -19.51 23.84 -8.34
C GLU D 865 -20.72 22.97 -8.69
N GLU D 866 -20.94 21.89 -7.95
CA GLU D 866 -22.14 21.05 -8.07
C GLU D 866 -22.24 20.38 -9.45
N MET D 867 -21.11 20.05 -10.04
CA MET D 867 -21.18 19.08 -11.13
C MET D 867 -21.25 17.68 -10.55
N GLY D 868 -21.74 16.76 -11.36
CA GLY D 868 -21.79 15.39 -10.94
C GLY D 868 -20.91 14.53 -11.81
N ILE D 869 -21.45 13.37 -12.17
CA ILE D 869 -20.73 12.46 -13.05
C ILE D 869 -20.47 13.12 -14.39
N GLY D 870 -21.44 13.88 -14.91
CA GLY D 870 -21.25 14.52 -16.20
C GLY D 870 -20.15 15.55 -16.20
N GLY D 871 -20.09 16.38 -15.16
CA GLY D 871 -19.02 17.36 -15.06
C GLY D 871 -17.66 16.72 -14.85
N VAL D 872 -17.59 15.72 -13.98
CA VAL D 872 -16.33 15.00 -13.78
C VAL D 872 -15.89 14.33 -15.08
N LEU D 873 -16.84 13.79 -15.84
CA LEU D 873 -16.51 13.15 -17.11
C LEU D 873 -16.01 14.18 -18.12
N GLY D 874 -16.66 15.34 -18.19
CA GLY D 874 -16.15 16.38 -19.05
C GLY D 874 -14.73 16.75 -18.70
N LEU D 875 -14.45 16.92 -17.40
CA LEU D 875 -13.09 17.24 -16.97
C LEU D 875 -12.11 16.14 -17.38
N LEU D 876 -12.42 14.90 -17.03
CA LEU D 876 -11.44 13.82 -17.18
C LEU D 876 -11.27 13.36 -18.61
N TRP D 877 -12.30 13.51 -19.45
CA TRP D 877 -12.24 13.05 -20.84
C TRP D 877 -11.89 14.14 -21.83
N PHE D 878 -12.27 15.40 -21.58
CA PHE D 878 -12.04 16.46 -22.52
C PHE D 878 -11.22 17.62 -21.96
N GLN D 879 -10.93 17.62 -20.66
CA GLN D 879 -10.25 18.73 -20.00
C GLN D 879 -10.97 20.05 -20.25
N LYS D 880 -12.29 20.00 -20.17
CA LYS D 880 -13.14 21.16 -20.36
C LYS D 880 -14.14 21.26 -19.22
N ARG D 881 -14.47 22.50 -18.86
CA ARG D 881 -15.55 22.80 -17.95
C ARG D 881 -16.82 22.94 -18.79
N LEU D 882 -17.54 21.83 -18.95
CA LEU D 882 -18.71 21.84 -19.80
C LEU D 882 -19.86 22.59 -19.14
N PRO D 883 -20.79 23.12 -19.93
CA PRO D 883 -22.01 23.71 -19.36
C PRO D 883 -22.87 22.65 -18.69
N LYS D 884 -23.77 23.15 -17.84
CA LYS D 884 -24.59 22.26 -17.01
C LYS D 884 -25.48 21.36 -17.86
N TYR D 885 -26.05 21.90 -18.94
CA TYR D 885 -26.89 21.05 -19.79
C TYR D 885 -26.06 19.99 -20.49
N SER D 886 -24.81 20.29 -20.85
CA SER D 886 -23.95 19.28 -21.44
C SER D 886 -23.66 18.16 -20.46
N CYS D 887 -23.32 18.52 -19.22
CA CYS D 887 -23.06 17.49 -18.21
C CYS D 887 -24.30 16.66 -17.93
N GLN D 888 -25.46 17.31 -17.85
CA GLN D 888 -26.71 16.59 -17.61
C GLN D 888 -27.03 15.65 -18.77
N PHE D 889 -26.78 16.10 -20.00
CA PHE D 889 -27.02 15.24 -21.15
C PHE D 889 -26.08 14.03 -21.15
N ILE D 890 -24.82 14.24 -20.76
CA ILE D 890 -23.90 13.11 -20.63
C ILE D 890 -24.44 12.11 -19.61
N GLU D 891 -24.96 12.62 -18.49
CA GLU D 891 -25.54 11.74 -17.48
C GLU D 891 -26.72 10.95 -18.01
N MET D 892 -27.62 11.60 -18.77
CA MET D 892 -28.76 10.87 -19.33
C MET D 892 -28.32 9.83 -20.36
N CYS D 893 -27.28 10.13 -21.13
CA CYS D 893 -26.76 9.15 -22.06
C CYS D 893 -26.24 7.93 -21.33
N LEU D 894 -25.50 8.14 -20.25
CA LEU D 894 -25.06 7.02 -19.42
C LEU D 894 -26.24 6.27 -18.83
N MET D 895 -27.30 6.98 -18.47
CA MET D 895 -28.48 6.35 -17.88
C MET D 895 -29.22 5.48 -18.89
N VAL D 896 -29.34 5.95 -20.13
CA VAL D 896 -30.07 5.20 -21.14
C VAL D 896 -29.24 4.08 -21.75
N THR D 897 -27.91 4.15 -21.68
CA THR D 897 -27.10 3.03 -22.15
C THR D 897 -26.76 2.05 -21.03
N ALA D 898 -27.38 2.21 -19.86
CA ALA D 898 -26.95 1.47 -18.67
C ALA D 898 -27.13 -0.03 -18.85
N ASP D 899 -28.29 -0.48 -19.33
CA ASP D 899 -28.49 -1.90 -19.59
C ASP D 899 -29.57 -2.07 -20.64
N HIS D 900 -29.48 -3.17 -21.38
CA HIS D 900 -30.52 -3.58 -22.30
C HIS D 900 -30.77 -5.09 -22.18
N GLY D 901 -30.82 -5.58 -20.96
CA GLY D 901 -31.19 -6.95 -20.71
C GLY D 901 -30.03 -7.93 -20.77
N PRO D 902 -30.30 -9.18 -20.43
CA PRO D 902 -29.25 -10.20 -20.39
C PRO D 902 -29.00 -10.93 -21.70
N ALA D 903 -29.78 -10.67 -22.74
CA ALA D 903 -29.69 -11.43 -23.98
C ALA D 903 -28.60 -10.93 -24.92
N VAL D 904 -28.09 -9.71 -24.73
CA VAL D 904 -27.06 -9.21 -25.62
C VAL D 904 -25.73 -9.91 -25.33
N SER D 905 -24.78 -9.73 -26.25
CA SER D 905 -23.54 -10.50 -26.22
C SER D 905 -22.74 -10.23 -24.95
N GLY D 906 -22.58 -8.96 -24.60
CA GLY D 906 -21.78 -8.62 -23.43
C GLY D 906 -22.39 -9.06 -22.12
N ALA D 907 -23.70 -8.83 -21.97
CA ALA D 907 -24.38 -9.28 -20.76
C ALA D 907 -24.34 -10.79 -20.65
N HIS D 908 -24.51 -11.48 -21.77
CA HIS D 908 -24.41 -12.92 -21.80
C HIS D 908 -23.05 -13.40 -21.33
N ASN D 909 -21.97 -12.79 -21.86
CA ASN D 909 -20.63 -13.18 -21.47
C ASN D 909 -20.37 -12.89 -19.99
N THR D 910 -20.83 -11.73 -19.51
CA THR D 910 -20.69 -11.39 -18.10
C THR D 910 -21.41 -12.39 -17.21
N ILE D 911 -22.63 -12.78 -17.59
CA ILE D 911 -23.39 -13.72 -16.79
C ILE D 911 -22.73 -15.09 -16.79
N ILE D 912 -22.18 -15.50 -17.94
CA ILE D 912 -21.46 -16.77 -18.00
C ILE D 912 -20.26 -16.73 -17.05
N CYS D 913 -19.50 -15.65 -17.08
CA CYS D 913 -18.31 -15.56 -16.23
C CYS D 913 -18.68 -15.47 -14.75
N ALA D 914 -19.80 -14.83 -14.42
CA ALA D 914 -20.26 -14.80 -13.04
C ALA D 914 -20.70 -16.17 -12.57
N ARG D 915 -21.40 -16.92 -13.42
CA ARG D 915 -21.82 -18.27 -13.08
C ARG D 915 -20.65 -19.25 -13.05
N ALA D 916 -19.53 -18.89 -13.66
CA ALA D 916 -18.30 -19.64 -13.47
C ALA D 916 -17.63 -19.30 -12.14
N GLY D 917 -18.28 -18.51 -11.30
CA GLY D 917 -17.79 -18.15 -9.98
C GLY D 917 -16.51 -17.35 -10.00
N LYS D 918 -16.32 -16.49 -11.01
CA LYS D 918 -14.97 -16.01 -11.27
C LYS D 918 -14.61 -14.80 -10.42
N ASP D 919 -15.23 -13.65 -10.69
CA ASP D 919 -14.87 -12.38 -10.07
C ASP D 919 -15.66 -11.26 -10.71
N LEU D 920 -15.82 -10.16 -9.97
CA LEU D 920 -16.51 -9.00 -10.54
C LEU D 920 -15.74 -8.40 -11.70
N VAL D 921 -14.44 -8.14 -11.49
CA VAL D 921 -13.63 -7.53 -12.53
C VAL D 921 -13.53 -8.45 -13.74
N SER D 922 -13.26 -9.74 -13.51
CA SER D 922 -13.14 -10.69 -14.61
C SER D 922 -14.45 -10.82 -15.38
N SER D 923 -15.57 -10.85 -14.67
CA SER D 923 -16.87 -11.01 -15.32
C SER D 923 -17.23 -9.78 -16.14
N LEU D 924 -17.06 -8.60 -15.55
CA LEU D 924 -17.35 -7.36 -16.26
C LEU D 924 -16.45 -7.22 -17.47
N THR D 925 -15.17 -7.54 -17.31
CA THR D 925 -14.21 -7.47 -18.40
C THR D 925 -14.55 -8.45 -19.52
N SER D 926 -14.96 -9.67 -19.16
CA SER D 926 -15.40 -10.64 -20.15
C SER D 926 -16.56 -10.11 -20.97
N GLY D 927 -17.52 -9.47 -20.30
CA GLY D 927 -18.61 -8.85 -21.04
C GLY D 927 -18.18 -7.66 -21.88
N LEU D 928 -17.26 -6.85 -21.35
CA LEU D 928 -16.83 -5.64 -22.05
C LEU D 928 -16.03 -5.95 -23.29
N LEU D 929 -15.33 -7.08 -23.32
CA LEU D 929 -14.52 -7.41 -24.48
C LEU D 929 -15.34 -7.67 -25.73
N THR D 930 -16.65 -7.82 -25.61
CA THR D 930 -17.53 -7.94 -26.77
C THR D 930 -17.89 -6.59 -27.37
N ILE D 931 -17.63 -5.49 -26.67
CA ILE D 931 -17.99 -4.16 -27.15
C ILE D 931 -17.11 -3.85 -28.36
N GLY D 932 -17.72 -3.70 -29.53
CA GLY D 932 -16.96 -3.44 -30.72
C GLY D 932 -17.83 -3.03 -31.88
N ASP D 933 -17.53 -3.57 -33.06
CA ASP D 933 -18.29 -3.21 -34.26
C ASP D 933 -19.72 -3.72 -34.19
N ARG D 934 -19.91 -5.02 -33.98
CA ARG D 934 -21.25 -5.58 -34.08
C ARG D 934 -22.09 -5.29 -32.85
N PHE D 935 -21.47 -5.19 -31.68
CA PHE D 935 -22.18 -4.91 -30.44
C PHE D 935 -21.56 -3.69 -29.78
N GLY D 936 -22.35 -2.65 -29.58
CA GLY D 936 -21.92 -1.50 -28.83
C GLY D 936 -21.19 -0.43 -29.61
N GLY D 937 -20.92 -0.64 -30.90
CA GLY D 937 -20.24 0.35 -31.71
C GLY D 937 -21.12 1.20 -32.57
N ALA D 938 -22.45 1.02 -32.49
CA ALA D 938 -23.36 1.78 -33.32
C ALA D 938 -23.37 3.25 -32.95
N LEU D 939 -23.11 3.59 -31.70
CA LEU D 939 -23.02 4.99 -31.28
C LEU D 939 -21.96 5.72 -32.11
N ASP D 940 -20.72 5.25 -32.03
CA ASP D 940 -19.63 5.84 -32.77
C ASP D 940 -19.85 5.75 -34.28
N ALA D 941 -20.37 4.60 -34.74
CA ALA D 941 -20.57 4.42 -36.17
C ALA D 941 -21.58 5.42 -36.72
N ALA D 942 -22.70 5.61 -36.02
CA ALA D 942 -23.71 6.58 -36.44
C ALA D 942 -23.15 7.99 -36.39
N ALA D 943 -22.43 8.33 -35.32
CA ALA D 943 -21.86 9.67 -35.24
C ALA D 943 -20.92 9.95 -36.41
N LYS D 944 -20.03 9.00 -36.71
CA LYS D 944 -19.09 9.19 -37.81
C LYS D 944 -19.81 9.28 -39.15
N MET D 945 -20.79 8.41 -39.38
CA MET D 945 -21.49 8.39 -40.66
C MET D 945 -22.26 9.69 -40.88
N PHE D 946 -23.02 10.12 -39.87
CA PHE D 946 -23.81 11.34 -40.01
C PHE D 946 -22.93 12.57 -40.08
N SER D 947 -21.83 12.60 -39.33
CA SER D 947 -20.91 13.73 -39.42
C SER D 947 -20.30 13.82 -40.81
N LYS D 948 -19.89 12.69 -41.38
CA LYS D 948 -19.33 12.71 -42.72
C LYS D 948 -20.36 13.19 -43.74
N ALA D 949 -21.59 12.69 -43.63
CA ALA D 949 -22.63 13.12 -44.58
C ALA D 949 -22.91 14.61 -44.45
N PHE D 950 -23.04 15.09 -43.22
CA PHE D 950 -23.33 16.51 -42.99
C PHE D 950 -22.20 17.40 -43.46
N ASP D 951 -20.95 16.97 -43.26
CA ASP D 951 -19.82 17.79 -43.66
C ASP D 951 -19.60 17.76 -45.17
N SER D 952 -19.99 16.68 -45.84
CA SER D 952 -19.86 16.63 -47.29
C SER D 952 -20.75 17.63 -47.99
N GLY D 953 -21.76 18.17 -47.30
CA GLY D 953 -22.68 19.12 -47.89
C GLY D 953 -23.83 18.50 -48.65
N ILE D 954 -23.91 17.17 -48.70
CA ILE D 954 -24.97 16.50 -49.44
C ILE D 954 -26.26 16.49 -48.62
N ILE D 955 -27.39 16.62 -49.31
CA ILE D 955 -28.69 16.72 -48.67
C ILE D 955 -29.08 15.34 -48.12
N PRO D 956 -30.04 15.26 -47.19
CA PRO D 956 -30.40 13.94 -46.64
C PRO D 956 -30.85 12.94 -47.68
N MET D 957 -31.59 13.36 -48.71
CA MET D 957 -32.00 12.43 -49.75
C MET D 957 -30.80 11.88 -50.50
N GLU D 958 -29.83 12.75 -50.80
CA GLU D 958 -28.60 12.29 -51.44
C GLU D 958 -27.84 11.33 -50.53
N PHE D 959 -27.84 11.60 -49.22
CA PHE D 959 -27.17 10.70 -48.29
C PHE D 959 -27.82 9.33 -48.26
N VAL D 960 -29.15 9.30 -48.26
CA VAL D 960 -29.88 8.03 -48.24
C VAL D 960 -29.63 7.26 -49.52
N ASN D 961 -29.71 7.94 -50.67
CA ASN D 961 -29.45 7.29 -51.95
C ASN D 961 -28.01 6.79 -52.03
N LYS D 962 -27.06 7.56 -51.50
CA LYS D 962 -25.67 7.16 -51.52
C LYS D 962 -25.44 5.91 -50.67
N MET D 963 -25.96 5.89 -49.45
CA MET D 963 -25.82 4.70 -48.62
C MET D 963 -26.50 3.50 -49.27
N LYS D 964 -27.64 3.73 -49.91
CA LYS D 964 -28.32 2.65 -50.62
C LYS D 964 -27.46 2.10 -51.74
N LYS D 965 -26.82 2.98 -52.51
CA LYS D 965 -26.03 2.53 -53.65
C LYS D 965 -24.66 1.99 -53.28
N GLU D 966 -24.17 2.27 -52.08
CA GLU D 966 -22.91 1.67 -51.62
C GLU D 966 -23.10 0.36 -50.89
N GLY D 967 -24.31 -0.15 -50.81
CA GLY D 967 -24.53 -1.40 -50.09
C GLY D 967 -24.28 -1.27 -48.60
N LYS D 968 -24.66 -0.14 -48.01
CA LYS D 968 -24.48 0.10 -46.59
C LYS D 968 -25.80 0.53 -45.98
N LEU D 969 -26.11 -0.01 -44.81
CA LEU D 969 -27.27 0.41 -44.05
C LEU D 969 -26.88 1.61 -43.20
N ILE D 970 -27.83 2.54 -43.03
CA ILE D 970 -27.54 3.74 -42.24
C ILE D 970 -27.41 3.37 -40.78
N MET D 971 -26.24 3.64 -40.21
CA MET D 971 -26.02 3.38 -38.80
C MET D 971 -26.89 4.29 -37.96
N GLY D 972 -27.48 3.74 -36.91
CA GLY D 972 -28.36 4.52 -36.07
C GLY D 972 -29.76 4.72 -36.60
N ILE D 973 -30.15 4.00 -37.65
CA ILE D 973 -31.48 4.04 -38.21
C ILE D 973 -32.05 2.63 -38.17
N GLY D 974 -33.27 2.50 -37.66
CA GLY D 974 -33.95 1.22 -37.74
C GLY D 974 -34.20 0.62 -36.37
N HIS D 975 -35.47 0.37 -36.08
CA HIS D 975 -35.85 -0.24 -34.82
C HIS D 975 -36.56 -1.56 -35.06
N ARG D 976 -36.73 -2.31 -33.99
CA ARG D 976 -37.29 -3.65 -34.03
C ARG D 976 -38.80 -3.70 -33.94
N VAL D 977 -39.39 -3.00 -32.97
CA VAL D 977 -40.84 -3.04 -32.82
C VAL D 977 -41.41 -1.64 -32.86
N LYS D 978 -40.77 -0.71 -32.18
CA LYS D 978 -41.27 0.65 -32.02
C LYS D 978 -40.94 1.45 -33.28
N SER D 979 -41.98 1.92 -33.99
CA SER D 979 -41.75 2.75 -35.16
C SER D 979 -42.31 4.15 -35.02
N ILE D 980 -43.64 4.31 -34.94
CA ILE D 980 -44.30 5.61 -34.99
C ILE D 980 -45.63 5.44 -34.27
N ASN D 981 -46.10 6.54 -33.66
CA ASN D 981 -47.25 6.53 -32.74
C ASN D 981 -46.93 5.68 -31.52
N ASN D 982 -45.74 5.09 -31.50
CA ASN D 982 -45.16 4.36 -30.38
C ASN D 982 -43.65 4.43 -30.61
N PRO D 983 -43.02 5.50 -30.12
CA PRO D 983 -41.58 5.65 -30.31
C PRO D 983 -40.74 4.90 -29.28
N ASP D 984 -39.43 5.13 -29.30
CA ASP D 984 -38.50 4.40 -28.45
C ASP D 984 -38.77 4.60 -26.96
N MET D 985 -39.16 5.82 -26.57
CA MET D 985 -39.30 6.26 -25.18
C MET D 985 -37.95 6.53 -24.53
N ARG D 986 -36.87 6.15 -25.18
CA ARG D 986 -35.54 6.63 -24.81
C ARG D 986 -35.04 7.69 -25.76
N VAL D 987 -35.26 7.48 -27.05
CA VAL D 987 -35.02 8.51 -28.05
C VAL D 987 -35.85 9.74 -27.74
N GLN D 988 -37.11 9.54 -27.31
CA GLN D 988 -37.96 10.68 -27.00
C GLN D 988 -37.43 11.48 -25.81
N ILE D 989 -37.02 10.80 -24.74
CA ILE D 989 -36.50 11.53 -23.58
C ILE D 989 -35.26 12.33 -23.97
N LEU D 990 -34.30 11.66 -24.63
CA LEU D 990 -33.07 12.34 -24.99
C LEU D 990 -33.31 13.46 -26.00
N LYS D 991 -34.17 13.22 -26.98
CA LYS D 991 -34.45 14.22 -28.00
C LYS D 991 -35.15 15.44 -27.42
N ASP D 992 -36.10 15.22 -26.51
CA ASP D 992 -36.76 16.33 -25.86
C ASP D 992 -35.78 17.15 -25.04
N TYR D 993 -34.88 16.47 -24.31
CA TYR D 993 -33.88 17.21 -23.56
C TYR D 993 -32.99 18.02 -24.50
N VAL D 994 -32.54 17.41 -25.59
CA VAL D 994 -31.62 18.08 -26.50
C VAL D 994 -32.29 19.28 -27.15
N ARG D 995 -33.53 19.11 -27.61
CA ARG D 995 -34.22 20.20 -28.26
C ARG D 995 -34.59 21.31 -27.28
N GLN D 996 -34.73 21.00 -25.99
CA GLN D 996 -35.04 22.04 -25.02
C GLN D 996 -33.82 22.76 -24.49
N HIS D 997 -32.66 22.11 -24.41
CA HIS D 997 -31.51 22.72 -23.75
C HIS D 997 -30.33 23.04 -24.67
N PHE D 998 -30.14 22.30 -25.75
CA PHE D 998 -29.01 22.57 -26.63
C PHE D 998 -29.26 23.85 -27.42
N PRO D 999 -28.25 24.72 -27.54
CA PRO D 999 -28.44 25.94 -28.33
C PRO D 999 -28.70 25.67 -29.81
N ALA D 1000 -27.88 24.86 -30.45
CA ALA D 1000 -28.07 24.52 -31.86
C ALA D 1000 -27.78 23.04 -32.08
N THR D 1001 -28.62 22.40 -32.90
CA THR D 1001 -28.49 20.97 -33.20
C THR D 1001 -28.56 20.75 -34.71
N PRO D 1002 -27.55 21.19 -35.45
CA PRO D 1002 -27.58 21.04 -36.91
C PRO D 1002 -27.53 19.58 -37.35
N LEU D 1003 -26.65 18.81 -36.72
CA LEU D 1003 -26.54 17.40 -37.07
C LEU D 1003 -27.77 16.62 -36.63
N LEU D 1004 -28.37 16.98 -35.49
CA LEU D 1004 -29.63 16.35 -35.11
C LEU D 1004 -30.74 16.66 -36.11
N ASP D 1005 -30.81 17.90 -36.59
CA ASP D 1005 -31.81 18.24 -37.60
C ASP D 1005 -31.58 17.46 -38.89
N TYR D 1006 -30.32 17.32 -39.29
CA TYR D 1006 -29.98 16.53 -40.46
C TYR D 1006 -30.39 15.07 -40.29
N ALA D 1007 -30.08 14.48 -39.14
CA ALA D 1007 -30.46 13.10 -38.90
C ALA D 1007 -31.96 12.93 -38.83
N LEU D 1008 -32.67 13.95 -38.35
CA LEU D 1008 -34.12 13.89 -38.34
C LEU D 1008 -34.70 13.92 -39.75
N GLU D 1009 -34.08 14.70 -40.64
CA GLU D 1009 -34.50 14.67 -42.04
C GLU D 1009 -34.22 13.31 -42.68
N VAL D 1010 -33.06 12.73 -42.39
CA VAL D 1010 -32.77 11.39 -42.87
C VAL D 1010 -33.79 10.40 -42.34
N GLU D 1011 -34.17 10.55 -41.08
CA GLU D 1011 -35.17 9.67 -40.46
C GLU D 1011 -36.53 9.85 -41.13
N LYS D 1012 -36.83 11.04 -41.60
CA LYS D 1012 -38.10 11.25 -42.28
C LYS D 1012 -38.19 10.51 -43.59
N ILE D 1013 -37.09 10.36 -44.30
CA ILE D 1013 -37.07 9.58 -45.50
C ILE D 1013 -37.07 8.11 -45.19
N THR D 1014 -36.15 7.65 -44.36
CA THR D 1014 -36.21 6.27 -43.99
C THR D 1014 -37.58 5.83 -43.49
N THR D 1015 -38.31 6.67 -42.77
CA THR D 1015 -39.64 6.28 -42.35
C THR D 1015 -40.65 6.46 -43.47
N SER D 1016 -40.34 7.29 -44.46
CA SER D 1016 -41.14 7.29 -45.68
C SER D 1016 -40.97 5.98 -46.46
N LYS D 1017 -39.93 5.20 -46.15
CA LYS D 1017 -39.70 3.91 -46.79
C LYS D 1017 -40.43 2.80 -46.05
N LYS D 1018 -40.17 2.65 -44.74
CA LYS D 1018 -40.85 1.68 -43.90
C LYS D 1018 -40.83 2.21 -42.47
N PRO D 1019 -41.90 1.99 -41.70
CA PRO D 1019 -42.09 2.74 -40.44
C PRO D 1019 -40.99 2.53 -39.40
N ASN D 1020 -40.43 1.32 -39.27
CA ASN D 1020 -39.52 1.05 -38.17
C ASN D 1020 -38.11 1.58 -38.42
N LEU D 1021 -37.86 2.21 -39.57
CA LEU D 1021 -36.57 2.81 -39.85
C LEU D 1021 -36.50 4.20 -39.21
N ILE D 1022 -36.52 4.19 -37.88
CA ILE D 1022 -36.50 5.42 -37.10
C ILE D 1022 -35.08 5.61 -36.56
N LEU D 1023 -34.84 6.81 -36.03
CA LEU D 1023 -33.57 7.07 -35.36
C LEU D 1023 -33.50 6.25 -34.08
N ASN D 1024 -32.45 5.43 -33.97
CA ASN D 1024 -32.24 4.59 -32.80
C ASN D 1024 -31.72 5.42 -31.64
N VAL D 1025 -31.62 4.78 -30.48
CA VAL D 1025 -30.95 5.42 -29.35
C VAL D 1025 -29.48 5.63 -29.69
N ALA D 1026 -28.87 4.68 -30.40
CA ALA D 1026 -27.48 4.83 -30.81
C ALA D 1026 -27.31 6.00 -31.77
N GLY D 1027 -28.15 6.06 -32.79
CA GLY D 1027 -28.06 7.15 -33.74
C GLY D 1027 -28.30 8.51 -33.11
N LEU D 1028 -29.31 8.59 -32.25
CA LEU D 1028 -29.62 9.86 -31.61
C LEU D 1028 -28.52 10.29 -30.65
N ILE D 1029 -27.99 9.35 -29.87
CA ILE D 1029 -26.89 9.70 -28.96
C ILE D 1029 -25.67 10.14 -29.76
N GLY D 1030 -25.36 9.46 -30.87
CA GLY D 1030 -24.21 9.86 -31.66
C GLY D 1030 -24.34 11.24 -32.25
N VAL D 1031 -25.46 11.52 -32.90
CA VAL D 1031 -25.62 12.83 -33.53
C VAL D 1031 -25.73 13.92 -32.47
N ALA D 1032 -26.37 13.64 -31.35
CA ALA D 1032 -26.51 14.63 -30.30
C ALA D 1032 -25.19 14.88 -29.59
N PHE D 1033 -24.34 13.85 -29.45
CA PHE D 1033 -23.04 14.05 -28.85
C PHE D 1033 -22.13 14.87 -29.76
N VAL D 1034 -22.19 14.62 -31.07
CA VAL D 1034 -21.44 15.45 -32.00
C VAL D 1034 -21.93 16.89 -31.94
N ASP D 1035 -23.25 17.08 -31.89
CA ASP D 1035 -23.82 18.42 -31.76
C ASP D 1035 -23.36 19.09 -30.49
N MET D 1036 -23.34 18.37 -29.37
CA MET D 1036 -22.91 18.96 -28.12
C MET D 1036 -21.45 19.36 -28.19
N LEU D 1037 -20.60 18.50 -28.73
CA LEU D 1037 -19.18 18.78 -28.79
C LEU D 1037 -18.90 20.00 -29.65
N ARG D 1038 -19.53 20.09 -30.82
CA ARG D 1038 -19.20 21.15 -31.75
C ARG D 1038 -20.16 22.33 -31.71
N ASN D 1039 -21.08 22.36 -30.74
CA ASN D 1039 -21.97 23.50 -30.57
C ASN D 1039 -21.98 24.09 -29.18
N CYS D 1040 -21.44 23.39 -28.18
CA CYS D 1040 -21.10 24.08 -26.94
C CYS D 1040 -19.78 24.81 -27.14
N GLY D 1041 -19.57 25.87 -26.37
CA GLY D 1041 -18.41 26.68 -26.63
C GLY D 1041 -17.08 26.11 -26.19
N SER D 1042 -17.08 24.94 -25.57
CA SER D 1042 -15.85 24.41 -24.98
C SER D 1042 -14.87 23.93 -26.05
N PHE D 1043 -15.36 23.40 -27.16
CA PHE D 1043 -14.49 22.76 -28.14
C PHE D 1043 -14.46 23.53 -29.44
N THR D 1044 -13.29 23.55 -30.06
CA THR D 1044 -13.18 23.94 -31.46
C THR D 1044 -13.55 22.76 -32.36
N ARG D 1045 -13.76 23.05 -33.64
CA ARG D 1045 -14.17 22.00 -34.57
C ARG D 1045 -13.13 20.91 -34.66
N GLU D 1046 -11.86 21.29 -34.65
CA GLU D 1046 -10.78 20.30 -34.70
C GLU D 1046 -10.80 19.41 -33.46
N GLU D 1047 -11.00 20.01 -32.28
CA GLU D 1047 -11.05 19.22 -31.05
C GLU D 1047 -12.24 18.26 -31.05
N ALA D 1048 -13.41 18.73 -31.47
CA ALA D 1048 -14.58 17.87 -31.50
C ALA D 1048 -14.40 16.71 -32.47
N ASP D 1049 -13.87 17.00 -33.66
CA ASP D 1049 -13.62 15.94 -34.63
C ASP D 1049 -12.60 14.94 -34.10
N GLU D 1050 -11.56 15.43 -33.44
CA GLU D 1050 -10.55 14.52 -32.88
C GLU D 1050 -11.14 13.62 -31.81
N TYR D 1051 -12.00 14.17 -30.94
CA TYR D 1051 -12.60 13.34 -29.90
C TYR D 1051 -13.52 12.29 -30.49
N ILE D 1052 -14.31 12.67 -31.51
CA ILE D 1052 -15.16 11.69 -32.17
C ILE D 1052 -14.32 10.61 -32.83
N ASP D 1053 -13.19 11.00 -33.43
CA ASP D 1053 -12.32 10.03 -34.09
C ASP D 1053 -11.67 9.08 -33.10
N ILE D 1054 -11.21 9.59 -31.94
CA ILE D 1054 -10.49 8.73 -31.00
C ILE D 1054 -11.41 7.89 -30.12
N GLY D 1055 -12.70 8.20 -30.07
CA GLY D 1055 -13.62 7.25 -29.46
C GLY D 1055 -14.29 7.64 -28.16
N ALA D 1056 -14.66 8.91 -28.05
CA ALA D 1056 -15.42 9.35 -26.88
C ALA D 1056 -16.76 8.66 -26.80
N LEU D 1057 -17.40 8.38 -27.93
CA LEU D 1057 -18.71 7.73 -27.90
C LEU D 1057 -18.59 6.25 -27.58
N ASN D 1058 -17.51 5.60 -28.03
CA ASN D 1058 -17.20 4.26 -27.54
C ASN D 1058 -17.05 4.28 -26.03
N GLY D 1059 -16.36 5.29 -25.50
CA GLY D 1059 -16.23 5.41 -24.07
C GLY D 1059 -17.57 5.60 -23.37
N ILE D 1060 -18.44 6.41 -23.95
CA ILE D 1060 -19.76 6.64 -23.36
C ILE D 1060 -20.54 5.34 -23.27
N PHE D 1061 -20.59 4.58 -24.37
CA PHE D 1061 -21.32 3.32 -24.32
C PHE D 1061 -20.69 2.36 -23.33
N VAL D 1062 -19.36 2.28 -23.29
CA VAL D 1062 -18.69 1.34 -22.40
C VAL D 1062 -18.97 1.69 -20.95
N LEU D 1063 -18.83 2.96 -20.59
CA LEU D 1063 -19.09 3.37 -19.21
C LEU D 1063 -20.55 3.17 -18.84
N GLY D 1064 -21.47 3.47 -19.75
CA GLY D 1064 -22.88 3.28 -19.45
C GLY D 1064 -23.24 1.82 -19.23
N ARG D 1065 -22.79 0.95 -20.14
CA ARG D 1065 -23.12 -0.46 -20.06
C ARG D 1065 -22.35 -1.19 -18.96
N SER D 1066 -21.26 -0.62 -18.45
CA SER D 1066 -20.60 -1.23 -17.30
C SER D 1066 -21.51 -1.30 -16.09
N MET D 1067 -22.38 -0.30 -15.91
CA MET D 1067 -23.32 -0.33 -14.80
C MET D 1067 -24.26 -1.52 -14.91
N GLY D 1068 -24.80 -1.77 -16.10
CA GLY D 1068 -25.65 -2.93 -16.30
C GLY D 1068 -24.90 -4.24 -16.18
N PHE D 1069 -23.65 -4.29 -16.65
CA PHE D 1069 -22.88 -5.54 -16.55
C PHE D 1069 -22.57 -5.86 -15.10
N ILE D 1070 -22.21 -4.86 -14.30
CA ILE D 1070 -22.00 -5.10 -12.87
C ILE D 1070 -23.30 -5.50 -12.19
N GLY D 1071 -24.41 -4.89 -12.58
CA GLY D 1071 -25.70 -5.31 -12.05
C GLY D 1071 -26.00 -6.76 -12.38
N HIS D 1072 -25.68 -7.18 -13.61
CA HIS D 1072 -25.90 -8.57 -14.00
C HIS D 1072 -25.02 -9.52 -13.20
N TYR D 1073 -23.77 -9.15 -12.97
CA TYR D 1073 -22.88 -9.97 -12.15
C TYR D 1073 -23.43 -10.11 -10.74
N LEU D 1074 -23.85 -9.00 -10.14
CA LEU D 1074 -24.39 -9.03 -8.78
C LEU D 1074 -25.67 -9.83 -8.72
N ASP D 1075 -26.50 -9.73 -9.76
CA ASP D 1075 -27.72 -10.51 -9.85
C ASP D 1075 -27.43 -12.00 -9.88
N GLN D 1076 -26.46 -12.42 -10.71
CA GLN D 1076 -26.13 -13.84 -10.78
C GLN D 1076 -25.56 -14.33 -9.45
N LYS D 1077 -24.76 -13.50 -8.78
CA LYS D 1077 -24.19 -13.92 -7.50
C LYS D 1077 -25.26 -13.99 -6.42
N ARG D 1078 -26.23 -13.08 -6.44
CA ARG D 1078 -27.33 -13.13 -5.48
C ARG D 1078 -28.21 -14.35 -5.73
N LEU D 1079 -28.45 -14.68 -6.99
CA LEU D 1079 -29.27 -15.84 -7.34
C LEU D 1079 -28.52 -17.14 -7.18
N LYS D 1080 -27.19 -17.09 -7.02
CA LYS D 1080 -26.35 -18.27 -6.83
C LYS D 1080 -26.56 -19.27 -7.97
N GLN D 1081 -26.40 -18.79 -9.19
CA GLN D 1081 -26.52 -19.67 -10.34
C GLN D 1081 -25.22 -20.44 -10.55
N GLY D 1082 -25.37 -21.73 -10.82
CA GLY D 1082 -24.22 -22.59 -10.98
C GLY D 1082 -23.55 -22.43 -12.33
N LEU D 1083 -22.52 -23.23 -12.53
CA LEU D 1083 -21.78 -23.20 -13.78
C LEU D 1083 -22.70 -23.47 -14.96
N TYR D 1084 -22.61 -22.63 -15.99
CA TYR D 1084 -23.41 -22.82 -17.18
C TYR D 1084 -22.65 -23.67 -18.19
N ARG D 1085 -23.38 -24.57 -18.84
CA ARG D 1085 -22.85 -25.32 -19.96
C ARG D 1085 -23.88 -25.24 -21.08
N HIS D 1086 -23.43 -24.86 -22.26
CA HIS D 1086 -24.35 -24.75 -23.37
C HIS D 1086 -24.86 -26.12 -23.78
N PRO D 1087 -26.17 -26.30 -23.96
CA PRO D 1087 -26.70 -27.61 -24.36
C PRO D 1087 -26.18 -28.04 -25.72
N TRP D 1088 -26.00 -29.36 -25.87
CA TRP D 1088 -25.47 -29.91 -27.11
C TRP D 1088 -26.48 -29.81 -28.25
N ASP D 1089 -27.78 -29.85 -27.93
CA ASP D 1089 -28.78 -29.75 -28.98
C ASP D 1089 -28.79 -28.40 -29.67
N ASP D 1090 -28.19 -27.39 -29.05
CA ASP D 1090 -28.07 -26.06 -29.64
C ASP D 1090 -26.79 -25.87 -30.45
N ILE D 1091 -25.93 -26.87 -30.52
CA ILE D 1091 -24.68 -26.77 -31.26
C ILE D 1091 -24.73 -27.74 -32.43
N SER D 1092 -24.42 -27.25 -33.62
CA SER D 1092 -24.30 -28.07 -34.81
C SER D 1092 -22.82 -28.40 -35.02
N TYR D 1093 -22.50 -29.70 -35.01
CA TYR D 1093 -21.13 -30.16 -35.15
C TYR D 1093 -20.88 -30.52 -36.61
N VAL D 1094 -19.95 -29.81 -37.25
CA VAL D 1094 -19.68 -30.00 -38.66
C VAL D 1094 -18.21 -30.37 -38.87
N LEU D 1095 -17.69 -31.21 -37.99
CA LEU D 1095 -16.30 -31.64 -38.09
C LEU D 1095 -16.06 -32.44 -39.37
N PRO D 1096 -14.84 -32.43 -39.90
CA PRO D 1096 -14.54 -33.24 -41.08
C PRO D 1096 -14.56 -34.73 -40.77
N GLU D 1097 -14.65 -35.53 -41.83
CA GLU D 1097 -14.75 -36.98 -41.67
C GLU D 1097 -13.51 -37.54 -40.97
N HIS D 1098 -12.33 -37.14 -41.43
CA HIS D 1098 -11.08 -37.49 -40.76
C HIS D 1098 -10.01 -36.52 -41.25
N MET D 1099 -9.53 -35.66 -40.37
CA MET D 1099 -8.43 -34.78 -40.71
C MET D 1099 -7.15 -35.30 -40.08
N1A ACO E . 16.11 -0.01 -22.81
C2A ACO E . 17.17 0.65 -23.28
N3A ACO E . 17.58 0.60 -24.56
C4A ACO E . 16.92 -0.15 -25.47
C5A ACO E . 15.73 -0.90 -25.04
C6A ACO E . 15.35 -0.79 -23.60
N6A ACO E . 14.28 -1.44 -23.11
N7A ACO E . 15.28 -1.53 -26.13
C8A ACO E . 16.09 -1.22 -27.17
N9A ACO E . 17.07 -0.40 -26.77
C1B ACO E . 18.16 0.19 -27.61
C2B ACO E . 18.66 -0.79 -28.66
O2B ACO E . 19.98 -1.24 -28.34
C3B ACO E . 18.67 -0.03 -29.97
O3B ACO E . 20.00 0.33 -30.31
P3B ACO E . 20.41 0.95 -31.75
O7A ACO E . 19.35 0.47 -32.72
O8A ACO E . 20.42 2.45 -31.54
O9A ACO E . 21.77 0.36 -32.01
C4B ACO E . 17.83 1.21 -29.72
O4B ACO E . 17.64 1.32 -28.31
C5B ACO E . 16.47 1.14 -30.43
O5B ACO E . 16.18 -0.22 -30.79
P1A ACO E . 14.94 -0.53 -31.75
O1A ACO E . 14.37 -1.88 -31.38
O2A ACO E . 14.02 0.66 -31.71
O3A ACO E . 15.65 -0.70 -33.19
P2A ACO E . 15.81 0.44 -34.32
O4A ACO E . 15.41 1.80 -33.82
O5A ACO E . 17.19 0.31 -34.94
O6A ACO E . 14.74 -0.03 -35.43
CBP ACO E . 12.92 -1.50 -35.85
CCP ACO E . 14.41 -1.41 -35.63
CDP ACO E . 12.20 -0.73 -34.76
CEP ACO E . 12.47 -2.94 -35.82
CAP ACO E . 12.66 -0.85 -37.23
OAP ACO E . 13.58 -1.40 -38.17
C9P ACO E . 11.26 -1.01 -37.75
O9P ACO E . 10.35 -0.30 -37.34
N8P ACO E . 11.07 -1.92 -38.70
C7P ACO E . 9.88 -1.94 -39.54
C6P ACO E . 8.73 -2.75 -38.94
C5P ACO E . 9.25 -4.05 -38.38
O5P ACO E . 10.31 -4.50 -38.74
N4P ACO E . 8.52 -4.68 -37.50
C3P ACO E . 9.00 -5.94 -36.98
C2P ACO E . 8.90 -6.06 -35.47
S1P ACO E . 10.40 -6.74 -34.88
C ACO E . 9.99 -8.31 -34.51
O ACO E . 10.72 -9.21 -34.90
CH3 ACO E . 8.76 -8.57 -33.68
O1 OAA F . 11.46 -9.46 -31.01
O2 OAA F . 12.94 -7.95 -31.58
O4 OAA F . 8.66 -9.15 -28.88
O5 OAA F . 7.71 -7.54 -29.99
O3 OAA F . 10.62 -6.90 -28.63
C1 OAA F . 11.77 -8.25 -31.20
C2 OAA F . 10.74 -7.16 -30.96
C3 OAA F . 10.09 -7.33 -29.59
C4 OAA F . 8.75 -8.04 -29.47
N1A ACO G . 6.62 8.52 -7.09
C2A ACO G . 7.51 8.93 -6.18
N3A ACO G . 7.23 8.96 -4.87
C4A ACO G . 6.02 8.57 -4.40
C5A ACO G . 4.99 8.12 -5.33
C6A ACO G . 5.38 8.10 -6.76
N6A ACO G . 4.53 7.70 -7.70
N7A ACO G . 3.91 7.80 -4.59
C8A ACO G . 4.23 8.04 -3.30
N9A ACO G . 5.49 8.52 -3.20
C1B ACO G . 6.27 8.89 -1.99
C2B ACO G . 5.44 9.56 -0.91
O2B ACO G . 5.89 10.89 -0.67
C3B ACO G . 5.62 8.70 0.32
O3B ACO G . 6.44 9.38 1.27
P3B ACO G . 6.01 9.48 2.81
O7A ACO G . 4.85 8.51 2.95
O8A ACO G . 7.25 9.06 3.55
O9A ACO G . 5.62 10.93 2.96
C4B ACO G . 6.31 7.43 -0.12
O4B ACO G . 6.77 7.66 -1.46
C5B ACO G . 5.39 6.21 -0.07
O5B ACO G . 4.02 6.59 0.06
P1A ACO G . 2.95 5.56 0.69
O1A ACO G . 1.59 5.79 0.06
O2A ACO G . 3.56 4.18 0.65
O3A ACO G . 2.89 6.08 2.21
P2A ACO G . 2.33 5.24 3.47
O4A ACO G . 3.13 3.98 3.62
O5A ACO G . 2.25 6.20 4.63
O6A ACO G . 0.83 4.85 3.05
CBP ACO G . -0.84 3.23 3.71
CCP ACO G . -0.16 4.55 4.03
CDP ACO G . -0.04 2.46 2.66
CEP ACO G . -2.21 3.53 3.11
CAP ACO G . -0.88 2.42 5.02
OAP ACO G . -1.34 3.24 6.10
C9P ACO G . -1.67 1.14 5.00
O9P ACO G . -1.12 0.08 4.77
N8P ACO G . -2.97 1.17 5.29
C7P ACO G . -3.84 0.08 4.93
C6P ACO G . -4.27 0.17 3.47
C5P ACO G . -5.39 1.17 3.42
O5P ACO G . -5.77 1.66 4.45
N4P ACO G . -5.91 1.49 2.25
C3P ACO G . -5.11 1.62 1.06
C2P ACO G . -5.86 2.40 -0.01
S1P ACO G . -6.07 4.01 0.64
C ACO G . -7.26 4.65 -0.31
O ACO G . -7.75 5.71 0.02
CH3 ACO G . -7.70 3.91 -1.54
O1 OAA H . -4.58 7.34 -1.85
O2 OAA H . -6.26 6.99 -3.21
O4 OAA H . -5.74 3.04 -5.05
O5 OAA H . -6.20 4.83 -6.19
O3 OAA H . -3.55 5.52 -5.05
C1 OAA H . -5.19 6.59 -2.67
C2 OAA H . -4.64 5.20 -2.99
C3 OAA H . -4.49 5.03 -4.50
C4 OAA H . -5.53 4.26 -5.29
N1A ACO I . -25.42 -30.55 -23.16
C2A ACO I . -26.20 -31.60 -22.88
N3A ACO I . -25.83 -32.60 -22.08
C4A ACO I . -24.61 -32.62 -21.48
C5A ACO I . -23.70 -31.51 -21.73
C6A ACO I . -24.18 -30.43 -22.63
N6A ACO I . -23.42 -29.37 -22.92
N7A ACO I . -22.58 -31.78 -21.02
C8A ACO I . -22.77 -32.96 -20.38
N9A ACO I . -23.98 -33.46 -20.67
C1B ACO I . -24.57 -34.72 -20.15
C2B ACO I . -23.55 -35.83 -20.04
O2B ACO I . -23.62 -36.70 -21.17
C3B ACO I . -23.95 -36.58 -18.80
O3B ACO I . -24.83 -37.59 -19.26
P3B ACO I . -25.49 -38.73 -18.33
O7A ACO I . -24.46 -38.98 -17.24
O8A ACO I . -26.79 -38.13 -17.85
O9A ACO I . -25.67 -39.86 -19.29
C4B ACO I . -24.71 -35.57 -17.96
O4B ACO I . -25.05 -34.48 -18.83
C5B ACO I . -23.94 -35.08 -16.73
O5B ACO I . -22.69 -34.49 -17.07
P1A ACO I . -21.65 -34.10 -15.90
O1A ACO I . -20.35 -33.66 -16.50
O2A ACO I . -22.35 -33.18 -14.92
O3A ACO I . -21.42 -35.54 -15.21
P2A ACO I . -21.51 -35.83 -13.63
O4A ACO I . -22.85 -35.35 -13.11
O5A ACO I . -21.13 -37.26 -13.37
O6A ACO I . -20.36 -34.88 -13.05
CBP ACO I . -18.33 -34.24 -12.09
CCP ACO I . -19.02 -35.32 -12.89
CDP ACO I . -19.08 -32.94 -12.32
CEP ACO I . -16.89 -34.08 -12.54
CAP ACO I . -18.41 -34.64 -10.61
OAP ACO I . -17.97 -35.99 -10.47
C9P ACO I . -17.59 -33.78 -9.70
O9P ACO I . -17.99 -32.70 -9.32
N8P ACO I . -16.44 -34.31 -9.33
C7P ACO I . -15.76 -33.88 -8.12
C6P ACO I . -14.76 -32.77 -8.41
C5P ACO I . -14.06 -32.97 -9.71
O5P ACO I . -13.76 -34.07 -10.14
N4P ACO I . -13.75 -31.91 -10.42
C3P ACO I . -13.02 -32.17 -11.62
C2P ACO I . -13.63 -31.45 -12.79
S1P ACO I . -13.74 -32.61 -14.09
C ACO I . -12.35 -32.27 -14.91
O ACO I . -11.67 -33.20 -15.34
CH3 ACO I . -11.98 -30.84 -15.15
O1 OAA J . -13.86 -33.20 -18.66
O2 OAA J . -12.55 -31.69 -19.54
O4 OAA J . -12.77 -28.10 -17.85
O5 OAA J . -12.55 -28.45 -19.99
O3 OAA J . -15.29 -29.45 -19.55
C1 OAA J . -13.52 -31.99 -18.79
C2 OAA J . -14.27 -30.91 -18.03
C3 OAA J . -14.33 -29.64 -18.89
C4 OAA J . -13.15 -28.67 -18.91
N1A ACO K . -34.78 -13.61 -28.28
C2A ACO K . -35.76 -13.89 -29.14
N3A ACO K . -36.17 -13.03 -30.08
C4A ACO K . -35.60 -11.81 -30.21
C5A ACO K . -34.52 -11.43 -29.30
C6A ACO K . -34.13 -12.43 -28.30
N6A ACO K . -33.14 -12.20 -27.41
N7A ACO K . -34.15 -10.18 -29.66
C8A ACO K . -34.92 -9.80 -30.69
N9A ACO K . -35.78 -10.78 -31.02
C1B ACO K . -36.78 -10.77 -32.11
C2B ACO K . -37.74 -9.61 -32.07
O2B ACO K . -38.97 -9.98 -31.44
C3B ACO K . -37.96 -9.27 -33.53
O3B ACO K . -39.19 -9.83 -33.96
P3B ACO K . -40.25 -8.92 -34.75
O7A ACO K . -39.45 -8.20 -35.80
O8A ACO K . -41.21 -9.96 -35.29
O9A ACO K . -40.82 -8.03 -33.67
C4B ACO K . -36.82 -9.93 -34.29
O4B ACO K . -36.07 -10.68 -33.35
C5B ACO K . -35.95 -8.91 -35.04
O5B ACO K . -34.71 -8.66 -34.36
P1A ACO K . -33.77 -7.44 -34.84
O1A ACO K . -33.29 -6.69 -33.62
O2A ACO K . -32.75 -7.99 -35.81
O3A ACO K . -34.82 -6.51 -35.60
P2A ACO K . -34.60 -5.86 -37.05
O4A ACO K . -34.43 -6.97 -38.05
O5A ACO K . -35.70 -4.85 -37.26
O6A ACO K . -33.21 -5.08 -36.91
CBP ACO K . -31.67 -3.29 -36.68
CCP ACO K . -33.12 -3.71 -36.51
CDP ACO K . -30.77 -4.46 -36.38
CEP ACO K . -31.33 -2.15 -35.72
CAP ACO K . -31.50 -2.85 -38.15
OAP ACO K . -32.46 -1.83 -38.46
C9P ACO K . -30.14 -2.34 -38.51
O9P ACO K . -29.26 -3.11 -38.86
N8P ACO K . -29.96 -1.02 -38.46
C7P ACO K . -28.77 -0.40 -38.99
C6P ACO K . -27.65 -0.39 -37.97
C5P ACO K . -28.09 0.40 -36.78
O5P ACO K . -29.00 1.18 -36.87
N4P ACO K . -27.45 0.22 -35.64
C3P ACO K . -28.09 0.51 -34.40
C2P ACO K . -27.81 -0.59 -33.39
S1P ACO K . -29.18 -0.76 -32.31
C ACO K . -28.79 0.38 -31.17
O ACO K . -29.52 1.33 -31.01
CH3 ACO K . -27.57 0.15 -30.32
O1 OAA L . -30.16 -0.95 -27.29
O2 OAA L . -31.65 -1.37 -28.82
O4 OAA L . -27.48 -2.82 -26.08
O5 OAA L . -26.55 -2.86 -28.05
O3 OAA L . -29.41 -4.45 -27.64
C1 OAA L . -30.51 -1.56 -28.33
C2 OAA L . -29.55 -2.54 -29.01
C3 OAA L . -28.89 -3.44 -27.96
C4 OAA L . -27.56 -3.02 -27.33
N Q5B M . 0.08 1.35 12.10
C Q5B M . 10.04 4.67 17.04
O Q5B M . 7.75 4.63 15.32
C1 Q5B M . 10.12 5.11 15.60
C10 Q5B M . -1.45 1.23 10.61
C11 Q5B M . -1.21 1.06 11.89
C12 Q5B M . -3.42 0.40 12.26
C13 Q5B M . -2.72 0.95 10.17
C14 Q5B M . 9.83 6.65 15.50
C15 Q5B M . 11.06 7.59 15.33
C16 Q5B M . 11.44 8.38 17.84
C17 Q5B M . 12.76 7.89 18.52
C18 Q5B M . 13.39 9.06 19.33
C19 Q5B M . 15.18 9.99 20.79
C2 Q5B M . 11.47 4.67 15.07
C20 Q5B M . 16.70 10.13 20.56
C21 Q5B M . 16.66 12.11 18.42
C22 Q5B M . 17.77 12.98 17.83
C23 Q5B M . 17.28 14.06 16.90
C24 Q5B M . 17.40 15.40 17.66
C25 Q5B M . 17.41 16.62 16.68
C26 Q5B M . 18.23 14.01 15.73
C3 Q5B M . 9.05 4.35 14.81
C4 Q5B M . 3.01 3.34 14.67
C5 Q5B M . 1.87 2.42 15.12
C6 Q5B M . 2.21 1.15 15.13
C7 Q5B M . 1.75 0.50 13.73
C8 Q5B M . 0.43 1.20 13.50
C9 Q5B M . 0.66 1.72 10.96
N1 Q5B M . -0.29 1.63 10.01
N2 Q5B M . -2.17 0.65 12.73
N3 Q5B M . -3.68 0.55 10.95
N4 Q5B M . -3.22 1.06 8.82
N5 Q5B M . 11.73 8.34 16.38
N6 Q5B M . 14.68 8.86 20.06
O1 Q5B M . 5.54 5.88 15.19
O10 Q5B M . 3.25 -0.75 17.43
O11 Q5B M . 1.17 -0.14 18.69
O12 Q5B M . 2.74 1.51 18.06
O13 Q5B M . 11.50 7.76 14.24
O14 Q5B M . 12.83 10.13 19.37
O15 Q5B M . 15.58 12.56 18.69
O16 Q5B M . 16.41 16.86 15.97
O17 Q5B M . 18.44 17.38 16.62
O18 Q5B M . 17.81 13.69 14.62
O19 Q5B M . 19.46 14.26 15.93
O2 Q5B M . 7.15 6.29 13.42
O20 Q5B M . 15.96 13.85 16.42
O21 Q5B M . 9.02 7.04 16.52
O3 Q5B M . 5.91 4.11 13.29
O4 Q5B M . 4.68 2.03 12.48
O5 Q5B M . 6.46 1.73 14.17
O6 Q5B M . 4.26 2.75 14.94
O7 Q5B M . 0.68 2.57 14.09
O8 Q5B M . 1.50 -0.86 13.89
O9 Q5B M . 1.44 0.51 16.17
P Q5B M . 6.58 5.25 14.33
P1 Q5B M . 5.33 2.61 13.72
P2 Q5B M . 2.15 0.26 17.63
S Q5B M . 17.05 10.33 18.81
PB ADP N . 3.03 20.11 54.32
O1B ADP N . 2.96 18.62 54.08
O2B ADP N . 4.40 20.63 54.62
O3B ADP N . 2.28 20.92 53.28
PA ADP N . 0.81 19.71 56.02
O1A ADP N . 0.91 18.21 56.04
O2A ADP N . -0.22 20.38 55.16
O3A ADP N . 2.24 20.37 55.70
O5' ADP N . 0.57 20.16 57.55
C5' ADP N . 0.68 19.16 58.56
C4' ADP N . -0.05 19.59 59.81
O4' ADP N . -1.37 20.01 59.47
C3' ADP N . -0.17 18.43 60.79
O3' ADP N . 0.41 18.77 62.05
C2' ADP N . -1.65 18.17 60.95
O2' ADP N . -2.02 18.17 62.32
C1' ADP N . -2.35 19.31 60.24
N9 ADP N . -3.40 18.76 59.36
C8 ADP N . -3.37 18.73 58.01
N7 ADP N . -4.49 18.15 57.52
C5 ADP N . -5.27 17.80 58.57
C6 ADP N . -6.58 17.15 58.76
N6 ADP N . -7.32 16.75 57.71
N1 ADP N . -7.02 16.97 60.02
C2 ADP N . -6.29 17.36 61.08
N3 ADP N . -5.09 17.96 60.98
C4 ADP N . -4.54 18.21 59.78
P PO4 O . 17.54 13.82 22.60
O1 PO4 O . 17.65 12.63 23.52
O2 PO4 O . 16.09 14.25 22.50
O3 PO4 O . 18.11 13.46 21.25
O4 PO4 O . 18.37 14.94 23.19
#